data_2DLY
#
_entry.id   2DLY
#
_entity_poly.entity_id   1
_entity_poly.type   'polypeptide(L)'
_entity_poly.pdbx_seq_one_letter_code
;GSSGSSGAEDRSLQAEPWFFGAIKRADAEKQLLYSENQTGAFLIRESESQKGDFSLSVLDEGVVKHYRIRRLDEGGFFLT
RRKVFSTLNEFVNYYTTTSDGLCVKLEKPCLKIQVSGPSSG
;
_entity_poly.pdbx_strand_id   A
#
# COMPACT_ATOMS: atom_id res chain seq x y z
N GLY A 1 0.37 5.22 -14.80
CA GLY A 1 -0.10 6.58 -14.86
C GLY A 1 -1.53 6.73 -14.37
N SER A 2 -1.68 7.21 -13.13
CA SER A 2 -3.00 7.38 -12.54
C SER A 2 -3.32 8.87 -12.38
N SER A 3 -4.61 9.17 -12.27
CA SER A 3 -5.06 10.56 -12.12
C SER A 3 -5.67 10.77 -10.74
N GLY A 4 -6.61 9.91 -10.37
CA GLY A 4 -7.26 10.04 -9.08
C GLY A 4 -8.27 8.92 -8.83
N SER A 5 -7.78 7.81 -8.26
CA SER A 5 -8.64 6.67 -7.98
C SER A 5 -8.77 6.44 -6.48
N SER A 6 -10.00 6.40 -5.99
CA SER A 6 -10.26 6.20 -4.57
C SER A 6 -11.56 5.44 -4.36
N GLY A 7 -11.59 4.57 -3.36
CA GLY A 7 -12.77 3.80 -3.07
C GLY A 7 -12.47 2.49 -2.36
N ALA A 8 -12.47 2.51 -1.04
CA ALA A 8 -12.19 1.32 -0.25
C ALA A 8 -13.19 1.16 0.89
N GLU A 9 -13.26 -0.05 1.44
CA GLU A 9 -14.19 -0.33 2.54
C GLU A 9 -14.18 0.80 3.56
N ASP A 10 -13.02 1.04 4.15
CA ASP A 10 -12.87 2.10 5.15
C ASP A 10 -12.44 3.41 4.50
N ARG A 11 -13.40 4.28 4.22
CA ARG A 11 -13.12 5.56 3.60
C ARG A 11 -11.98 6.28 4.33
N SER A 12 -11.89 6.05 5.63
CA SER A 12 -10.87 6.68 6.45
C SER A 12 -9.47 6.44 5.85
N LEU A 13 -9.26 5.23 5.34
CA LEU A 13 -7.98 4.87 4.74
C LEU A 13 -7.52 5.93 3.76
N GLN A 14 -8.48 6.64 3.17
CA GLN A 14 -8.15 7.70 2.21
C GLN A 14 -7.11 8.65 2.78
N ALA A 15 -7.13 8.83 4.10
CA ALA A 15 -6.19 9.71 4.77
C ALA A 15 -4.80 9.07 4.86
N GLU A 16 -4.78 7.74 5.00
CA GLU A 16 -3.52 7.02 5.10
C GLU A 16 -2.59 7.36 3.93
N PRO A 17 -1.33 7.67 4.25
CA PRO A 17 -0.33 8.03 3.26
C PRO A 17 0.08 6.83 2.40
N TRP A 18 0.36 5.70 3.05
CA TRP A 18 0.76 4.50 2.35
C TRP A 18 -0.38 3.97 1.49
N PHE A 19 -1.57 4.50 1.70
CA PHE A 19 -2.74 4.08 0.94
C PHE A 19 -2.91 4.92 -0.32
N PHE A 20 -3.07 4.26 -1.46
CA PHE A 20 -3.23 4.96 -2.73
C PHE A 20 -4.41 4.39 -3.51
N GLY A 21 -5.59 4.39 -2.88
CA GLY A 21 -6.78 3.87 -3.52
C GLY A 21 -6.47 2.71 -4.44
N ALA A 22 -6.85 2.82 -5.70
CA ALA A 22 -6.62 1.77 -6.68
C ALA A 22 -5.74 2.26 -7.82
N ILE A 23 -4.49 1.81 -7.83
CA ILE A 23 -3.55 2.20 -8.87
C ILE A 23 -2.86 0.98 -9.47
N LYS A 24 -2.05 1.21 -10.50
CA LYS A 24 -1.34 0.13 -11.17
C LYS A 24 0.12 0.10 -10.73
N ARG A 25 0.76 -1.06 -10.89
CA ARG A 25 2.15 -1.22 -10.51
C ARG A 25 3.00 -0.06 -11.03
N ALA A 26 2.65 0.44 -12.21
CA ALA A 26 3.36 1.55 -12.81
C ALA A 26 3.28 2.80 -11.95
N ASP A 27 2.06 3.18 -11.60
CA ASP A 27 1.84 4.36 -10.77
C ASP A 27 2.50 4.20 -9.40
N ALA A 28 2.36 3.03 -8.82
CA ALA A 28 2.94 2.74 -7.52
C ALA A 28 4.47 2.77 -7.58
N GLU A 29 5.02 2.17 -8.61
CA GLU A 29 6.46 2.13 -8.80
C GLU A 29 7.05 3.54 -8.84
N LYS A 30 6.70 4.29 -9.88
CA LYS A 30 7.18 5.65 -10.03
C LYS A 30 7.26 6.36 -8.69
N GLN A 31 6.32 6.03 -7.80
CA GLN A 31 6.28 6.65 -6.48
C GLN A 31 7.40 6.11 -5.60
N LEU A 32 7.63 4.80 -5.68
CA LEU A 32 8.68 4.16 -4.88
C LEU A 32 10.06 4.49 -5.43
N LEU A 33 10.24 4.31 -6.73
CA LEU A 33 11.51 4.58 -7.38
C LEU A 33 11.93 6.04 -7.15
N TYR A 34 10.97 6.86 -6.73
CA TYR A 34 11.25 8.27 -6.47
C TYR A 34 12.55 8.44 -5.69
N SER A 35 13.03 9.68 -5.63
CA SER A 35 14.28 9.98 -4.92
C SER A 35 14.03 10.13 -3.42
N GLU A 36 13.31 11.18 -3.06
CA GLU A 36 13.00 11.44 -1.66
C GLU A 36 12.79 10.14 -0.89
N ASN A 37 12.15 9.17 -1.55
CA ASN A 37 11.89 7.87 -0.93
C ASN A 37 13.12 6.98 -1.00
N GLN A 38 13.37 6.24 0.07
CA GLN A 38 14.52 5.34 0.13
C GLN A 38 14.10 3.95 0.60
N THR A 39 15.06 3.02 0.62
CA THR A 39 14.79 1.66 1.05
C THR A 39 13.84 1.63 2.23
N GLY A 40 12.64 1.10 2.01
CA GLY A 40 11.65 1.02 3.07
C GLY A 40 10.30 1.57 2.66
N ALA A 41 10.32 2.60 1.82
CA ALA A 41 9.09 3.22 1.35
C ALA A 41 8.09 2.17 0.88
N PHE A 42 6.93 2.13 1.52
CA PHE A 42 5.89 1.17 1.16
C PHE A 42 4.58 1.87 0.83
N LEU A 43 3.71 1.19 0.08
CA LEU A 43 2.43 1.76 -0.30
C LEU A 43 1.48 0.65 -0.77
N ILE A 44 0.29 0.62 -0.18
CA ILE A 44 -0.71 -0.38 -0.54
C ILE A 44 -1.75 0.20 -1.50
N ARG A 45 -2.11 -0.57 -2.51
CA ARG A 45 -3.10 -0.13 -3.49
C ARG A 45 -4.16 -1.20 -3.72
N GLU A 46 -5.25 -0.83 -4.37
CA GLU A 46 -6.34 -1.75 -4.65
C GLU A 46 -6.14 -2.44 -6.01
N SER A 47 -5.96 -3.75 -5.97
CA SER A 47 -5.74 -4.52 -7.19
C SER A 47 -6.59 -3.97 -8.34
N GLU A 48 -6.00 -3.92 -9.52
CA GLU A 48 -6.69 -3.41 -10.71
C GLU A 48 -7.50 -4.52 -11.38
N SER A 49 -6.87 -5.67 -11.57
CA SER A 49 -7.53 -6.80 -12.20
C SER A 49 -8.76 -7.24 -11.41
N GLN A 50 -8.59 -7.37 -10.10
CA GLN A 50 -9.69 -7.78 -9.22
C GLN A 50 -9.97 -6.71 -8.18
N LYS A 51 -11.24 -6.60 -7.79
CA LYS A 51 -11.65 -5.62 -6.80
C LYS A 51 -11.55 -6.19 -5.38
N GLY A 52 -11.23 -5.33 -4.42
CA GLY A 52 -11.11 -5.77 -3.04
C GLY A 52 -9.69 -6.11 -2.68
N ASP A 53 -9.03 -6.92 -3.52
CA ASP A 53 -7.65 -7.31 -3.27
C ASP A 53 -6.73 -6.10 -3.19
N PHE A 54 -5.63 -6.25 -2.46
CA PHE A 54 -4.68 -5.15 -2.30
C PHE A 54 -3.26 -5.64 -2.59
N SER A 55 -2.35 -4.69 -2.81
CA SER A 55 -0.96 -5.02 -3.11
C SER A 55 -0.01 -4.08 -2.35
N LEU A 56 0.89 -4.67 -1.58
CA LEU A 56 1.85 -3.91 -0.81
C LEU A 56 3.16 -3.72 -1.57
N SER A 57 3.35 -2.52 -2.11
CA SER A 57 4.55 -2.21 -2.88
C SER A 57 5.60 -1.52 -2.00
N VAL A 58 6.67 -2.25 -1.71
CA VAL A 58 7.75 -1.72 -0.88
C VAL A 58 9.02 -1.53 -1.68
N LEU A 59 9.81 -0.52 -1.33
CA LEU A 59 11.06 -0.23 -2.02
C LEU A 59 12.25 -0.81 -1.27
N ASP A 60 13.12 -1.52 -1.98
CA ASP A 60 14.30 -2.11 -1.37
C ASP A 60 15.54 -1.87 -2.24
N GLU A 61 16.12 -0.68 -2.10
CA GLU A 61 17.31 -0.32 -2.86
C GLU A 61 16.95 -0.02 -4.31
N GLY A 62 15.82 0.66 -4.52
CA GLY A 62 15.39 1.00 -5.86
C GLY A 62 14.52 -0.08 -6.47
N VAL A 63 14.40 -1.21 -5.78
CA VAL A 63 13.58 -2.31 -6.26
C VAL A 63 12.19 -2.29 -5.62
N VAL A 64 11.18 -2.62 -6.42
CA VAL A 64 9.80 -2.64 -5.94
C VAL A 64 9.30 -4.06 -5.75
N LYS A 65 9.12 -4.45 -4.50
CA LYS A 65 8.65 -5.80 -4.17
C LYS A 65 7.12 -5.83 -4.07
N HIS A 66 6.48 -6.46 -5.05
CA HIS A 66 5.03 -6.57 -5.06
C HIS A 66 4.55 -7.72 -4.20
N TYR A 67 3.90 -7.40 -3.09
CA TYR A 67 3.39 -8.42 -2.17
C TYR A 67 1.88 -8.52 -2.26
N ARG A 68 1.40 -9.64 -2.82
CA ARG A 68 -0.03 -9.87 -2.97
C ARG A 68 -0.70 -9.98 -1.61
N ILE A 69 -1.56 -9.01 -1.29
CA ILE A 69 -2.27 -9.00 -0.02
C ILE A 69 -3.58 -9.79 -0.12
N ARG A 70 -3.55 -11.01 0.38
CA ARG A 70 -4.74 -11.87 0.36
C ARG A 70 -5.66 -11.56 1.53
N ARG A 71 -6.92 -11.96 1.40
CA ARG A 71 -7.91 -11.72 2.45
C ARG A 71 -8.62 -13.02 2.82
N LEU A 72 -9.07 -13.09 4.07
CA LEU A 72 -9.78 -14.27 4.56
C LEU A 72 -11.28 -14.02 4.64
N ASP A 73 -12.01 -15.01 5.15
CA ASP A 73 -13.46 -14.89 5.27
C ASP A 73 -13.86 -14.63 6.73
N GLU A 74 -12.93 -14.89 7.65
CA GLU A 74 -13.19 -14.69 9.07
C GLU A 74 -12.33 -13.55 9.61
N GLY A 75 -11.16 -13.36 9.01
CA GLY A 75 -10.27 -12.30 9.46
C GLY A 75 -10.37 -11.05 8.60
N GLY A 76 -9.29 -10.71 7.92
CA GLY A 76 -9.29 -9.53 7.08
C GLY A 76 -8.23 -9.60 5.99
N PHE A 77 -7.06 -9.02 6.28
CA PHE A 77 -5.96 -9.01 5.31
C PHE A 77 -4.73 -9.67 5.91
N PHE A 78 -3.94 -10.32 5.04
CA PHE A 78 -2.72 -11.01 5.47
C PHE A 78 -1.77 -11.21 4.31
N LEU A 79 -0.52 -10.82 4.50
CA LEU A 79 0.50 -10.95 3.46
C LEU A 79 1.16 -12.33 3.53
N THR A 80 1.08 -12.97 4.69
CA THR A 80 1.67 -14.28 4.89
C THR A 80 0.86 -15.11 5.87
N ARG A 81 0.34 -16.24 5.41
CA ARG A 81 -0.46 -17.12 6.24
C ARG A 81 0.05 -17.11 7.68
N ARG A 82 1.37 -17.09 7.84
CA ARG A 82 1.98 -17.08 9.16
C ARG A 82 1.28 -16.08 10.07
N LYS A 83 1.13 -14.85 9.59
CA LYS A 83 0.47 -13.80 10.36
C LYS A 83 -0.72 -13.22 9.60
N VAL A 84 -1.71 -12.73 10.34
CA VAL A 84 -2.90 -12.15 9.73
C VAL A 84 -3.37 -10.94 10.51
N PHE A 85 -3.89 -9.94 9.80
CA PHE A 85 -4.39 -8.72 10.43
C PHE A 85 -5.88 -8.53 10.15
N SER A 86 -6.41 -7.39 10.59
CA SER A 86 -7.82 -7.08 10.39
C SER A 86 -8.00 -5.99 9.34
N THR A 87 -7.28 -4.89 9.51
CA THR A 87 -7.35 -3.78 8.58
C THR A 87 -5.97 -3.35 8.12
N LEU A 88 -5.91 -2.74 6.94
CA LEU A 88 -4.63 -2.28 6.38
C LEU A 88 -3.81 -1.56 7.43
N ASN A 89 -4.48 -0.99 8.44
CA ASN A 89 -3.81 -0.28 9.50
C ASN A 89 -2.90 -1.21 10.30
N GLU A 90 -3.51 -2.17 10.99
CA GLU A 90 -2.76 -3.14 11.80
C GLU A 90 -1.82 -3.94 10.92
N PHE A 91 -2.03 -3.90 9.61
CA PHE A 91 -1.20 -4.63 8.67
C PHE A 91 0.19 -4.01 8.57
N VAL A 92 0.24 -2.68 8.57
CA VAL A 92 1.51 -1.96 8.49
C VAL A 92 2.05 -1.65 9.87
N ASN A 93 1.14 -1.38 10.82
CA ASN A 93 1.54 -1.07 12.19
C ASN A 93 2.36 -2.20 12.80
N TYR A 94 2.16 -3.41 12.29
CA TYR A 94 2.89 -4.58 12.78
C TYR A 94 4.26 -4.68 12.12
N TYR A 95 4.28 -5.01 10.84
CA TYR A 95 5.52 -5.15 10.09
C TYR A 95 6.49 -4.01 10.43
N THR A 96 5.97 -2.79 10.41
CA THR A 96 6.79 -1.62 10.71
C THR A 96 7.83 -1.93 11.76
N THR A 97 7.48 -2.81 12.71
CA THR A 97 8.39 -3.18 13.78
C THR A 97 9.46 -4.14 13.27
N THR A 98 9.04 -5.19 12.56
CA THR A 98 9.97 -6.16 12.01
C THR A 98 9.50 -6.66 10.64
N SER A 99 10.43 -7.19 9.86
CA SER A 99 10.11 -7.71 8.53
C SER A 99 10.01 -9.23 8.55
N ASP A 100 9.32 -9.76 9.56
CA ASP A 100 9.15 -11.20 9.69
C ASP A 100 8.84 -11.84 8.34
N GLY A 101 9.88 -12.35 7.68
CA GLY A 101 9.69 -12.98 6.39
C GLY A 101 9.89 -12.01 5.24
N LEU A 102 9.29 -10.83 5.36
CA LEU A 102 9.39 -9.81 4.33
C LEU A 102 10.86 -9.52 3.99
N CYS A 103 11.12 -9.17 2.74
CA CYS A 103 12.48 -8.87 2.29
C CYS A 103 13.06 -7.71 3.09
N VAL A 104 12.22 -6.74 3.42
CA VAL A 104 12.65 -5.57 4.19
C VAL A 104 11.58 -5.13 5.17
N LYS A 105 11.98 -4.37 6.17
CA LYS A 105 11.06 -3.87 7.19
C LYS A 105 10.48 -2.52 6.79
N LEU A 106 9.16 -2.38 6.92
CA LEU A 106 8.49 -1.14 6.57
C LEU A 106 8.99 0.01 7.44
N GLU A 107 9.69 0.95 6.82
CA GLU A 107 10.23 2.10 7.53
C GLU A 107 9.21 3.24 7.57
N LYS A 108 8.97 3.84 6.41
CA LYS A 108 8.01 4.94 6.30
C LYS A 108 7.16 4.80 5.05
N PRO A 109 5.94 5.36 5.10
CA PRO A 109 5.00 5.31 3.96
C PRO A 109 5.46 6.18 2.81
N CYS A 110 5.23 5.70 1.58
CA CYS A 110 5.62 6.44 0.39
C CYS A 110 5.03 7.85 0.41
N LEU A 111 5.54 8.71 -0.46
CA LEU A 111 5.06 10.08 -0.55
C LEU A 111 3.84 10.19 -1.46
N LYS A 112 3.21 11.36 -1.45
CA LYS A 112 2.03 11.59 -2.27
C LYS A 112 2.24 12.77 -3.22
N ILE A 113 2.66 12.47 -4.44
CA ILE A 113 2.91 13.50 -5.44
C ILE A 113 1.59 14.08 -5.97
N GLN A 114 1.53 15.40 -6.07
CA GLN A 114 0.33 16.07 -6.57
C GLN A 114 0.37 16.20 -8.10
N VAL A 115 -0.74 15.85 -8.74
CA VAL A 115 -0.83 15.92 -10.19
C VAL A 115 -1.73 17.08 -10.62
N SER A 116 -2.87 17.22 -9.94
CA SER A 116 -3.81 18.29 -10.27
C SER A 116 -4.56 18.73 -9.02
N GLY A 117 -4.22 19.91 -8.52
CA GLY A 117 -4.88 20.44 -7.33
C GLY A 117 -3.93 20.58 -6.16
N PRO A 118 -4.32 21.37 -5.16
CA PRO A 118 -3.52 21.61 -3.96
C PRO A 118 -3.43 20.37 -3.06
N SER A 119 -2.80 20.53 -1.91
CA SER A 119 -2.65 19.44 -0.96
C SER A 119 -3.61 19.59 0.22
N SER A 120 -4.05 18.46 0.76
CA SER A 120 -4.97 18.48 1.90
C SER A 120 -5.04 17.10 2.55
N GLY A 121 -5.47 17.07 3.82
CA GLY A 121 -5.57 15.82 4.53
C GLY A 121 -6.07 16.01 5.95
N GLY A 1 -12.20 6.80 -8.25
CA GLY A 1 -11.76 8.17 -8.42
C GLY A 1 -11.89 8.98 -7.15
N SER A 2 -12.34 10.23 -7.29
CA SER A 2 -12.49 11.12 -6.14
C SER A 2 -13.91 11.01 -5.57
N SER A 3 -14.90 11.15 -6.44
CA SER A 3 -16.30 11.08 -6.02
C SER A 3 -16.80 9.63 -6.07
N GLY A 4 -16.99 9.05 -4.89
CA GLY A 4 -17.47 7.67 -4.83
C GLY A 4 -16.69 6.84 -3.84
N SER A 5 -17.33 6.47 -2.73
CA SER A 5 -16.68 5.67 -1.71
C SER A 5 -16.67 4.19 -2.10
N SER A 6 -15.53 3.54 -1.93
CA SER A 6 -15.39 2.12 -2.26
C SER A 6 -14.46 1.43 -1.29
N GLY A 7 -14.94 0.33 -0.70
CA GLY A 7 -14.14 -0.42 0.25
C GLY A 7 -14.98 -1.03 1.36
N ALA A 8 -14.32 -1.74 2.27
CA ALA A 8 -15.01 -2.39 3.37
C ALA A 8 -14.91 -1.54 4.65
N GLU A 9 -15.94 -0.72 4.88
CA GLU A 9 -15.96 0.13 6.07
C GLU A 9 -14.59 0.75 6.32
N ASP A 10 -13.91 1.13 5.25
CA ASP A 10 -12.59 1.74 5.36
C ASP A 10 -12.53 3.06 4.61
N ARG A 11 -13.36 4.02 5.02
CA ARG A 11 -13.41 5.32 4.38
C ARG A 11 -12.26 6.20 4.87
N SER A 12 -12.24 6.49 6.16
CA SER A 12 -11.20 7.32 6.75
C SER A 12 -9.82 6.85 6.32
N LEU A 13 -9.72 5.58 5.97
CA LEU A 13 -8.46 4.99 5.53
C LEU A 13 -7.79 5.86 4.46
N GLN A 14 -8.62 6.62 3.73
CA GLN A 14 -8.11 7.49 2.68
C GLN A 14 -7.04 8.43 3.22
N ALA A 15 -7.15 8.78 4.50
CA ALA A 15 -6.18 9.68 5.13
C ALA A 15 -4.79 9.05 5.15
N GLU A 16 -4.74 7.73 5.29
CA GLU A 16 -3.47 7.01 5.32
C GLU A 16 -2.61 7.39 4.12
N PRO A 17 -1.33 7.68 4.38
CA PRO A 17 -0.37 8.06 3.34
C PRO A 17 -0.01 6.88 2.44
N TRP A 18 0.28 5.74 3.05
CA TRP A 18 0.64 4.54 2.30
C TRP A 18 -0.52 4.07 1.43
N PHE A 19 -1.71 4.61 1.69
CA PHE A 19 -2.90 4.25 0.93
C PHE A 19 -3.06 5.15 -0.29
N PHE A 20 -3.14 4.53 -1.47
CA PHE A 20 -3.29 5.27 -2.71
C PHE A 20 -4.56 4.84 -3.45
N GLY A 21 -5.55 4.38 -2.69
CA GLY A 21 -6.80 3.94 -3.29
C GLY A 21 -6.60 2.83 -4.30
N ALA A 22 -6.95 3.10 -5.56
CA ALA A 22 -6.80 2.12 -6.62
C ALA A 22 -5.88 2.64 -7.72
N ILE A 23 -4.63 2.18 -7.70
CA ILE A 23 -3.66 2.60 -8.69
C ILE A 23 -2.98 1.39 -9.34
N LYS A 24 -2.24 1.65 -10.42
CA LYS A 24 -1.54 0.58 -11.12
C LYS A 24 -0.09 0.47 -10.66
N ARG A 25 0.48 -0.73 -10.79
CA ARG A 25 1.87 -0.95 -10.39
C ARG A 25 2.77 0.14 -10.92
N ALA A 26 2.41 0.70 -12.06
CA ALA A 26 3.19 1.77 -12.68
C ALA A 26 3.16 3.04 -11.84
N ASP A 27 1.97 3.38 -11.34
CA ASP A 27 1.81 4.57 -10.52
C ASP A 27 2.48 4.40 -9.16
N ALA A 28 2.38 3.19 -8.60
CA ALA A 28 2.98 2.89 -7.31
C ALA A 28 4.50 2.79 -7.42
N GLU A 29 4.97 2.06 -8.44
CA GLU A 29 6.40 1.89 -8.65
C GLU A 29 7.09 3.23 -8.83
N LYS A 30 6.42 4.15 -9.52
CA LYS A 30 6.98 5.47 -9.77
C LYS A 30 7.17 6.23 -8.46
N GLN A 31 6.20 6.13 -7.57
CA GLN A 31 6.27 6.80 -6.28
C GLN A 31 7.33 6.17 -5.39
N LEU A 32 7.52 4.85 -5.53
CA LEU A 32 8.50 4.13 -4.74
C LEU A 32 9.92 4.42 -5.24
N LEU A 33 10.13 4.23 -6.52
CA LEU A 33 11.44 4.48 -7.13
C LEU A 33 11.86 5.93 -6.95
N TYR A 34 10.91 6.77 -6.57
CA TYR A 34 11.18 8.19 -6.36
C TYR A 34 12.51 8.39 -5.64
N SER A 35 13.08 9.57 -5.78
CA SER A 35 14.36 9.89 -5.16
C SER A 35 14.18 10.11 -3.65
N GLU A 36 13.45 11.17 -3.29
CA GLU A 36 13.22 11.49 -1.89
C GLU A 36 12.98 10.22 -1.07
N ASN A 37 12.38 9.22 -1.71
CA ASN A 37 12.10 7.95 -1.04
C ASN A 37 13.33 7.05 -1.03
N GLN A 38 13.49 6.27 0.03
CA GLN A 38 14.63 5.37 0.15
C GLN A 38 14.17 3.98 0.60
N THR A 39 15.09 3.02 0.57
CA THR A 39 14.79 1.65 0.97
C THR A 39 13.82 1.64 2.15
N GLY A 40 12.63 1.08 1.92
CA GLY A 40 11.64 1.00 2.97
C GLY A 40 10.28 1.54 2.53
N ALA A 41 10.30 2.59 1.73
CA ALA A 41 9.07 3.20 1.23
C ALA A 41 8.07 2.13 0.81
N PHE A 42 6.89 2.15 1.44
CA PHE A 42 5.84 1.18 1.14
C PHE A 42 4.54 1.89 0.80
N LEU A 43 3.66 1.19 0.10
CA LEU A 43 2.36 1.74 -0.29
C LEU A 43 1.42 0.64 -0.78
N ILE A 44 0.20 0.64 -0.26
CA ILE A 44 -0.79 -0.35 -0.64
C ILE A 44 -1.80 0.23 -1.64
N ARG A 45 -2.17 -0.56 -2.63
CA ARG A 45 -3.13 -0.13 -3.64
C ARG A 45 -4.15 -1.22 -3.93
N GLU A 46 -5.33 -0.81 -4.38
CA GLU A 46 -6.40 -1.74 -4.69
C GLU A 46 -6.13 -2.47 -6.01
N SER A 47 -6.32 -3.78 -6.01
CA SER A 47 -6.10 -4.59 -7.20
C SER A 47 -7.14 -4.27 -8.27
N GLU A 48 -6.72 -3.53 -9.29
CA GLU A 48 -7.62 -3.17 -10.38
C GLU A 48 -8.22 -4.41 -11.03
N SER A 49 -7.46 -5.49 -11.04
CA SER A 49 -7.92 -6.75 -11.64
C SER A 49 -9.16 -7.26 -10.93
N GLN A 50 -9.06 -7.43 -9.61
CA GLN A 50 -10.19 -7.92 -8.83
C GLN A 50 -10.42 -7.02 -7.61
N LYS A 51 -11.55 -6.33 -7.60
CA LYS A 51 -11.90 -5.44 -6.50
C LYS A 51 -11.91 -6.20 -5.18
N GLY A 52 -11.54 -5.51 -4.10
CA GLY A 52 -11.52 -6.13 -2.78
C GLY A 52 -10.11 -6.50 -2.35
N ASP A 53 -9.29 -6.94 -3.30
CA ASP A 53 -7.92 -7.32 -3.00
C ASP A 53 -7.03 -6.09 -2.87
N PHE A 54 -5.77 -6.32 -2.48
CA PHE A 54 -4.82 -5.23 -2.31
C PHE A 54 -3.40 -5.69 -2.65
N SER A 55 -2.50 -4.73 -2.80
CA SER A 55 -1.10 -5.03 -3.13
C SER A 55 -0.15 -4.10 -2.39
N LEU A 56 0.77 -4.68 -1.62
CA LEU A 56 1.73 -3.90 -0.87
C LEU A 56 3.02 -3.73 -1.65
N SER A 57 3.28 -2.49 -2.10
CA SER A 57 4.48 -2.19 -2.86
C SER A 57 5.53 -1.52 -1.98
N VAL A 58 6.67 -2.16 -1.82
CA VAL A 58 7.76 -1.64 -1.01
C VAL A 58 9.01 -1.42 -1.84
N LEU A 59 9.89 -0.54 -1.37
CA LEU A 59 11.14 -0.25 -2.06
C LEU A 59 12.33 -0.87 -1.35
N ASP A 60 13.18 -1.54 -2.11
CA ASP A 60 14.37 -2.19 -1.54
C ASP A 60 15.60 -1.91 -2.40
N GLU A 61 16.26 -0.79 -2.12
CA GLU A 61 17.45 -0.40 -2.87
C GLU A 61 17.10 -0.02 -4.30
N GLY A 62 15.91 0.57 -4.48
CA GLY A 62 15.48 0.97 -5.81
C GLY A 62 14.56 -0.05 -6.44
N VAL A 63 14.50 -1.24 -5.86
CA VAL A 63 13.65 -2.31 -6.38
C VAL A 63 12.27 -2.26 -5.75
N VAL A 64 11.26 -2.73 -6.48
CA VAL A 64 9.89 -2.74 -5.99
C VAL A 64 9.39 -4.16 -5.79
N LYS A 65 9.23 -4.56 -4.53
CA LYS A 65 8.76 -5.90 -4.20
C LYS A 65 7.23 -5.92 -4.06
N HIS A 66 6.57 -6.55 -5.02
CA HIS A 66 5.11 -6.65 -5.01
C HIS A 66 4.66 -7.81 -4.14
N TYR A 67 4.00 -7.50 -3.02
CA TYR A 67 3.52 -8.53 -2.11
C TYR A 67 2.00 -8.67 -2.21
N ARG A 68 1.55 -9.83 -2.68
CA ARG A 68 0.13 -10.10 -2.84
C ARG A 68 -0.57 -10.12 -1.47
N ILE A 69 -1.54 -9.24 -1.29
CA ILE A 69 -2.28 -9.17 -0.03
C ILE A 69 -3.58 -9.96 -0.11
N ARG A 70 -3.54 -11.19 0.38
CA ARG A 70 -4.72 -12.05 0.37
C ARG A 70 -5.61 -11.77 1.57
N ARG A 71 -6.91 -12.02 1.41
CA ARG A 71 -7.87 -11.79 2.48
C ARG A 71 -8.54 -13.10 2.89
N LEU A 72 -8.85 -13.22 4.18
CA LEU A 72 -9.48 -14.42 4.71
C LEU A 72 -10.99 -14.23 4.80
N ASP A 73 -11.69 -15.28 5.21
CA ASP A 73 -13.15 -15.23 5.35
C ASP A 73 -13.55 -15.07 6.81
N GLU A 74 -12.57 -15.16 7.70
CA GLU A 74 -12.82 -15.03 9.13
C GLU A 74 -12.02 -13.88 9.73
N GLY A 75 -10.94 -13.50 9.05
CA GLY A 75 -10.11 -12.41 9.52
C GLY A 75 -10.25 -11.16 8.68
N GLY A 76 -9.15 -10.73 8.08
CA GLY A 76 -9.17 -9.54 7.24
C GLY A 76 -8.15 -9.60 6.12
N PHE A 77 -6.98 -9.02 6.35
CA PHE A 77 -5.92 -9.01 5.34
C PHE A 77 -4.65 -9.65 5.90
N PHE A 78 -3.90 -10.32 5.02
CA PHE A 78 -2.66 -10.98 5.41
C PHE A 78 -1.73 -11.15 4.21
N LEU A 79 -0.45 -10.88 4.42
CA LEU A 79 0.54 -11.01 3.35
C LEU A 79 1.26 -12.35 3.44
N THR A 80 1.09 -13.04 4.57
CA THR A 80 1.72 -14.34 4.77
C THR A 80 1.12 -15.07 5.96
N ARG A 81 0.65 -16.29 5.74
CA ARG A 81 0.05 -17.09 6.80
C ARG A 81 0.71 -16.80 8.14
N ARG A 82 2.05 -16.75 8.14
CA ARG A 82 2.79 -16.48 9.36
C ARG A 82 2.06 -15.48 10.24
N LYS A 83 1.63 -14.37 9.65
CA LYS A 83 0.92 -13.33 10.38
C LYS A 83 -0.32 -12.87 9.61
N VAL A 84 -1.35 -12.48 10.34
CA VAL A 84 -2.59 -12.02 9.73
C VAL A 84 -3.14 -10.79 10.46
N PHE A 85 -3.69 -9.86 9.69
CA PHE A 85 -4.26 -8.64 10.26
C PHE A 85 -5.74 -8.52 9.91
N SER A 86 -6.38 -7.48 10.45
CA SER A 86 -7.79 -7.24 10.19
C SER A 86 -7.99 -6.10 9.20
N THR A 87 -7.28 -5.00 9.43
CA THR A 87 -7.38 -3.83 8.57
C THR A 87 -6.00 -3.38 8.10
N LEU A 88 -5.94 -2.80 6.91
CA LEU A 88 -4.69 -2.31 6.35
C LEU A 88 -3.86 -1.60 7.41
N ASN A 89 -4.54 -1.07 8.42
CA ASN A 89 -3.86 -0.35 9.50
C ASN A 89 -2.94 -1.29 10.28
N GLU A 90 -3.53 -2.29 10.92
CA GLU A 90 -2.76 -3.26 11.69
C GLU A 90 -1.79 -4.03 10.80
N PHE A 91 -1.98 -3.90 9.50
CA PHE A 91 -1.12 -4.59 8.53
C PHE A 91 0.25 -3.93 8.44
N VAL A 92 0.25 -2.60 8.48
CA VAL A 92 1.50 -1.85 8.40
C VAL A 92 2.04 -1.54 9.79
N ASN A 93 1.13 -1.21 10.71
CA ASN A 93 1.52 -0.88 12.08
C ASN A 93 2.28 -2.05 12.72
N TYR A 94 2.24 -3.20 12.07
CA TYR A 94 2.91 -4.39 12.57
C TYR A 94 4.29 -4.54 11.94
N TYR A 95 4.31 -4.79 10.64
CA TYR A 95 5.56 -4.96 9.91
C TYR A 95 6.51 -3.80 10.18
N THR A 96 5.94 -2.69 10.67
CA THR A 96 6.74 -1.50 10.96
C THR A 96 7.72 -1.77 12.10
N THR A 97 7.59 -2.93 12.73
CA THR A 97 8.47 -3.30 13.83
C THR A 97 9.49 -4.35 13.39
N THR A 98 9.11 -5.14 12.40
CA THR A 98 9.99 -6.19 11.89
C THR A 98 9.51 -6.70 10.54
N SER A 99 10.45 -7.20 9.73
CA SER A 99 10.12 -7.72 8.41
C SER A 99 10.00 -9.23 8.44
N ASP A 100 9.31 -9.74 9.45
CA ASP A 100 9.12 -11.18 9.59
C ASP A 100 8.84 -11.83 8.24
N GLY A 101 9.87 -12.43 7.65
CA GLY A 101 9.73 -13.08 6.36
C GLY A 101 9.90 -12.11 5.21
N LEU A 102 9.38 -10.90 5.37
CA LEU A 102 9.49 -9.88 4.32
C LEU A 102 10.95 -9.54 4.05
N CYS A 103 11.25 -9.24 2.78
CA CYS A 103 12.61 -8.89 2.39
C CYS A 103 13.12 -7.70 3.20
N VAL A 104 12.23 -6.74 3.46
CA VAL A 104 12.60 -5.55 4.22
C VAL A 104 11.47 -5.13 5.15
N LYS A 105 11.81 -4.34 6.16
CA LYS A 105 10.82 -3.86 7.12
C LYS A 105 10.27 -2.49 6.71
N LEU A 106 8.94 -2.38 6.70
CA LEU A 106 8.29 -1.14 6.32
C LEU A 106 8.76 0.01 7.21
N GLU A 107 9.58 0.90 6.63
CA GLU A 107 10.10 2.04 7.35
C GLU A 107 9.09 3.18 7.38
N LYS A 108 8.89 3.81 6.24
CA LYS A 108 7.94 4.92 6.12
C LYS A 108 7.10 4.79 4.86
N PRO A 109 5.88 5.35 4.90
CA PRO A 109 4.95 5.31 3.78
C PRO A 109 5.42 6.17 2.61
N CYS A 110 5.31 5.64 1.41
CA CYS A 110 5.72 6.36 0.20
C CYS A 110 5.16 7.78 0.20
N LEU A 111 5.93 8.72 -0.32
CA LEU A 111 5.51 10.12 -0.38
C LEU A 111 4.28 10.27 -1.26
N LYS A 112 3.76 11.49 -1.32
CA LYS A 112 2.58 11.77 -2.14
C LYS A 112 2.83 12.96 -3.07
N ILE A 113 3.15 12.67 -4.32
CA ILE A 113 3.42 13.71 -5.31
C ILE A 113 2.11 14.31 -5.84
N GLN A 114 2.13 15.61 -6.10
CA GLN A 114 0.96 16.30 -6.60
C GLN A 114 1.32 17.22 -7.77
N VAL A 115 0.38 17.42 -8.68
CA VAL A 115 0.61 18.28 -9.83
C VAL A 115 -0.24 19.55 -9.75
N SER A 116 -1.38 19.45 -9.06
CA SER A 116 -2.28 20.59 -8.92
C SER A 116 -2.63 20.81 -7.45
N GLY A 117 -1.89 21.69 -6.79
CA GLY A 117 -2.14 21.97 -5.39
C GLY A 117 -2.49 20.73 -4.60
N PRO A 118 -3.24 20.90 -3.50
CA PRO A 118 -3.65 19.80 -2.63
C PRO A 118 -4.67 18.89 -3.30
N SER A 119 -4.21 17.75 -3.81
CA SER A 119 -5.09 16.80 -4.47
C SER A 119 -6.27 16.43 -3.58
N SER A 120 -7.36 16.00 -4.22
CA SER A 120 -8.57 15.63 -3.49
C SER A 120 -8.89 16.67 -2.41
N GLY A 121 -8.76 17.94 -2.76
CA GLY A 121 -9.04 19.01 -1.82
C GLY A 121 -7.81 19.81 -1.48
N GLY A 1 -9.42 13.88 -6.07
CA GLY A 1 -10.11 13.19 -7.14
C GLY A 1 -9.24 12.16 -7.82
N SER A 2 -8.64 11.27 -7.03
CA SER A 2 -7.77 10.22 -7.57
C SER A 2 -8.54 8.92 -7.75
N SER A 3 -9.21 8.49 -6.69
CA SER A 3 -9.98 7.24 -6.72
C SER A 3 -11.37 7.45 -6.13
N GLY A 4 -12.23 6.46 -6.32
CA GLY A 4 -13.59 6.55 -5.79
C GLY A 4 -14.16 5.19 -5.43
N SER A 5 -13.39 4.40 -4.69
CA SER A 5 -13.82 3.07 -4.28
C SER A 5 -13.82 2.95 -2.76
N SER A 6 -14.32 1.81 -2.27
CA SER A 6 -14.38 1.57 -0.83
C SER A 6 -14.25 0.09 -0.52
N GLY A 7 -13.23 -0.27 0.25
CA GLY A 7 -13.01 -1.66 0.60
C GLY A 7 -14.05 -2.18 1.58
N ALA A 8 -13.58 -2.93 2.57
CA ALA A 8 -14.47 -3.50 3.58
C ALA A 8 -14.92 -2.43 4.58
N GLU A 9 -16.06 -1.80 4.29
CA GLU A 9 -16.59 -0.75 5.16
C GLU A 9 -15.48 0.18 5.63
N ASP A 10 -14.57 0.52 4.72
CA ASP A 10 -13.45 1.40 5.05
C ASP A 10 -13.53 2.68 4.22
N ARG A 11 -13.61 3.82 4.90
CA ARG A 11 -13.69 5.11 4.24
C ARG A 11 -12.55 6.02 4.69
N SER A 12 -12.43 6.21 6.00
CA SER A 12 -11.40 7.07 6.56
C SER A 12 -10.01 6.61 6.11
N LEU A 13 -9.91 5.33 5.77
CA LEU A 13 -8.64 4.77 5.31
C LEU A 13 -8.00 5.64 4.25
N GLN A 14 -8.83 6.40 3.53
CA GLN A 14 -8.34 7.28 2.48
C GLN A 14 -7.28 8.23 3.02
N ALA A 15 -7.43 8.64 4.27
CA ALA A 15 -6.48 9.54 4.90
C ALA A 15 -5.09 8.92 4.96
N GLU A 16 -5.04 7.60 5.08
CA GLU A 16 -3.76 6.89 5.15
C GLU A 16 -2.85 7.30 4.00
N PRO A 17 -1.59 7.62 4.34
CA PRO A 17 -0.59 8.04 3.36
C PRO A 17 -0.16 6.90 2.45
N TRP A 18 0.06 5.73 3.05
CA TRP A 18 0.48 4.55 2.30
C TRP A 18 -0.65 4.04 1.41
N PHE A 19 -1.85 4.58 1.61
CA PHE A 19 -3.01 4.18 0.83
C PHE A 19 -3.19 5.09 -0.39
N PHE A 20 -3.03 4.50 -1.58
CA PHE A 20 -3.18 5.25 -2.83
C PHE A 20 -4.43 4.83 -3.57
N GLY A 21 -5.44 4.37 -2.83
CA GLY A 21 -6.69 3.95 -3.44
C GLY A 21 -6.48 2.82 -4.44
N ALA A 22 -6.82 3.08 -5.69
CA ALA A 22 -6.68 2.08 -6.75
C ALA A 22 -5.74 2.57 -7.84
N ILE A 23 -4.51 2.08 -7.82
CA ILE A 23 -3.51 2.47 -8.82
C ILE A 23 -2.85 1.24 -9.44
N LYS A 24 -2.08 1.46 -10.49
CA LYS A 24 -1.37 0.39 -11.19
C LYS A 24 0.06 0.28 -10.69
N ARG A 25 0.70 -0.86 -10.99
CA ARG A 25 2.08 -1.08 -10.57
C ARG A 25 2.98 0.04 -11.06
N ALA A 26 2.67 0.57 -12.23
CA ALA A 26 3.46 1.66 -12.81
C ALA A 26 3.41 2.90 -11.93
N ASP A 27 2.21 3.24 -11.45
CA ASP A 27 2.04 4.40 -10.60
C ASP A 27 2.64 4.17 -9.22
N ALA A 28 2.49 2.95 -8.71
CA ALA A 28 3.03 2.59 -7.40
C ALA A 28 4.54 2.55 -7.42
N GLU A 29 5.11 2.07 -8.52
CA GLU A 29 6.56 1.97 -8.67
C GLU A 29 7.18 3.37 -8.76
N LYS A 30 6.79 4.12 -9.78
CA LYS A 30 7.31 5.47 -9.98
C LYS A 30 7.32 6.25 -8.68
N GLN A 31 6.35 5.96 -7.81
CA GLN A 31 6.26 6.64 -6.52
C GLN A 31 7.32 6.14 -5.57
N LEU A 32 7.58 4.84 -5.60
CA LEU A 32 8.59 4.23 -4.74
C LEU A 32 10.00 4.59 -5.20
N LEU A 33 10.26 4.39 -6.48
CA LEU A 33 11.56 4.70 -7.07
C LEU A 33 11.96 6.15 -6.79
N TYR A 34 10.96 6.99 -6.54
CA TYR A 34 11.19 8.41 -6.26
C TYR A 34 12.48 8.59 -5.45
N SER A 35 13.11 9.74 -5.62
CA SER A 35 14.35 10.04 -4.90
C SER A 35 14.09 10.18 -3.40
N GLU A 36 13.30 11.20 -3.03
CA GLU A 36 12.97 11.44 -1.63
C GLU A 36 12.72 10.12 -0.89
N ASN A 37 12.26 9.11 -1.63
CA ASN A 37 11.99 7.81 -1.05
C ASN A 37 13.22 6.91 -1.12
N GLN A 38 13.43 6.12 -0.07
CA GLN A 38 14.57 5.21 -0.02
C GLN A 38 14.15 3.84 0.51
N THR A 39 15.08 2.90 0.48
CA THR A 39 14.81 1.55 0.96
C THR A 39 13.86 1.56 2.14
N GLY A 40 12.65 1.06 1.94
CA GLY A 40 11.67 1.03 3.01
C GLY A 40 10.31 1.57 2.57
N ALA A 41 10.34 2.54 1.67
CA ALA A 41 9.10 3.15 1.17
C ALA A 41 8.08 2.08 0.79
N PHE A 42 6.92 2.12 1.43
CA PHE A 42 5.86 1.16 1.16
C PHE A 42 4.55 1.86 0.84
N LEU A 43 3.70 1.21 0.05
CA LEU A 43 2.41 1.77 -0.32
C LEU A 43 1.46 0.68 -0.79
N ILE A 44 0.25 0.68 -0.25
CA ILE A 44 -0.77 -0.30 -0.62
C ILE A 44 -1.79 0.29 -1.57
N ARG A 45 -2.20 -0.50 -2.55
CA ARG A 45 -3.19 -0.06 -3.54
C ARG A 45 -4.25 -1.12 -3.75
N GLU A 46 -5.31 -0.75 -4.46
CA GLU A 46 -6.41 -1.67 -4.74
C GLU A 46 -6.21 -2.35 -6.10
N SER A 47 -6.11 -3.68 -6.07
CA SER A 47 -5.91 -4.45 -7.30
C SER A 47 -6.65 -3.82 -8.47
N GLU A 48 -5.99 -3.75 -9.61
CA GLU A 48 -6.58 -3.15 -10.80
C GLU A 48 -7.50 -4.16 -11.51
N SER A 49 -6.95 -5.32 -11.84
CA SER A 49 -7.72 -6.35 -12.51
C SER A 49 -8.99 -6.69 -11.73
N GLN A 50 -8.82 -7.06 -10.46
CA GLN A 50 -9.96 -7.41 -9.62
C GLN A 50 -10.25 -6.29 -8.62
N LYS A 51 -11.48 -6.25 -8.13
CA LYS A 51 -11.89 -5.24 -7.17
C LYS A 51 -12.01 -5.81 -5.77
N GLY A 52 -11.25 -5.25 -4.83
CA GLY A 52 -11.29 -5.74 -3.46
C GLY A 52 -9.92 -6.14 -2.95
N ASP A 53 -9.11 -6.71 -3.83
CA ASP A 53 -7.76 -7.15 -3.48
C ASP A 53 -6.84 -5.95 -3.29
N PHE A 54 -5.74 -6.17 -2.56
CA PHE A 54 -4.78 -5.11 -2.31
C PHE A 54 -3.35 -5.61 -2.53
N SER A 55 -2.48 -4.72 -2.98
CA SER A 55 -1.09 -5.06 -3.25
C SER A 55 -0.14 -4.12 -2.51
N LEU A 56 0.80 -4.70 -1.78
CA LEU A 56 1.77 -3.93 -1.02
C LEU A 56 3.07 -3.74 -1.82
N SER A 57 3.37 -2.49 -2.15
CA SER A 57 4.58 -2.19 -2.91
C SER A 57 5.63 -1.54 -2.02
N VAL A 58 6.74 -2.23 -1.82
CA VAL A 58 7.82 -1.72 -0.99
C VAL A 58 9.10 -1.53 -1.81
N LEU A 59 9.89 -0.53 -1.43
CA LEU A 59 11.14 -0.24 -2.13
C LEU A 59 12.32 -0.88 -1.41
N ASP A 60 13.17 -1.57 -2.16
CA ASP A 60 14.33 -2.22 -1.61
C ASP A 60 15.57 -1.98 -2.47
N GLU A 61 16.22 -0.84 -2.25
CA GLU A 61 17.41 -0.48 -3.01
C GLU A 61 17.05 -0.11 -4.45
N GLY A 62 15.90 0.54 -4.61
CA GLY A 62 15.45 0.94 -5.93
C GLY A 62 14.52 -0.08 -6.56
N VAL A 63 14.43 -1.26 -5.95
CA VAL A 63 13.56 -2.32 -6.46
C VAL A 63 12.19 -2.27 -5.80
N VAL A 64 11.17 -2.68 -6.54
CA VAL A 64 9.80 -2.69 -6.04
C VAL A 64 9.29 -4.11 -5.85
N LYS A 65 9.15 -4.53 -4.59
CA LYS A 65 8.66 -5.86 -4.28
C LYS A 65 7.15 -5.88 -4.13
N HIS A 66 6.47 -6.50 -5.08
CA HIS A 66 5.01 -6.59 -5.06
C HIS A 66 4.55 -7.76 -4.20
N TYR A 67 3.95 -7.45 -3.05
CA TYR A 67 3.47 -8.47 -2.14
C TYR A 67 1.94 -8.56 -2.18
N ARG A 68 1.43 -9.75 -2.50
CA ARG A 68 0.00 -9.97 -2.58
C ARG A 68 -0.63 -9.94 -1.19
N ILE A 69 -1.75 -9.24 -1.08
CA ILE A 69 -2.45 -9.12 0.20
C ILE A 69 -3.74 -9.94 0.19
N ARG A 70 -3.66 -11.17 0.67
CA ARG A 70 -4.83 -12.05 0.72
C ARG A 70 -5.63 -11.82 2.00
N ARG A 71 -6.95 -11.71 1.85
CA ARG A 71 -7.83 -11.49 2.99
C ARG A 71 -8.63 -12.74 3.31
N LEU A 72 -8.97 -12.92 4.58
CA LEU A 72 -9.74 -14.07 5.01
C LEU A 72 -11.22 -13.72 5.17
N ASP A 73 -12.02 -14.70 5.56
CA ASP A 73 -13.46 -14.50 5.76
C ASP A 73 -13.80 -14.44 7.24
N GLU A 74 -12.88 -14.91 8.07
CA GLU A 74 -13.09 -14.91 9.52
C GLU A 74 -12.25 -13.83 10.20
N GLY A 75 -11.19 -13.40 9.51
CA GLY A 75 -10.32 -12.38 10.06
C GLY A 75 -10.33 -11.10 9.25
N GLY A 76 -9.24 -10.82 8.54
CA GLY A 76 -9.17 -9.63 7.72
C GLY A 76 -8.17 -9.76 6.59
N PHE A 77 -7.04 -9.09 6.70
CA PHE A 77 -6.00 -9.14 5.68
C PHE A 77 -4.77 -9.88 6.18
N PHE A 78 -3.90 -10.26 5.25
CA PHE A 78 -2.68 -10.98 5.59
C PHE A 78 -1.78 -11.15 4.37
N LEU A 79 -0.51 -10.78 4.52
CA LEU A 79 0.44 -10.89 3.43
C LEU A 79 1.13 -12.26 3.43
N THR A 80 1.10 -12.92 4.59
CA THR A 80 1.71 -14.23 4.73
C THR A 80 1.02 -15.05 5.81
N ARG A 81 0.59 -16.25 5.46
CA ARG A 81 -0.09 -17.13 6.40
C ARG A 81 0.53 -17.01 7.79
N ARG A 82 1.86 -16.87 7.84
CA ARG A 82 2.57 -16.75 9.11
C ARG A 82 1.87 -15.78 10.03
N LYS A 83 1.56 -14.59 9.51
CA LYS A 83 0.89 -13.55 10.29
C LYS A 83 -0.40 -13.10 9.60
N VAL A 84 -1.37 -12.68 10.39
CA VAL A 84 -2.65 -12.22 9.86
C VAL A 84 -3.16 -11.01 10.64
N PHE A 85 -3.69 -10.03 9.90
CA PHE A 85 -4.22 -8.82 10.53
C PHE A 85 -5.71 -8.69 10.28
N SER A 86 -6.28 -7.57 10.71
CA SER A 86 -7.71 -7.32 10.54
C SER A 86 -7.96 -6.27 9.47
N THR A 87 -7.19 -5.18 9.53
CA THR A 87 -7.32 -4.10 8.56
C THR A 87 -5.96 -3.64 8.06
N LEU A 88 -5.96 -2.87 6.97
CA LEU A 88 -4.72 -2.37 6.40
C LEU A 88 -3.88 -1.65 7.45
N ASN A 89 -4.55 -1.14 8.48
CA ASN A 89 -3.87 -0.42 9.56
C ASN A 89 -2.93 -1.36 10.31
N GLU A 90 -3.50 -2.31 11.04
CA GLU A 90 -2.71 -3.27 11.81
C GLU A 90 -1.75 -4.04 10.90
N PHE A 91 -2.02 -4.00 9.59
CA PHE A 91 -1.19 -4.69 8.61
C PHE A 91 0.19 -4.03 8.52
N VAL A 92 0.21 -2.71 8.54
CA VAL A 92 1.45 -1.96 8.45
C VAL A 92 2.01 -1.65 9.83
N ASN A 93 1.12 -1.28 10.75
CA ASN A 93 1.53 -0.94 12.11
C ASN A 93 2.32 -2.09 12.74
N TYR A 94 2.21 -3.28 12.14
CA TYR A 94 2.92 -4.45 12.63
C TYR A 94 4.29 -4.58 11.98
N TYR A 95 4.29 -4.85 10.67
CA TYR A 95 5.53 -5.00 9.92
C TYR A 95 6.45 -3.81 10.16
N THR A 96 5.86 -2.67 10.50
CA THR A 96 6.63 -1.45 10.75
C THR A 96 7.66 -1.67 11.84
N THR A 97 7.55 -2.79 12.56
CA THR A 97 8.47 -3.12 13.63
C THR A 97 9.51 -4.14 13.18
N THR A 98 9.10 -5.05 12.30
CA THR A 98 10.00 -6.07 11.79
C THR A 98 9.50 -6.62 10.46
N SER A 99 10.43 -7.04 9.61
CA SER A 99 10.08 -7.59 8.30
C SER A 99 9.88 -9.10 8.38
N ASP A 100 9.31 -9.56 9.49
CA ASP A 100 9.06 -10.98 9.69
C ASP A 100 8.68 -11.65 8.38
N GLY A 101 9.67 -12.24 7.71
CA GLY A 101 9.42 -12.92 6.45
C GLY A 101 9.63 -12.00 5.26
N LEU A 102 9.19 -10.75 5.38
CA LEU A 102 9.33 -9.78 4.31
C LEU A 102 10.79 -9.47 4.03
N CYS A 103 11.12 -9.26 2.75
CA CYS A 103 12.49 -8.96 2.36
C CYS A 103 13.04 -7.77 3.15
N VAL A 104 12.19 -6.77 3.36
CA VAL A 104 12.59 -5.58 4.10
C VAL A 104 11.47 -5.11 5.04
N LYS A 105 11.85 -4.34 6.06
CA LYS A 105 10.88 -3.83 7.02
C LYS A 105 10.36 -2.47 6.58
N LEU A 106 9.05 -2.27 6.72
CA LEU A 106 8.42 -1.02 6.35
C LEU A 106 8.91 0.13 7.24
N GLU A 107 9.57 1.10 6.63
CA GLU A 107 10.08 2.25 7.37
C GLU A 107 9.10 3.41 7.34
N LYS A 108 8.87 3.95 6.13
CA LYS A 108 7.95 5.06 5.96
C LYS A 108 7.10 4.87 4.71
N PRO A 109 5.88 5.44 4.74
CA PRO A 109 4.94 5.34 3.62
C PRO A 109 5.40 6.15 2.41
N CYS A 110 5.18 5.60 1.22
CA CYS A 110 5.57 6.27 -0.01
C CYS A 110 5.01 7.68 -0.07
N LEU A 111 5.85 8.62 -0.49
CA LEU A 111 5.44 10.02 -0.58
C LEU A 111 4.39 10.22 -1.68
N LYS A 112 3.50 11.18 -1.48
CA LYS A 112 2.45 11.46 -2.45
C LYS A 112 2.84 12.64 -3.33
N ILE A 113 2.69 12.46 -4.64
CA ILE A 113 3.02 13.52 -5.60
C ILE A 113 1.75 14.13 -6.20
N GLN A 114 1.78 15.45 -6.40
CA GLN A 114 0.64 16.15 -6.97
C GLN A 114 0.40 15.72 -8.41
N VAL A 115 -0.40 14.66 -8.58
CA VAL A 115 -0.72 14.14 -9.91
C VAL A 115 -2.09 14.62 -10.37
N SER A 116 -2.44 15.85 -10.01
CA SER A 116 -3.73 16.43 -10.39
C SER A 116 -3.62 17.15 -11.73
N GLY A 117 -2.56 17.94 -11.89
CA GLY A 117 -2.38 18.68 -13.13
C GLY A 117 -1.56 19.94 -12.92
N PRO A 118 -0.74 20.28 -13.94
CA PRO A 118 0.11 21.47 -13.89
C PRO A 118 -0.69 22.76 -13.97
N SER A 119 -0.01 23.89 -13.79
CA SER A 119 -0.66 25.20 -13.84
C SER A 119 -1.23 25.46 -15.24
N SER A 120 -0.40 25.29 -16.25
CA SER A 120 -0.82 25.51 -17.63
C SER A 120 -0.76 24.21 -18.44
N GLY A 121 -1.21 24.28 -19.68
CA GLY A 121 -1.20 23.10 -20.53
C GLY A 121 -2.11 22.00 -20.01
N GLY A 1 -3.98 8.86 -15.72
CA GLY A 1 -4.48 7.54 -15.37
C GLY A 1 -5.81 7.59 -14.65
N SER A 2 -6.53 6.48 -14.66
CA SER A 2 -7.84 6.40 -14.02
C SER A 2 -7.79 5.52 -12.78
N SER A 3 -8.74 5.71 -11.88
CA SER A 3 -8.80 4.94 -10.65
C SER A 3 -10.14 4.20 -10.52
N GLY A 4 -10.08 2.99 -9.99
CA GLY A 4 -11.29 2.20 -9.84
C GLY A 4 -12.27 2.82 -8.85
N SER A 5 -12.58 2.09 -7.80
CA SER A 5 -13.52 2.59 -6.78
C SER A 5 -12.79 2.91 -5.48
N SER A 6 -13.03 4.10 -4.95
CA SER A 6 -12.40 4.54 -3.72
C SER A 6 -12.57 3.49 -2.62
N GLY A 7 -13.80 3.06 -2.41
CA GLY A 7 -14.08 2.07 -1.38
C GLY A 7 -15.32 2.39 -0.57
N ALA A 8 -15.90 1.37 0.05
CA ALA A 8 -17.09 1.55 0.86
C ALA A 8 -16.83 1.17 2.32
N GLU A 9 -16.36 -0.05 2.53
CA GLU A 9 -16.07 -0.54 3.87
C GLU A 9 -15.21 0.46 4.64
N ASP A 10 -14.09 0.85 4.05
CA ASP A 10 -13.18 1.80 4.68
C ASP A 10 -13.07 3.08 3.85
N ARG A 11 -13.24 4.23 4.50
CA ARG A 11 -13.15 5.51 3.83
C ARG A 11 -12.01 6.36 4.40
N SER A 12 -12.00 6.52 5.72
CA SER A 12 -10.98 7.31 6.39
C SER A 12 -9.58 6.87 5.95
N LEU A 13 -9.46 5.59 5.58
CA LEU A 13 -8.19 5.04 5.14
C LEU A 13 -7.53 5.95 4.11
N GLN A 14 -8.34 6.69 3.36
CA GLN A 14 -7.84 7.61 2.35
C GLN A 14 -6.77 8.54 2.93
N ALA A 15 -6.94 8.90 4.21
CA ALA A 15 -6.00 9.78 4.88
C ALA A 15 -4.61 9.17 4.91
N GLU A 16 -4.55 7.85 5.03
CA GLU A 16 -3.27 7.13 5.09
C GLU A 16 -2.42 7.47 3.87
N PRO A 17 -1.15 7.80 4.11
CA PRO A 17 -0.19 8.15 3.05
C PRO A 17 0.19 6.94 2.20
N TRP A 18 0.44 5.82 2.85
CA TRP A 18 0.81 4.59 2.16
C TRP A 18 -0.34 4.08 1.29
N PHE A 19 -1.50 4.73 1.42
CA PHE A 19 -2.67 4.34 0.65
C PHE A 19 -2.84 5.22 -0.59
N PHE A 20 -2.90 4.59 -1.75
CA PHE A 20 -3.06 5.32 -3.00
C PHE A 20 -4.27 4.81 -3.79
N GLY A 21 -5.29 4.37 -3.07
CA GLY A 21 -6.49 3.87 -3.70
C GLY A 21 -6.19 2.73 -4.66
N ALA A 22 -6.76 2.80 -5.86
CA ALA A 22 -6.56 1.76 -6.86
C ALA A 22 -5.62 2.24 -7.96
N ILE A 23 -4.36 1.80 -7.89
CA ILE A 23 -3.35 2.19 -8.87
C ILE A 23 -2.66 0.96 -9.45
N LYS A 24 -1.86 1.18 -10.48
CA LYS A 24 -1.13 0.10 -11.13
C LYS A 24 0.32 0.05 -10.65
N ARG A 25 1.06 -0.95 -11.11
CA ARG A 25 2.46 -1.11 -10.73
C ARG A 25 3.29 0.07 -11.25
N ALA A 26 2.89 0.62 -12.40
CA ALA A 26 3.59 1.74 -13.00
C ALA A 26 3.46 2.99 -12.14
N ASP A 27 2.25 3.25 -11.65
CA ASP A 27 2.00 4.41 -10.81
C ASP A 27 2.61 4.25 -9.43
N ALA A 28 2.57 3.02 -8.91
CA ALA A 28 3.13 2.71 -7.60
C ALA A 28 4.64 2.71 -7.64
N GLU A 29 5.21 2.06 -8.66
CA GLU A 29 6.65 1.98 -8.81
C GLU A 29 7.27 3.36 -8.94
N LYS A 30 6.58 4.25 -9.68
CA LYS A 30 7.05 5.60 -9.89
C LYS A 30 7.07 6.38 -8.58
N GLN A 31 6.16 6.04 -7.68
CA GLN A 31 6.08 6.71 -6.38
C GLN A 31 7.13 6.18 -5.43
N LEU A 32 7.42 4.87 -5.53
CA LEU A 32 8.41 4.23 -4.67
C LEU A 32 9.83 4.58 -5.12
N LEU A 33 10.10 4.39 -6.41
CA LEU A 33 11.42 4.68 -6.96
C LEU A 33 11.79 6.14 -6.72
N TYR A 34 10.80 6.96 -6.43
CA TYR A 34 11.01 8.38 -6.18
C TYR A 34 12.29 8.60 -5.38
N SER A 35 13.00 9.69 -5.68
CA SER A 35 14.24 10.01 -4.99
C SER A 35 13.99 10.17 -3.49
N GLU A 36 13.26 11.20 -3.12
CA GLU A 36 12.96 11.47 -1.71
C GLU A 36 12.77 10.16 -0.95
N ASN A 37 12.13 9.18 -1.60
CA ASN A 37 11.88 7.89 -0.97
C ASN A 37 13.15 7.04 -0.96
N GLN A 38 13.32 6.27 0.11
CA GLN A 38 14.49 5.41 0.24
C GLN A 38 14.09 4.01 0.67
N THR A 39 15.06 3.09 0.66
CA THR A 39 14.80 1.71 1.04
C THR A 39 13.81 1.63 2.19
N GLY A 40 12.64 1.04 1.92
CA GLY A 40 11.62 0.92 2.95
C GLY A 40 10.27 1.44 2.50
N ALA A 41 10.29 2.50 1.70
CA ALA A 41 9.05 3.10 1.20
C ALA A 41 8.05 2.02 0.80
N PHE A 42 6.90 2.02 1.46
CA PHE A 42 5.85 1.05 1.19
C PHE A 42 4.53 1.74 0.90
N LEU A 43 3.73 1.14 0.02
CA LEU A 43 2.43 1.70 -0.35
C LEU A 43 1.47 0.60 -0.80
N ILE A 44 0.26 0.62 -0.24
CA ILE A 44 -0.74 -0.37 -0.59
C ILE A 44 -1.79 0.22 -1.53
N ARG A 45 -2.21 -0.58 -2.51
CA ARG A 45 -3.20 -0.13 -3.49
C ARG A 45 -4.29 -1.19 -3.66
N GLU A 46 -5.34 -0.83 -4.41
CA GLU A 46 -6.44 -1.75 -4.65
C GLU A 46 -6.27 -2.47 -5.98
N SER A 47 -6.21 -3.80 -5.93
CA SER A 47 -6.04 -4.61 -7.14
C SER A 47 -6.92 -4.09 -8.27
N GLU A 48 -6.54 -4.41 -9.50
CA GLU A 48 -7.30 -3.97 -10.66
C GLU A 48 -8.30 -5.05 -11.11
N SER A 49 -9.27 -4.63 -11.91
CA SER A 49 -10.30 -5.56 -12.40
C SER A 49 -10.86 -6.39 -11.25
N GLN A 50 -10.90 -5.80 -10.06
CA GLN A 50 -11.41 -6.49 -8.88
C GLN A 50 -11.51 -5.54 -7.69
N LYS A 51 -12.51 -5.76 -6.84
CA LYS A 51 -12.71 -4.93 -5.66
C LYS A 51 -12.57 -5.75 -4.38
N GLY A 52 -11.68 -5.31 -3.49
CA GLY A 52 -11.48 -6.02 -2.24
C GLY A 52 -10.02 -6.38 -2.01
N ASP A 53 -9.37 -6.89 -3.05
CA ASP A 53 -7.96 -7.27 -2.95
C ASP A 53 -7.06 -6.04 -2.90
N PHE A 54 -5.82 -6.24 -2.49
CA PHE A 54 -4.86 -5.14 -2.39
C PHE A 54 -3.45 -5.61 -2.74
N SER A 55 -2.54 -4.67 -2.92
CA SER A 55 -1.16 -4.99 -3.26
C SER A 55 -0.19 -4.09 -2.49
N LEU A 56 0.77 -4.72 -1.82
CA LEU A 56 1.76 -3.99 -1.04
C LEU A 56 3.06 -3.83 -1.83
N SER A 57 3.39 -2.59 -2.16
CA SER A 57 4.61 -2.29 -2.91
C SER A 57 5.66 -1.64 -2.02
N VAL A 58 6.79 -2.31 -1.84
CA VAL A 58 7.87 -1.80 -1.01
C VAL A 58 9.15 -1.62 -1.82
N LEU A 59 9.91 -0.58 -1.50
CA LEU A 59 11.16 -0.29 -2.21
C LEU A 59 12.35 -0.87 -1.44
N ASP A 60 13.24 -1.53 -2.17
CA ASP A 60 14.43 -2.13 -1.55
C ASP A 60 15.67 -1.84 -2.39
N GLU A 61 16.21 -0.63 -2.25
CA GLU A 61 17.40 -0.22 -2.99
C GLU A 61 17.05 0.04 -4.46
N GLY A 62 15.83 0.51 -4.70
CA GLY A 62 15.40 0.79 -6.05
C GLY A 62 14.52 -0.30 -6.62
N VAL A 63 14.41 -1.41 -5.91
CA VAL A 63 13.58 -2.52 -6.34
C VAL A 63 12.22 -2.50 -5.67
N VAL A 64 11.17 -2.65 -6.47
CA VAL A 64 9.80 -2.65 -5.95
C VAL A 64 9.27 -4.06 -5.79
N LYS A 65 9.12 -4.50 -4.55
CA LYS A 65 8.62 -5.85 -4.27
C LYS A 65 7.10 -5.84 -4.09
N HIS A 66 6.40 -6.49 -5.01
CA HIS A 66 4.94 -6.55 -4.95
C HIS A 66 4.49 -7.75 -4.11
N TYR A 67 3.87 -7.46 -2.97
CA TYR A 67 3.39 -8.51 -2.08
C TYR A 67 1.86 -8.62 -2.14
N ARG A 68 1.37 -9.77 -2.58
CA ARG A 68 -0.06 -10.01 -2.68
C ARG A 68 -0.70 -10.05 -1.30
N ILE A 69 -1.72 -9.22 -1.10
CA ILE A 69 -2.42 -9.16 0.17
C ILE A 69 -3.73 -9.94 0.12
N ARG A 70 -3.71 -11.17 0.60
CA ARG A 70 -4.89 -12.02 0.60
C ARG A 70 -5.78 -11.72 1.81
N ARG A 71 -7.07 -11.94 1.66
CA ARG A 71 -8.02 -11.70 2.75
C ARG A 71 -8.69 -13.01 3.18
N LEU A 72 -9.12 -13.04 4.44
CA LEU A 72 -9.77 -14.23 4.98
C LEU A 72 -11.28 -14.02 5.11
N ASP A 73 -11.97 -14.99 5.67
CA ASP A 73 -13.43 -14.91 5.85
C ASP A 73 -13.77 -14.62 7.30
N GLU A 74 -12.81 -14.82 8.19
CA GLU A 74 -13.02 -14.58 9.62
C GLU A 74 -12.22 -13.38 10.10
N GLY A 75 -11.07 -13.15 9.46
CA GLY A 75 -10.23 -12.04 9.83
C GLY A 75 -10.37 -10.85 8.89
N GLY A 76 -9.28 -10.50 8.22
CA GLY A 76 -9.32 -9.38 7.29
C GLY A 76 -8.26 -9.49 6.21
N PHE A 77 -7.11 -8.87 6.44
CA PHE A 77 -6.02 -8.90 5.48
C PHE A 77 -4.78 -9.57 6.08
N PHE A 78 -4.05 -10.32 5.25
CA PHE A 78 -2.85 -11.00 5.69
C PHE A 78 -1.89 -11.21 4.53
N LEU A 79 -0.62 -10.90 4.76
CA LEU A 79 0.41 -11.05 3.73
C LEU A 79 1.04 -12.44 3.80
N THR A 80 0.87 -13.10 4.94
CA THR A 80 1.43 -14.44 5.13
C THR A 80 0.64 -15.21 6.19
N ARG A 81 0.27 -16.45 5.86
CA ARG A 81 -0.47 -17.29 6.79
C ARG A 81 0.11 -17.21 8.20
N ARG A 82 1.39 -16.86 8.28
CA ARG A 82 2.07 -16.76 9.56
C ARG A 82 1.40 -15.71 10.45
N LYS A 83 1.07 -14.57 9.85
CA LYS A 83 0.42 -13.48 10.58
C LYS A 83 -0.80 -12.98 9.84
N VAL A 84 -1.74 -12.39 10.58
CA VAL A 84 -2.97 -11.87 9.98
C VAL A 84 -3.42 -10.60 10.69
N PHE A 85 -4.02 -9.68 9.93
CA PHE A 85 -4.50 -8.42 10.48
C PHE A 85 -5.97 -8.22 10.17
N SER A 86 -6.54 -7.12 10.68
CA SER A 86 -7.95 -6.82 10.46
C SER A 86 -8.11 -5.72 9.42
N THR A 87 -7.28 -4.68 9.53
CA THR A 87 -7.34 -3.55 8.60
C THR A 87 -5.94 -3.16 8.15
N LEU A 88 -5.85 -2.59 6.95
CA LEU A 88 -4.57 -2.16 6.40
C LEU A 88 -3.73 -1.44 7.46
N ASN A 89 -4.41 -0.83 8.42
CA ASN A 89 -3.73 -0.11 9.50
C ASN A 89 -2.82 -1.06 10.29
N GLU A 90 -3.42 -2.03 10.94
CA GLU A 90 -2.67 -3.00 11.73
C GLU A 90 -1.70 -3.79 10.86
N PHE A 91 -2.00 -3.83 9.57
CA PHE A 91 -1.16 -4.55 8.62
C PHE A 91 0.23 -3.93 8.53
N VAL A 92 0.28 -2.60 8.54
CA VAL A 92 1.54 -1.87 8.46
C VAL A 92 2.08 -1.57 9.86
N ASN A 93 1.18 -1.21 10.77
CA ASN A 93 1.58 -0.89 12.14
C ASN A 93 2.30 -2.05 12.78
N TYR A 94 2.24 -3.21 12.13
CA TYR A 94 2.89 -4.41 12.66
C TYR A 94 4.28 -4.57 12.05
N TYR A 95 4.34 -4.87 10.76
CA TYR A 95 5.61 -5.04 10.07
C TYR A 95 6.59 -3.95 10.44
N THR A 96 6.09 -2.71 10.51
CA THR A 96 6.93 -1.57 10.85
C THR A 96 7.96 -1.94 11.92
N THR A 97 7.58 -2.84 12.82
CA THR A 97 8.46 -3.27 13.88
C THR A 97 9.47 -4.30 13.38
N THR A 98 9.00 -5.21 12.52
CA THR A 98 9.85 -6.26 11.97
C THR A 98 9.36 -6.70 10.60
N SER A 99 10.27 -7.21 9.78
CA SER A 99 9.93 -7.66 8.45
C SER A 99 9.16 -8.98 8.50
N ASP A 100 9.41 -9.76 9.55
CA ASP A 100 8.75 -11.04 9.72
C ASP A 100 9.01 -11.96 8.53
N GLY A 101 10.13 -11.73 7.85
CA GLY A 101 10.48 -12.54 6.71
C GLY A 101 10.49 -11.76 5.41
N LEU A 102 9.80 -10.62 5.42
CA LEU A 102 9.73 -9.76 4.24
C LEU A 102 11.12 -9.27 3.84
N CYS A 103 11.40 -9.33 2.53
CA CYS A 103 12.69 -8.89 2.02
C CYS A 103 13.24 -7.72 2.83
N VAL A 104 12.36 -6.79 3.19
CA VAL A 104 12.76 -5.62 3.97
C VAL A 104 11.65 -5.22 4.94
N LYS A 105 12.05 -4.58 6.04
CA LYS A 105 11.10 -4.14 7.05
C LYS A 105 10.57 -2.75 6.72
N LEU A 106 9.25 -2.61 6.73
CA LEU A 106 8.62 -1.33 6.44
C LEU A 106 9.15 -0.23 7.35
N GLU A 107 9.81 0.77 6.75
CA GLU A 107 10.37 1.88 7.51
C GLU A 107 9.41 3.06 7.52
N LYS A 108 9.02 3.52 6.33
CA LYS A 108 8.11 4.65 6.21
C LYS A 108 7.25 4.53 4.95
N PRO A 109 6.05 5.12 4.98
CA PRO A 109 5.12 5.09 3.85
C PRO A 109 5.61 5.93 2.68
N CYS A 110 5.17 5.57 1.48
CA CYS A 110 5.57 6.29 0.27
C CYS A 110 5.03 7.72 0.29
N LEU A 111 5.58 8.56 -0.59
CA LEU A 111 5.15 9.95 -0.66
C LEU A 111 4.27 10.19 -1.88
N LYS A 112 3.47 11.23 -1.84
CA LYS A 112 2.57 11.57 -2.94
C LYS A 112 3.10 12.78 -3.72
N ILE A 113 3.00 12.71 -5.04
CA ILE A 113 3.47 13.80 -5.89
C ILE A 113 2.55 15.02 -5.79
N GLN A 114 3.14 16.20 -5.71
CA GLN A 114 2.38 17.43 -5.61
C GLN A 114 2.54 18.28 -6.86
N VAL A 115 1.56 18.20 -7.77
CA VAL A 115 1.60 18.97 -9.00
C VAL A 115 2.18 20.35 -8.78
N SER A 116 2.97 20.82 -9.75
CA SER A 116 3.60 22.14 -9.65
C SER A 116 3.23 23.00 -10.86
N GLY A 117 2.08 23.66 -10.78
CA GLY A 117 1.64 24.51 -11.87
C GLY A 117 0.45 23.93 -12.61
N PRO A 118 0.04 24.60 -13.69
CA PRO A 118 -1.09 24.16 -14.52
C PRO A 118 -0.78 22.89 -15.30
N SER A 119 0.51 22.66 -15.54
CA SER A 119 0.93 21.47 -16.29
C SER A 119 0.02 20.29 -15.99
N SER A 120 -0.23 19.48 -17.02
CA SER A 120 -1.08 18.31 -16.87
C SER A 120 -0.56 17.14 -17.71
N GLY A 121 -0.52 15.97 -17.09
CA GLY A 121 -0.02 14.79 -17.79
C GLY A 121 1.15 14.14 -17.08
N GLY A 1 -25.04 12.51 -3.52
CA GLY A 1 -25.46 11.19 -3.97
C GLY A 1 -24.52 10.10 -3.50
N SER A 2 -24.46 9.00 -4.25
CA SER A 2 -23.61 7.88 -3.91
C SER A 2 -22.72 7.49 -5.08
N SER A 3 -21.42 7.37 -4.83
CA SER A 3 -20.46 7.01 -5.87
C SER A 3 -20.80 5.66 -6.48
N GLY A 4 -20.91 4.64 -5.63
CA GLY A 4 -21.24 3.31 -6.11
C GLY A 4 -20.71 2.22 -5.19
N SER A 5 -20.38 1.07 -5.78
CA SER A 5 -19.87 -0.06 -5.00
C SER A 5 -20.69 -0.26 -3.73
N SER A 6 -22.01 -0.15 -3.86
CA SER A 6 -22.91 -0.32 -2.73
C SER A 6 -22.27 0.23 -1.45
N GLY A 7 -21.61 1.38 -1.57
CA GLY A 7 -20.97 2.00 -0.43
C GLY A 7 -19.75 1.22 0.05
N ALA A 8 -18.74 1.94 0.52
CA ALA A 8 -17.52 1.31 0.99
C ALA A 8 -17.40 1.44 2.51
N GLU A 9 -17.11 0.31 3.17
CA GLU A 9 -16.97 0.31 4.62
C GLU A 9 -15.95 1.35 5.07
N ASP A 10 -14.70 1.18 4.63
CA ASP A 10 -13.64 2.11 4.99
C ASP A 10 -13.74 3.40 4.18
N ARG A 11 -13.62 4.53 4.88
CA ARG A 11 -13.70 5.84 4.23
C ARG A 11 -12.51 6.70 4.60
N SER A 12 -12.28 6.87 5.90
CA SER A 12 -11.18 7.68 6.39
C SER A 12 -9.84 7.07 5.97
N LEU A 13 -9.87 5.82 5.53
CA LEU A 13 -8.66 5.12 5.09
C LEU A 13 -7.95 5.90 3.99
N GLN A 14 -8.71 6.72 3.27
CA GLN A 14 -8.15 7.51 2.18
C GLN A 14 -7.06 8.45 2.69
N ALA A 15 -7.21 8.89 3.95
CA ALA A 15 -6.23 9.78 4.56
C ALA A 15 -4.85 9.13 4.64
N GLU A 16 -4.84 7.80 4.80
CA GLU A 16 -3.59 7.06 4.89
C GLU A 16 -2.67 7.39 3.72
N PRO A 17 -1.41 7.71 4.04
CA PRO A 17 -0.40 8.06 3.03
C PRO A 17 0.01 6.87 2.18
N TRP A 18 0.23 5.73 2.83
CA TRP A 18 0.62 4.51 2.13
C TRP A 18 -0.53 3.97 1.29
N PHE A 19 -1.72 4.52 1.51
CA PHE A 19 -2.90 4.09 0.76
C PHE A 19 -3.08 4.90 -0.52
N PHE A 20 -2.88 4.25 -1.65
CA PHE A 20 -3.02 4.92 -2.95
C PHE A 20 -4.19 4.35 -3.73
N GLY A 21 -5.31 4.11 -3.04
CA GLY A 21 -6.48 3.58 -3.68
C GLY A 21 -6.15 2.55 -4.75
N ALA A 22 -6.92 2.54 -5.82
CA ALA A 22 -6.69 1.60 -6.91
C ALA A 22 -5.78 2.19 -7.97
N ILE A 23 -4.54 1.70 -8.02
CA ILE A 23 -3.56 2.19 -8.98
C ILE A 23 -2.82 1.03 -9.65
N LYS A 24 -2.03 1.34 -10.67
CA LYS A 24 -1.27 0.33 -11.38
C LYS A 24 0.18 0.31 -10.92
N ARG A 25 0.84 -0.84 -11.05
CA ARG A 25 2.23 -0.98 -10.65
C ARG A 25 3.07 0.19 -11.15
N ALA A 26 2.67 0.74 -12.30
CA ALA A 26 3.39 1.87 -12.89
C ALA A 26 3.29 3.10 -12.00
N ASP A 27 2.09 3.38 -11.50
CA ASP A 27 1.87 4.53 -10.64
C ASP A 27 2.51 4.31 -9.27
N ALA A 28 2.40 3.09 -8.76
CA ALA A 28 2.97 2.77 -7.46
C ALA A 28 4.50 2.74 -7.52
N GLU A 29 5.04 2.19 -8.59
CA GLU A 29 6.49 2.12 -8.76
C GLU A 29 7.11 3.51 -8.79
N LYS A 30 6.81 4.26 -9.85
CA LYS A 30 7.34 5.61 -10.00
C LYS A 30 7.40 6.32 -8.65
N GLN A 31 6.40 6.08 -7.81
CA GLN A 31 6.34 6.70 -6.49
C GLN A 31 7.43 6.14 -5.58
N LEU A 32 7.63 4.83 -5.63
CA LEU A 32 8.64 4.17 -4.81
C LEU A 32 10.05 4.51 -5.32
N LEU A 33 10.21 4.48 -6.64
CA LEU A 33 11.51 4.79 -7.25
C LEU A 33 11.91 6.24 -7.00
N TYR A 34 10.92 7.07 -6.67
CA TYR A 34 11.17 8.48 -6.40
C TYR A 34 12.47 8.67 -5.63
N SER A 35 13.08 9.84 -5.78
CA SER A 35 14.34 10.14 -5.10
C SER A 35 14.12 10.29 -3.60
N GLU A 36 13.27 11.23 -3.22
CA GLU A 36 12.98 11.47 -1.81
C GLU A 36 12.77 10.16 -1.06
N ASN A 37 12.15 9.20 -1.73
CA ASN A 37 11.90 7.89 -1.13
C ASN A 37 13.13 7.00 -1.22
N GLN A 38 13.31 6.16 -0.21
CA GLN A 38 14.45 5.26 -0.17
C GLN A 38 14.05 3.88 0.35
N THR A 39 14.99 2.95 0.33
CA THR A 39 14.72 1.59 0.81
C THR A 39 13.77 1.59 2.00
N GLY A 40 12.60 1.00 1.81
CA GLY A 40 11.62 0.95 2.88
C GLY A 40 10.28 1.49 2.47
N ALA A 41 10.28 2.53 1.65
CA ALA A 41 9.05 3.14 1.17
C ALA A 41 8.04 2.08 0.73
N PHE A 42 6.92 2.02 1.42
CA PHE A 42 5.87 1.06 1.10
C PHE A 42 4.56 1.75 0.76
N LEU A 43 3.68 1.05 0.05
CA LEU A 43 2.40 1.60 -0.34
C LEU A 43 1.44 0.50 -0.78
N ILE A 44 0.21 0.55 -0.27
CA ILE A 44 -0.80 -0.45 -0.61
C ILE A 44 -1.82 0.12 -1.59
N ARG A 45 -2.22 -0.70 -2.57
CA ARG A 45 -3.18 -0.28 -3.57
C ARG A 45 -4.21 -1.38 -3.83
N GLU A 46 -5.34 -1.01 -4.40
CA GLU A 46 -6.40 -1.96 -4.70
C GLU A 46 -6.12 -2.69 -6.01
N SER A 47 -6.46 -3.98 -6.06
CA SER A 47 -6.24 -4.79 -7.25
C SER A 47 -7.33 -4.55 -8.28
N GLU A 48 -7.11 -3.55 -9.14
CA GLU A 48 -8.07 -3.21 -10.18
C GLU A 48 -8.71 -4.46 -10.76
N SER A 49 -7.89 -5.48 -11.03
CA SER A 49 -8.38 -6.73 -11.59
C SER A 49 -9.52 -7.28 -10.76
N GLN A 50 -9.26 -7.53 -9.48
CA GLN A 50 -10.27 -8.07 -8.57
C GLN A 50 -10.38 -7.21 -7.32
N LYS A 51 -11.37 -6.33 -7.29
CA LYS A 51 -11.60 -5.46 -6.15
C LYS A 51 -11.53 -6.25 -4.84
N GLY A 52 -11.56 -5.52 -3.72
CA GLY A 52 -11.51 -6.17 -2.42
C GLY A 52 -10.09 -6.54 -2.01
N ASP A 53 -9.29 -6.97 -2.98
CA ASP A 53 -7.91 -7.35 -2.72
C ASP A 53 -7.02 -6.12 -2.62
N PHE A 54 -5.77 -6.34 -2.25
CA PHE A 54 -4.81 -5.25 -2.10
C PHE A 54 -3.38 -5.74 -2.33
N SER A 55 -2.54 -4.87 -2.87
CA SER A 55 -1.15 -5.21 -3.14
C SER A 55 -0.20 -4.30 -2.38
N LEU A 56 0.79 -4.90 -1.73
CA LEU A 56 1.76 -4.14 -0.95
C LEU A 56 3.04 -3.91 -1.75
N SER A 57 3.27 -2.65 -2.13
CA SER A 57 4.45 -2.30 -2.91
C SER A 57 5.52 -1.68 -2.02
N VAL A 58 6.63 -2.38 -1.86
CA VAL A 58 7.73 -1.89 -1.03
C VAL A 58 9.01 -1.71 -1.85
N LEU A 59 9.83 -0.75 -1.45
CA LEU A 59 11.08 -0.46 -2.15
C LEU A 59 12.27 -1.05 -1.41
N ASP A 60 13.16 -1.71 -2.14
CA ASP A 60 14.34 -2.31 -1.54
C ASP A 60 15.59 -1.97 -2.35
N GLU A 61 16.18 -0.82 -2.07
CA GLU A 61 17.38 -0.38 -2.78
C GLU A 61 17.05 0.02 -4.21
N GLY A 62 15.81 0.48 -4.42
CA GLY A 62 15.40 0.89 -5.75
C GLY A 62 14.56 -0.17 -6.44
N VAL A 63 14.39 -1.31 -5.79
CA VAL A 63 13.60 -2.41 -6.35
C VAL A 63 12.20 -2.43 -5.76
N VAL A 64 11.19 -2.41 -6.63
CA VAL A 64 9.81 -2.43 -6.20
C VAL A 64 9.30 -3.86 -6.06
N LYS A 65 9.29 -4.35 -4.82
CA LYS A 65 8.83 -5.71 -4.54
C LYS A 65 7.37 -5.70 -4.13
N HIS A 66 6.50 -6.14 -5.04
CA HIS A 66 5.07 -6.20 -4.77
C HIS A 66 4.69 -7.47 -4.03
N TYR A 67 3.86 -7.34 -3.01
CA TYR A 67 3.43 -8.48 -2.22
C TYR A 67 1.91 -8.56 -2.15
N ARG A 68 1.35 -9.61 -2.75
CA ARG A 68 -0.10 -9.80 -2.75
C ARG A 68 -0.63 -9.95 -1.33
N ILE A 69 -1.78 -9.33 -1.07
CA ILE A 69 -2.40 -9.41 0.25
C ILE A 69 -3.77 -10.07 0.18
N ARG A 70 -3.83 -11.33 0.58
CA ARG A 70 -5.08 -12.08 0.55
C ARG A 70 -5.94 -11.73 1.77
N ARG A 71 -7.22 -12.11 1.72
CA ARG A 71 -8.13 -11.83 2.81
C ARG A 71 -8.82 -13.12 3.28
N LEU A 72 -9.26 -13.12 4.53
CA LEU A 72 -9.93 -14.28 5.11
C LEU A 72 -11.44 -14.15 5.00
N ASP A 73 -12.16 -15.11 5.57
CA ASP A 73 -13.62 -15.09 5.55
C ASP A 73 -14.16 -14.10 6.57
N GLU A 74 -13.48 -13.98 7.71
CA GLU A 74 -13.91 -13.06 8.76
C GLU A 74 -13.81 -11.61 8.30
N GLY A 75 -12.83 -11.34 7.44
CA GLY A 75 -12.65 -9.99 6.94
C GLY A 75 -11.33 -9.39 7.37
N GLY A 76 -10.31 -10.23 7.53
CA GLY A 76 -9.00 -9.76 7.94
C GLY A 76 -7.95 -9.93 6.86
N PHE A 77 -7.08 -8.95 6.73
CA PHE A 77 -6.02 -8.98 5.73
C PHE A 77 -4.76 -9.64 6.29
N PHE A 78 -4.11 -10.47 5.48
CA PHE A 78 -2.90 -11.16 5.90
C PHE A 78 -2.01 -11.46 4.70
N LEU A 79 -0.73 -11.08 4.81
CA LEU A 79 0.22 -11.31 3.73
C LEU A 79 0.83 -12.71 3.82
N THR A 80 0.83 -13.26 5.04
CA THR A 80 1.38 -14.59 5.27
C THR A 80 0.57 -15.35 6.30
N ARG A 81 0.31 -16.62 6.02
CA ARG A 81 -0.47 -17.46 6.93
C ARG A 81 0.16 -17.47 8.32
N ARG A 82 1.39 -16.97 8.42
CA ARG A 82 2.08 -16.92 9.70
C ARG A 82 1.44 -15.89 10.63
N LYS A 83 0.82 -14.87 10.04
CA LYS A 83 0.17 -13.82 10.81
C LYS A 83 -0.96 -13.18 10.01
N VAL A 84 -2.03 -12.81 10.71
CA VAL A 84 -3.19 -12.19 10.07
C VAL A 84 -3.63 -10.94 10.83
N PHE A 85 -3.94 -9.88 10.08
CA PHE A 85 -4.37 -8.63 10.68
C PHE A 85 -5.87 -8.40 10.44
N SER A 86 -6.36 -7.24 10.88
CA SER A 86 -7.76 -6.90 10.70
C SER A 86 -7.95 -5.91 9.57
N THR A 87 -7.20 -4.81 9.62
CA THR A 87 -7.29 -3.77 8.59
C THR A 87 -5.91 -3.36 8.11
N LEU A 88 -5.85 -2.75 6.94
CA LEU A 88 -4.58 -2.30 6.37
C LEU A 88 -3.74 -1.56 7.42
N ASN A 89 -4.42 -0.99 8.41
CA ASN A 89 -3.74 -0.26 9.47
C ASN A 89 -2.80 -1.18 10.25
N GLU A 90 -3.39 -2.10 11.01
CA GLU A 90 -2.61 -3.04 11.80
C GLU A 90 -1.65 -3.84 10.91
N PHE A 91 -1.98 -3.92 9.63
CA PHE A 91 -1.16 -4.65 8.68
C PHE A 91 0.22 -4.02 8.55
N VAL A 92 0.27 -2.70 8.50
CA VAL A 92 1.52 -1.97 8.38
C VAL A 92 2.07 -1.59 9.75
N ASN A 93 1.17 -1.24 10.67
CA ASN A 93 1.58 -0.86 12.01
C ASN A 93 2.34 -1.99 12.70
N TYR A 94 2.13 -3.21 12.22
CA TYR A 94 2.80 -4.38 12.78
C TYR A 94 4.16 -4.60 12.11
N TYR A 95 4.13 -4.89 10.82
CA TYR A 95 5.36 -5.12 10.07
C TYR A 95 6.39 -4.03 10.34
N THR A 96 5.91 -2.80 10.49
CA THR A 96 6.79 -1.66 10.76
C THR A 96 7.76 -1.97 11.89
N THR A 97 7.32 -2.82 12.82
CA THR A 97 8.15 -3.19 13.96
C THR A 97 9.07 -4.36 13.61
N THR A 98 8.67 -5.14 12.61
CA THR A 98 9.45 -6.29 12.17
C THR A 98 9.05 -6.74 10.78
N SER A 99 10.03 -7.10 9.97
CA SER A 99 9.78 -7.55 8.60
C SER A 99 9.04 -8.89 8.60
N ASP A 100 9.34 -9.72 9.59
CA ASP A 100 8.71 -11.03 9.70
C ASP A 100 8.95 -11.86 8.44
N GLY A 101 10.18 -11.83 7.94
CA GLY A 101 10.51 -12.59 6.75
C GLY A 101 10.55 -11.70 5.51
N LEU A 102 9.70 -10.69 5.47
CA LEU A 102 9.63 -9.78 4.34
C LEU A 102 11.03 -9.29 3.96
N CYS A 103 11.34 -9.33 2.67
CA CYS A 103 12.63 -8.89 2.16
C CYS A 103 13.16 -7.72 2.99
N VAL A 104 12.28 -6.78 3.31
CA VAL A 104 12.64 -5.61 4.09
C VAL A 104 11.53 -5.20 5.05
N LYS A 105 11.89 -4.47 6.09
CA LYS A 105 10.92 -4.02 7.08
C LYS A 105 10.37 -2.65 6.71
N LEU A 106 9.05 -2.55 6.64
CA LEU A 106 8.39 -1.29 6.30
C LEU A 106 8.88 -0.16 7.20
N GLU A 107 9.52 0.84 6.59
CA GLU A 107 10.04 1.97 7.34
C GLU A 107 9.03 3.12 7.36
N LYS A 108 8.84 3.75 6.21
CA LYS A 108 7.90 4.86 6.09
C LYS A 108 7.07 4.74 4.82
N PRO A 109 5.86 5.30 4.85
CA PRO A 109 4.94 5.26 3.70
C PRO A 109 5.43 6.14 2.55
N CYS A 110 5.24 5.64 1.33
CA CYS A 110 5.66 6.38 0.14
C CYS A 110 5.10 7.79 0.15
N LEU A 111 5.61 8.63 -0.75
CA LEU A 111 5.16 10.02 -0.84
C LEU A 111 4.14 10.18 -1.96
N LYS A 112 3.52 11.36 -2.03
CA LYS A 112 2.52 11.65 -3.05
C LYS A 112 2.98 12.79 -3.95
N ILE A 113 2.89 12.57 -5.26
CA ILE A 113 3.30 13.57 -6.23
C ILE A 113 2.10 14.37 -6.73
N GLN A 114 2.30 15.67 -6.94
CA GLN A 114 1.24 16.54 -7.43
C GLN A 114 1.64 17.23 -8.72
N VAL A 115 1.23 16.67 -9.84
CA VAL A 115 1.55 17.23 -11.15
C VAL A 115 0.30 17.77 -11.84
N SER A 116 -0.87 17.36 -11.35
CA SER A 116 -2.13 17.79 -11.92
C SER A 116 -2.90 18.67 -10.94
N GLY A 117 -3.47 19.77 -11.44
CA GLY A 117 -4.22 20.67 -10.58
C GLY A 117 -5.67 20.25 -10.45
N PRO A 118 -6.30 20.65 -9.33
CA PRO A 118 -7.71 20.32 -9.06
C PRO A 118 -8.66 21.07 -9.98
N SER A 119 -8.21 22.20 -10.50
CA SER A 119 -9.03 23.01 -11.40
C SER A 119 -8.46 23.01 -12.81
N SER A 120 -9.30 22.70 -13.79
CA SER A 120 -8.87 22.65 -15.18
C SER A 120 -9.24 23.94 -15.90
N GLY A 121 -8.24 24.62 -16.45
CA GLY A 121 -8.48 25.86 -17.17
C GLY A 121 -7.22 26.42 -17.79
N GLY A 1 -13.68 3.10 -11.85
CA GLY A 1 -13.90 4.49 -12.22
C GLY A 1 -14.35 5.32 -11.03
N SER A 2 -15.21 6.31 -11.29
CA SER A 2 -15.71 7.19 -10.24
C SER A 2 -16.79 6.49 -9.41
N SER A 3 -16.99 6.97 -8.19
CA SER A 3 -17.98 6.38 -7.31
C SER A 3 -19.14 7.34 -7.08
N GLY A 4 -18.81 8.60 -6.80
CA GLY A 4 -19.83 9.61 -6.57
C GLY A 4 -20.35 9.59 -5.15
N SER A 5 -21.43 8.86 -4.92
CA SER A 5 -22.03 8.76 -3.59
C SER A 5 -21.08 8.10 -2.61
N SER A 6 -21.20 8.45 -1.34
CA SER A 6 -20.34 7.88 -0.30
C SER A 6 -20.95 6.61 0.27
N GLY A 7 -20.09 5.69 0.70
CA GLY A 7 -20.55 4.43 1.25
C GLY A 7 -19.66 3.27 0.89
N ALA A 8 -18.52 3.16 1.58
CA ALA A 8 -17.58 2.07 1.32
C ALA A 8 -16.83 1.70 2.59
N GLU A 9 -16.45 0.42 2.69
CA GLU A 9 -15.72 -0.07 3.86
C GLU A 9 -14.47 0.75 4.10
N ASP A 10 -13.71 0.98 3.04
CA ASP A 10 -12.47 1.76 3.14
C ASP A 10 -12.75 3.25 3.02
N ARG A 11 -13.04 3.89 4.15
CA ARG A 11 -13.34 5.32 4.17
C ARG A 11 -12.24 6.08 4.89
N SER A 12 -12.13 5.87 6.20
CA SER A 12 -11.11 6.56 7.00
C SER A 12 -9.72 6.38 6.39
N LEU A 13 -9.48 5.21 5.81
CA LEU A 13 -8.20 4.92 5.18
C LEU A 13 -7.79 6.05 4.23
N GLN A 14 -8.78 6.75 3.68
CA GLN A 14 -8.52 7.85 2.76
C GLN A 14 -7.53 8.84 3.37
N ALA A 15 -7.35 8.76 4.68
CA ALA A 15 -6.44 9.65 5.38
C ALA A 15 -5.02 9.08 5.38
N GLU A 16 -4.91 7.77 5.32
CA GLU A 16 -3.61 7.10 5.31
C GLU A 16 -2.80 7.50 4.08
N PRO A 17 -1.54 7.88 4.31
CA PRO A 17 -0.64 8.29 3.23
C PRO A 17 -0.23 7.13 2.34
N TRP A 18 0.14 6.01 2.96
CA TRP A 18 0.56 4.83 2.22
C TRP A 18 -0.60 4.28 1.36
N PHE A 19 -1.81 4.73 1.67
CA PHE A 19 -2.99 4.29 0.95
C PHE A 19 -3.21 5.15 -0.29
N PHE A 20 -3.01 4.57 -1.47
CA PHE A 20 -3.19 5.28 -2.73
C PHE A 20 -4.41 4.76 -3.47
N GLY A 21 -5.49 4.51 -2.74
CA GLY A 21 -6.70 4.02 -3.34
C GLY A 21 -6.46 2.87 -4.31
N ALA A 22 -6.87 3.04 -5.56
CA ALA A 22 -6.69 2.01 -6.57
C ALA A 22 -5.78 2.50 -7.69
N ILE A 23 -4.52 2.07 -7.66
CA ILE A 23 -3.56 2.47 -8.68
C ILE A 23 -2.86 1.25 -9.27
N LYS A 24 -2.23 1.44 -10.43
CA LYS A 24 -1.52 0.37 -11.11
C LYS A 24 -0.09 0.24 -10.59
N ARG A 25 0.58 -0.85 -10.94
CA ARG A 25 1.95 -1.09 -10.50
C ARG A 25 2.87 0.05 -10.96
N ALA A 26 2.60 0.58 -12.15
CA ALA A 26 3.39 1.67 -12.70
C ALA A 26 3.33 2.90 -11.81
N ASP A 27 2.13 3.23 -11.33
CA ASP A 27 1.95 4.38 -10.46
C ASP A 27 2.55 4.13 -9.09
N ALA A 28 2.36 2.93 -8.56
CA ALA A 28 2.90 2.57 -7.26
C ALA A 28 4.41 2.43 -7.30
N GLU A 29 4.93 1.99 -8.43
CA GLU A 29 6.37 1.81 -8.60
C GLU A 29 7.07 3.18 -8.68
N LYS A 30 6.71 3.96 -9.69
CA LYS A 30 7.31 5.28 -9.87
C LYS A 30 7.34 6.05 -8.56
N GLN A 31 6.28 5.93 -7.77
CA GLN A 31 6.18 6.61 -6.49
C GLN A 31 7.21 6.07 -5.51
N LEU A 32 7.53 4.78 -5.65
CA LEU A 32 8.51 4.14 -4.78
C LEU A 32 9.94 4.47 -5.21
N LEU A 33 10.21 4.26 -6.49
CA LEU A 33 11.54 4.54 -7.04
C LEU A 33 11.91 6.01 -6.85
N TYR A 34 10.92 6.84 -6.57
CA TYR A 34 11.14 8.26 -6.37
C TYR A 34 12.46 8.51 -5.65
N SER A 35 13.04 9.68 -5.87
CA SER A 35 14.32 10.04 -5.25
C SER A 35 14.14 10.25 -3.75
N GLU A 36 13.39 11.29 -3.39
CA GLU A 36 13.15 11.59 -1.99
C GLU A 36 12.90 10.32 -1.18
N ASN A 37 12.36 9.31 -1.85
CA ASN A 37 12.07 8.03 -1.20
C ASN A 37 13.30 7.12 -1.21
N GLN A 38 13.42 6.29 -0.17
CA GLN A 38 14.55 5.38 -0.06
C GLN A 38 14.08 4.01 0.42
N THR A 39 15.03 3.09 0.57
CA THR A 39 14.73 1.73 1.03
C THR A 39 13.78 1.76 2.23
N GLY A 40 12.57 1.27 2.04
CA GLY A 40 11.60 1.25 3.12
C GLY A 40 10.25 1.80 2.70
N ALA A 41 10.26 2.80 1.83
CA ALA A 41 9.03 3.42 1.35
C ALA A 41 8.03 2.36 0.91
N PHE A 42 6.89 2.30 1.61
CA PHE A 42 5.86 1.33 1.29
C PHE A 42 4.54 2.03 0.93
N LEU A 43 3.68 1.32 0.21
CA LEU A 43 2.40 1.88 -0.20
C LEU A 43 1.45 0.78 -0.65
N ILE A 44 0.21 0.82 -0.15
CA ILE A 44 -0.79 -0.17 -0.52
C ILE A 44 -1.80 0.39 -1.51
N ARG A 45 -2.31 -0.47 -2.38
CA ARG A 45 -3.29 -0.05 -3.38
C ARG A 45 -4.29 -1.17 -3.65
N GLU A 46 -5.40 -0.81 -4.29
CA GLU A 46 -6.44 -1.77 -4.61
C GLU A 46 -6.10 -2.53 -5.89
N SER A 47 -6.09 -3.86 -5.80
CA SER A 47 -5.78 -4.70 -6.95
C SER A 47 -6.73 -4.43 -8.11
N GLU A 48 -6.21 -3.86 -9.18
CA GLU A 48 -7.01 -3.54 -10.35
C GLU A 48 -7.73 -4.78 -10.88
N SER A 49 -8.74 -4.56 -11.71
CA SER A 49 -9.51 -5.67 -12.27
C SER A 49 -10.13 -6.52 -11.17
N GLN A 50 -10.33 -5.91 -10.01
CA GLN A 50 -10.93 -6.61 -8.87
C GLN A 50 -11.40 -5.63 -7.80
N LYS A 51 -12.22 -6.12 -6.87
CA LYS A 51 -12.73 -5.28 -5.80
C LYS A 51 -12.55 -5.97 -4.45
N GLY A 52 -11.71 -5.38 -3.60
CA GLY A 52 -11.47 -5.96 -2.28
C GLY A 52 -10.02 -6.29 -2.06
N ASP A 53 -9.39 -6.91 -3.06
CA ASP A 53 -7.99 -7.29 -2.97
C ASP A 53 -7.09 -6.06 -2.91
N PHE A 54 -5.89 -6.23 -2.35
CA PHE A 54 -4.94 -5.13 -2.23
C PHE A 54 -3.52 -5.61 -2.54
N SER A 55 -2.64 -4.65 -2.80
CA SER A 55 -1.25 -4.97 -3.11
C SER A 55 -0.29 -4.05 -2.35
N LEU A 56 0.73 -4.65 -1.74
CA LEU A 56 1.71 -3.88 -0.98
C LEU A 56 2.97 -3.65 -1.80
N SER A 57 3.29 -2.39 -2.05
CA SER A 57 4.47 -2.03 -2.83
C SER A 57 5.53 -1.38 -1.94
N VAL A 58 6.67 -2.04 -1.80
CA VAL A 58 7.76 -1.52 -0.98
C VAL A 58 9.03 -1.37 -1.80
N LEU A 59 9.89 -0.44 -1.39
CA LEU A 59 11.14 -0.19 -2.08
C LEU A 59 12.31 -0.87 -1.37
N ASP A 60 13.10 -1.61 -2.12
CA ASP A 60 14.26 -2.31 -1.56
C ASP A 60 15.49 -2.13 -2.45
N GLU A 61 16.21 -1.02 -2.23
CA GLU A 61 17.40 -0.73 -3.01
C GLU A 61 17.04 -0.35 -4.43
N GLY A 62 16.10 0.58 -4.58
CA GLY A 62 15.68 1.01 -5.90
C GLY A 62 14.75 0.03 -6.56
N VAL A 63 14.55 -1.12 -5.93
CA VAL A 63 13.67 -2.15 -6.47
C VAL A 63 12.29 -2.09 -5.81
N VAL A 64 11.29 -2.62 -6.51
CA VAL A 64 9.92 -2.62 -6.01
C VAL A 64 9.43 -4.05 -5.77
N LYS A 65 9.31 -4.43 -4.51
CA LYS A 65 8.84 -5.77 -4.15
C LYS A 65 7.32 -5.80 -4.07
N HIS A 66 6.69 -6.41 -5.07
CA HIS A 66 5.24 -6.51 -5.11
C HIS A 66 4.76 -7.72 -4.30
N TYR A 67 4.12 -7.44 -3.16
CA TYR A 67 3.61 -8.49 -2.30
C TYR A 67 2.09 -8.59 -2.38
N ARG A 68 1.60 -9.77 -2.74
CA ARG A 68 0.17 -10.00 -2.87
C ARG A 68 -0.49 -10.07 -1.49
N ILE A 69 -1.53 -9.26 -1.30
CA ILE A 69 -2.24 -9.23 -0.03
C ILE A 69 -3.52 -10.07 -0.09
N ARG A 70 -3.48 -11.25 0.51
CA ARG A 70 -4.62 -12.15 0.51
C ARG A 70 -5.52 -11.88 1.72
N ARG A 71 -6.82 -12.07 1.55
CA ARG A 71 -7.77 -11.85 2.62
C ARG A 71 -8.43 -13.16 3.05
N LEU A 72 -8.86 -13.22 4.30
CA LEU A 72 -9.51 -14.42 4.83
C LEU A 72 -11.02 -14.24 4.87
N ASP A 73 -11.71 -15.24 5.41
CA ASP A 73 -13.17 -15.20 5.51
C ASP A 73 -13.59 -14.93 6.95
N GLU A 74 -12.69 -15.15 7.90
CA GLU A 74 -12.98 -14.93 9.30
C GLU A 74 -12.25 -13.70 9.83
N GLY A 75 -11.07 -13.43 9.26
CA GLY A 75 -10.29 -12.28 9.68
C GLY A 75 -10.40 -11.12 8.71
N GLY A 76 -9.26 -10.71 8.16
CA GLY A 76 -9.25 -9.60 7.23
C GLY A 76 -8.17 -9.74 6.18
N PHE A 77 -7.06 -9.02 6.38
CA PHE A 77 -5.94 -9.07 5.44
C PHE A 77 -4.72 -9.74 6.08
N PHE A 78 -3.90 -10.37 5.24
CA PHE A 78 -2.70 -11.05 5.72
C PHE A 78 -1.72 -11.27 4.59
N LEU A 79 -0.46 -10.90 4.82
CA LEU A 79 0.59 -11.06 3.82
C LEU A 79 1.30 -12.39 3.98
N THR A 80 1.09 -13.04 5.12
CA THR A 80 1.71 -14.33 5.40
C THR A 80 0.89 -15.14 6.40
N ARG A 81 0.41 -16.29 5.96
CA ARG A 81 -0.40 -17.16 6.81
C ARG A 81 0.05 -17.06 8.26
N ARG A 82 1.36 -17.10 8.48
CA ARG A 82 1.92 -17.01 9.83
C ARG A 82 1.20 -15.95 10.65
N LYS A 83 1.07 -14.75 10.08
CA LYS A 83 0.40 -13.65 10.76
C LYS A 83 -0.83 -13.19 9.97
N VAL A 84 -1.78 -12.59 10.66
CA VAL A 84 -2.99 -12.09 10.03
C VAL A 84 -3.51 -10.84 10.73
N PHE A 85 -3.96 -9.87 9.94
CA PHE A 85 -4.48 -8.61 10.47
C PHE A 85 -5.96 -8.46 10.15
N SER A 86 -6.53 -7.33 10.55
CA SER A 86 -7.95 -7.05 10.30
C SER A 86 -8.11 -5.94 9.27
N THR A 87 -7.32 -4.88 9.42
CA THR A 87 -7.37 -3.74 8.51
C THR A 87 -5.98 -3.34 8.05
N LEU A 88 -5.90 -2.72 6.88
CA LEU A 88 -4.63 -2.28 6.33
C LEU A 88 -3.80 -1.55 7.38
N ASN A 89 -4.48 -0.97 8.36
CA ASN A 89 -3.81 -0.24 9.44
C ASN A 89 -2.91 -1.17 10.25
N GLU A 90 -3.52 -2.17 10.88
CA GLU A 90 -2.78 -3.13 11.69
C GLU A 90 -1.83 -3.94 10.82
N PHE A 91 -2.04 -3.89 9.51
CA PHE A 91 -1.20 -4.64 8.58
C PHE A 91 0.19 -4.01 8.49
N VAL A 92 0.24 -2.68 8.48
CA VAL A 92 1.50 -1.96 8.40
C VAL A 92 2.05 -1.64 9.78
N ASN A 93 1.14 -1.33 10.71
CA ASN A 93 1.53 -0.99 12.07
C ASN A 93 2.27 -2.16 12.73
N TYR A 94 2.19 -3.34 12.09
CA TYR A 94 2.85 -4.52 12.62
C TYR A 94 4.24 -4.69 12.01
N TYR A 95 4.28 -4.88 10.69
CA TYR A 95 5.55 -5.05 10.00
C TYR A 95 6.50 -3.89 10.28
N THR A 96 5.93 -2.73 10.59
CA THR A 96 6.72 -1.55 10.89
C THR A 96 7.72 -1.83 12.01
N THR A 97 7.52 -2.94 12.72
CA THR A 97 8.40 -3.32 13.82
C THR A 97 9.38 -4.40 13.38
N THR A 98 8.95 -5.24 12.43
CA THR A 98 9.80 -6.33 11.94
C THR A 98 9.36 -6.75 10.54
N SER A 99 10.30 -7.28 9.77
CA SER A 99 10.02 -7.72 8.41
C SER A 99 9.91 -9.25 8.35
N ASP A 100 9.42 -9.84 9.44
CA ASP A 100 9.27 -11.30 9.51
C ASP A 100 8.89 -11.86 8.16
N GLY A 101 9.86 -12.46 7.47
CA GLY A 101 9.61 -13.04 6.17
C GLY A 101 9.81 -12.04 5.04
N LEU A 102 9.29 -10.83 5.22
CA LEU A 102 9.42 -9.79 4.21
C LEU A 102 10.89 -9.47 3.94
N CYS A 103 11.18 -9.06 2.71
CA CYS A 103 12.55 -8.73 2.32
C CYS A 103 13.07 -7.55 3.14
N VAL A 104 12.19 -6.60 3.44
CA VAL A 104 12.57 -5.42 4.21
C VAL A 104 11.46 -5.03 5.18
N LYS A 105 11.82 -4.29 6.22
CA LYS A 105 10.86 -3.84 7.22
C LYS A 105 10.32 -2.46 6.86
N LEU A 106 8.99 -2.33 6.85
CA LEU A 106 8.35 -1.05 6.53
C LEU A 106 8.81 0.04 7.48
N GLU A 107 9.58 0.99 6.96
CA GLU A 107 10.08 2.10 7.77
C GLU A 107 9.15 3.31 7.67
N LYS A 108 8.87 3.73 6.44
CA LYS A 108 8.00 4.88 6.21
C LYS A 108 7.15 4.67 4.96
N PRO A 109 6.00 5.34 4.91
CA PRO A 109 5.08 5.25 3.77
C PRO A 109 5.63 5.92 2.52
N CYS A 110 5.02 5.62 1.38
CA CYS A 110 5.45 6.20 0.11
C CYS A 110 4.94 7.63 -0.04
N LEU A 111 5.70 8.45 -0.76
CA LEU A 111 5.34 9.84 -0.97
C LEU A 111 4.34 9.98 -2.11
N LYS A 112 3.83 11.19 -2.31
CA LYS A 112 2.86 11.45 -3.37
C LYS A 112 3.38 12.51 -4.33
N ILE A 113 3.20 12.28 -5.62
CA ILE A 113 3.65 13.22 -6.65
C ILE A 113 2.49 14.04 -7.18
N GLN A 114 2.78 15.27 -7.60
CA GLN A 114 1.75 16.16 -8.14
C GLN A 114 1.25 15.66 -9.49
N VAL A 115 0.06 15.09 -9.49
CA VAL A 115 -0.54 14.57 -10.72
C VAL A 115 -1.61 15.52 -11.26
N SER A 116 -2.39 16.08 -10.35
CA SER A 116 -3.46 17.01 -10.72
C SER A 116 -3.06 17.83 -11.95
N GLY A 117 -1.83 18.34 -11.93
CA GLY A 117 -1.34 19.14 -13.03
C GLY A 117 -0.29 20.14 -12.61
N PRO A 118 0.68 20.41 -13.49
CA PRO A 118 1.76 21.37 -13.22
C PRO A 118 1.27 22.81 -13.17
N SER A 119 1.00 23.30 -11.96
CA SER A 119 0.53 24.67 -11.79
C SER A 119 1.53 25.49 -10.99
N SER A 120 2.23 26.39 -11.67
CA SER A 120 3.22 27.25 -11.03
C SER A 120 2.56 28.47 -10.42
N GLY A 121 2.84 28.73 -9.14
CA GLY A 121 2.27 29.88 -8.47
C GLY A 121 0.75 29.83 -8.43
N GLY A 1 -6.68 8.19 -22.72
CA GLY A 1 -7.50 7.12 -22.21
C GLY A 1 -7.60 7.14 -20.69
N SER A 2 -8.78 7.43 -20.18
CA SER A 2 -9.00 7.49 -18.74
C SER A 2 -10.01 6.44 -18.30
N SER A 3 -10.13 6.25 -16.99
CA SER A 3 -11.06 5.28 -16.43
C SER A 3 -11.71 5.81 -15.15
N GLY A 4 -12.75 5.13 -14.69
CA GLY A 4 -13.44 5.54 -13.48
C GLY A 4 -14.21 4.41 -12.84
N SER A 5 -14.17 4.34 -11.52
CA SER A 5 -14.86 3.30 -10.77
C SER A 5 -15.05 3.69 -9.31
N SER A 6 -16.16 3.25 -8.72
CA SER A 6 -16.45 3.57 -7.33
C SER A 6 -16.94 2.32 -6.59
N GLY A 7 -16.80 2.35 -5.26
CA GLY A 7 -17.22 1.21 -4.45
C GLY A 7 -16.13 0.75 -3.50
N ALA A 8 -16.44 0.76 -2.21
CA ALA A 8 -15.48 0.34 -1.19
C ALA A 8 -16.12 0.31 0.19
N GLU A 9 -15.47 -0.35 1.13
CA GLU A 9 -15.97 -0.46 2.49
C GLU A 9 -15.43 0.68 3.36
N ASP A 10 -14.11 0.78 3.43
CA ASP A 10 -13.48 1.82 4.23
C ASP A 10 -13.52 3.17 3.51
N ARG A 11 -13.54 4.25 4.28
CA ARG A 11 -13.60 5.59 3.71
C ARG A 11 -12.47 6.46 4.27
N SER A 12 -12.47 6.66 5.58
CA SER A 12 -11.46 7.47 6.23
C SER A 12 -10.06 6.99 5.86
N LEU A 13 -9.95 5.71 5.52
CA LEU A 13 -8.67 5.12 5.15
C LEU A 13 -7.98 5.95 4.07
N GLN A 14 -8.78 6.71 3.31
CA GLN A 14 -8.24 7.55 2.25
C GLN A 14 -7.20 8.51 2.80
N ALA A 15 -7.32 8.84 4.08
CA ALA A 15 -6.38 9.76 4.72
C ALA A 15 -4.99 9.14 4.84
N GLU A 16 -4.95 7.81 4.92
CA GLU A 16 -3.69 7.09 5.04
C GLU A 16 -2.74 7.49 3.91
N PRO A 17 -1.47 7.75 4.27
CA PRO A 17 -0.44 8.13 3.31
C PRO A 17 -0.04 6.98 2.39
N TRP A 18 0.18 5.81 2.97
CA TRP A 18 0.56 4.63 2.20
C TRP A 18 -0.60 4.14 1.34
N PHE A 19 -1.80 4.63 1.63
CA PHE A 19 -2.99 4.25 0.88
C PHE A 19 -3.18 5.15 -0.34
N PHE A 20 -3.07 4.56 -1.52
CA PHE A 20 -3.23 5.30 -2.77
C PHE A 20 -4.47 4.86 -3.51
N GLY A 21 -5.47 4.41 -2.77
CA GLY A 21 -6.72 3.95 -3.38
C GLY A 21 -6.49 2.82 -4.37
N ALA A 22 -6.89 3.05 -5.62
CA ALA A 22 -6.72 2.04 -6.66
C ALA A 22 -5.77 2.52 -7.75
N ILE A 23 -4.54 2.01 -7.72
CA ILE A 23 -3.53 2.38 -8.70
C ILE A 23 -2.83 1.15 -9.27
N LYS A 24 -2.16 1.34 -10.39
CA LYS A 24 -1.44 0.24 -11.04
C LYS A 24 0.01 0.19 -10.57
N ARG A 25 0.65 -0.96 -10.78
CA ARG A 25 2.05 -1.14 -10.38
C ARG A 25 2.92 -0.03 -10.93
N ALA A 26 2.59 0.46 -12.13
CA ALA A 26 3.35 1.52 -12.76
C ALA A 26 3.27 2.81 -11.94
N ASP A 27 2.07 3.15 -11.50
CA ASP A 27 1.88 4.37 -10.70
C ASP A 27 2.48 4.20 -9.32
N ALA A 28 2.32 3.03 -8.73
CA ALA A 28 2.84 2.75 -7.40
C ALA A 28 4.37 2.78 -7.41
N GLU A 29 4.97 2.13 -8.40
CA GLU A 29 6.42 2.08 -8.51
C GLU A 29 7.01 3.48 -8.56
N LYS A 30 6.60 4.25 -9.57
CA LYS A 30 7.08 5.62 -9.74
C LYS A 30 7.21 6.31 -8.39
N GLN A 31 6.25 6.06 -7.51
CA GLN A 31 6.26 6.67 -6.18
C GLN A 31 7.36 6.07 -5.32
N LEU A 32 7.59 4.78 -5.46
CA LEU A 32 8.61 4.09 -4.69
C LEU A 32 10.01 4.44 -5.20
N LEU A 33 10.21 4.32 -6.51
CA LEU A 33 11.49 4.64 -7.12
C LEU A 33 11.88 6.09 -6.86
N TYR A 34 10.90 6.91 -6.49
CA TYR A 34 11.13 8.32 -6.21
C TYR A 34 12.49 8.51 -5.53
N SER A 35 13.07 9.69 -5.72
CA SER A 35 14.36 10.02 -5.13
C SER A 35 14.22 10.24 -3.62
N GLU A 36 13.39 11.19 -3.25
CA GLU A 36 13.17 11.50 -1.83
C GLU A 36 12.94 10.23 -1.03
N ASN A 37 12.34 9.23 -1.67
CA ASN A 37 12.05 7.96 -1.00
C ASN A 37 13.27 7.04 -1.06
N GLN A 38 13.46 6.27 0.01
CA GLN A 38 14.59 5.34 0.08
C GLN A 38 14.13 3.97 0.54
N THR A 39 15.08 3.04 0.65
CA THR A 39 14.77 1.68 1.08
C THR A 39 13.81 1.68 2.28
N GLY A 40 12.61 1.16 2.06
CA GLY A 40 11.62 1.11 3.13
C GLY A 40 10.27 1.66 2.69
N ALA A 41 10.29 2.63 1.80
CA ALA A 41 9.05 3.23 1.31
C ALA A 41 8.07 2.17 0.84
N PHE A 42 6.89 2.17 1.45
CA PHE A 42 5.85 1.20 1.11
C PHE A 42 4.54 1.90 0.78
N LEU A 43 3.65 1.18 0.10
CA LEU A 43 2.36 1.73 -0.28
C LEU A 43 1.42 0.64 -0.80
N ILE A 44 0.21 0.59 -0.26
CA ILE A 44 -0.77 -0.40 -0.67
C ILE A 44 -1.78 0.20 -1.65
N ARG A 45 -2.29 -0.64 -2.55
CA ARG A 45 -3.25 -0.21 -3.54
C ARG A 45 -4.29 -1.29 -3.80
N GLU A 46 -5.43 -0.89 -4.37
CA GLU A 46 -6.52 -1.82 -4.65
C GLU A 46 -6.23 -2.60 -5.94
N SER A 47 -6.25 -3.93 -5.83
CA SER A 47 -6.00 -4.79 -6.97
C SER A 47 -6.92 -4.44 -8.15
N GLU A 48 -6.37 -3.73 -9.12
CA GLU A 48 -7.14 -3.32 -10.29
C GLU A 48 -7.76 -4.54 -10.98
N SER A 49 -7.14 -5.70 -10.80
CA SER A 49 -7.62 -6.94 -11.40
C SER A 49 -8.92 -7.39 -10.73
N GLN A 50 -8.88 -7.50 -9.40
CA GLN A 50 -10.05 -7.94 -8.65
C GLN A 50 -10.29 -7.03 -7.45
N LYS A 51 -11.46 -6.40 -7.41
CA LYS A 51 -11.81 -5.50 -6.31
C LYS A 51 -11.80 -6.24 -4.97
N GLY A 52 -11.58 -5.49 -3.90
CA GLY A 52 -11.55 -6.09 -2.57
C GLY A 52 -10.14 -6.43 -2.12
N ASP A 53 -9.33 -6.94 -3.04
CA ASP A 53 -7.95 -7.31 -2.73
C ASP A 53 -7.07 -6.06 -2.65
N PHE A 54 -5.79 -6.27 -2.36
CA PHE A 54 -4.84 -5.16 -2.25
C PHE A 54 -3.42 -5.63 -2.59
N SER A 55 -2.58 -4.68 -3.00
CA SER A 55 -1.21 -4.99 -3.35
C SER A 55 -0.23 -4.07 -2.62
N LEU A 56 0.71 -4.66 -1.89
CA LEU A 56 1.70 -3.89 -1.16
C LEU A 56 2.96 -3.69 -1.97
N SER A 57 3.33 -2.43 -2.20
CA SER A 57 4.52 -2.11 -2.98
C SER A 57 5.57 -1.44 -2.10
N VAL A 58 6.66 -2.16 -1.83
CA VAL A 58 7.73 -1.63 -1.00
C VAL A 58 9.01 -1.44 -1.82
N LEU A 59 9.86 -0.52 -1.37
CA LEU A 59 11.12 -0.23 -2.06
C LEU A 59 12.29 -0.87 -1.33
N ASP A 60 13.14 -1.57 -2.08
CA ASP A 60 14.31 -2.23 -1.50
C ASP A 60 15.55 -1.97 -2.35
N GLU A 61 16.16 -0.81 -2.16
CA GLU A 61 17.36 -0.45 -2.90
C GLU A 61 17.02 -0.14 -4.36
N GLY A 62 15.93 0.59 -4.56
CA GLY A 62 15.50 0.93 -5.91
C GLY A 62 14.59 -0.12 -6.52
N VAL A 63 14.49 -1.27 -5.86
CA VAL A 63 13.64 -2.35 -6.35
C VAL A 63 12.26 -2.30 -5.72
N VAL A 64 11.26 -2.78 -6.45
CA VAL A 64 9.89 -2.78 -5.97
C VAL A 64 9.39 -4.21 -5.73
N LYS A 65 9.21 -4.57 -4.46
CA LYS A 65 8.73 -5.89 -4.10
C LYS A 65 7.22 -5.93 -4.00
N HIS A 66 6.57 -6.57 -4.97
CA HIS A 66 5.12 -6.68 -5.00
C HIS A 66 4.65 -7.83 -4.12
N TYR A 67 4.01 -7.49 -3.00
CA TYR A 67 3.50 -8.50 -2.08
C TYR A 67 1.98 -8.59 -2.14
N ARG A 68 1.48 -9.74 -2.56
CA ARG A 68 0.04 -9.95 -2.67
C ARG A 68 -0.60 -10.03 -1.29
N ILE A 69 -1.67 -9.27 -1.10
CA ILE A 69 -2.38 -9.26 0.17
C ILE A 69 -3.67 -10.07 0.09
N ARG A 70 -3.62 -11.30 0.60
CA ARG A 70 -4.77 -12.18 0.59
C ARG A 70 -5.68 -11.89 1.78
N ARG A 71 -6.97 -12.18 1.62
CA ARG A 71 -7.95 -11.93 2.68
C ARG A 71 -8.58 -13.25 3.13
N LEU A 72 -9.00 -13.29 4.40
CA LEU A 72 -9.62 -14.49 4.96
C LEU A 72 -11.13 -14.32 5.05
N ASP A 73 -11.81 -15.36 5.52
CA ASP A 73 -13.26 -15.32 5.67
C ASP A 73 -13.65 -15.16 7.14
N GLU A 74 -12.66 -15.13 8.01
CA GLU A 74 -12.90 -14.99 9.45
C GLU A 74 -12.13 -13.80 10.01
N GLY A 75 -11.05 -13.43 9.33
CA GLY A 75 -10.24 -12.31 9.79
C GLY A 75 -10.39 -11.10 8.90
N GLY A 76 -9.36 -10.83 8.09
CA GLY A 76 -9.40 -9.70 7.19
C GLY A 76 -8.30 -9.74 6.14
N PHE A 77 -7.19 -9.09 6.43
CA PHE A 77 -6.06 -9.06 5.51
C PHE A 77 -4.82 -9.70 6.12
N PHE A 78 -4.07 -10.44 5.31
CA PHE A 78 -2.87 -11.12 5.78
C PHE A 78 -1.87 -11.30 4.64
N LEU A 79 -0.63 -10.93 4.88
CA LEU A 79 0.43 -11.06 3.88
C LEU A 79 1.07 -12.44 3.94
N THR A 80 1.01 -13.06 5.11
CA THR A 80 1.59 -14.39 5.31
C THR A 80 0.77 -15.21 6.28
N ARG A 81 0.43 -16.43 5.88
CA ARG A 81 -0.37 -17.31 6.72
C ARG A 81 0.17 -17.33 8.15
N ARG A 82 1.44 -16.96 8.31
CA ARG A 82 2.07 -16.94 9.62
C ARG A 82 1.43 -15.88 10.51
N LYS A 83 1.10 -14.73 9.93
CA LYS A 83 0.48 -13.64 10.67
C LYS A 83 -0.69 -13.04 9.88
N VAL A 84 -1.74 -12.66 10.58
CA VAL A 84 -2.92 -12.07 9.95
C VAL A 84 -3.34 -10.79 10.66
N PHE A 85 -4.01 -9.90 9.93
CA PHE A 85 -4.46 -8.64 10.49
C PHE A 85 -5.94 -8.43 10.21
N SER A 86 -6.48 -7.31 10.69
CA SER A 86 -7.89 -7.00 10.50
C SER A 86 -8.07 -5.97 9.39
N THR A 87 -7.32 -4.87 9.47
CA THR A 87 -7.39 -3.82 8.48
C THR A 87 -6.00 -3.38 8.02
N LEU A 88 -5.92 -2.86 6.81
CA LEU A 88 -4.65 -2.40 6.26
C LEU A 88 -3.84 -1.64 7.31
N ASN A 89 -4.53 -1.07 8.29
CA ASN A 89 -3.87 -0.33 9.36
C ASN A 89 -2.95 -1.23 10.16
N GLU A 90 -3.53 -2.18 10.89
CA GLU A 90 -2.76 -3.10 11.70
C GLU A 90 -1.80 -3.92 10.84
N PHE A 91 -2.03 -3.90 9.53
CA PHE A 91 -1.20 -4.64 8.60
C PHE A 91 0.19 -3.99 8.47
N VAL A 92 0.21 -2.66 8.48
CA VAL A 92 1.46 -1.93 8.36
C VAL A 92 2.03 -1.60 9.74
N ASN A 93 1.16 -1.28 10.69
CA ASN A 93 1.57 -0.96 12.04
C ASN A 93 2.30 -2.12 12.69
N TYR A 94 2.26 -3.27 12.03
CA TYR A 94 2.93 -4.47 12.54
C TYR A 94 4.32 -4.62 11.94
N TYR A 95 4.37 -4.91 10.64
CA TYR A 95 5.65 -5.08 9.95
C TYR A 95 6.58 -3.91 10.24
N THR A 96 6.00 -2.75 10.53
CA THR A 96 6.78 -1.55 10.82
C THR A 96 7.81 -1.81 11.92
N THR A 97 7.60 -2.90 12.66
CA THR A 97 8.52 -3.26 13.74
C THR A 97 9.59 -4.22 13.25
N THR A 98 9.19 -5.17 12.40
CA THR A 98 10.11 -6.15 11.85
C THR A 98 9.64 -6.66 10.51
N SER A 99 10.56 -7.25 9.74
CA SER A 99 10.23 -7.77 8.42
C SER A 99 10.11 -9.29 8.46
N ASP A 100 9.62 -9.82 9.57
CA ASP A 100 9.45 -11.25 9.74
C ASP A 100 9.01 -11.90 8.43
N GLY A 101 9.97 -12.38 7.66
CA GLY A 101 9.66 -13.02 6.39
C GLY A 101 9.80 -12.07 5.22
N LEU A 102 9.36 -10.83 5.39
CA LEU A 102 9.44 -9.82 4.34
C LEU A 102 10.90 -9.48 4.03
N CYS A 103 11.17 -9.18 2.77
CA CYS A 103 12.52 -8.84 2.33
C CYS A 103 13.06 -7.66 3.14
N VAL A 104 12.19 -6.70 3.43
CA VAL A 104 12.58 -5.52 4.19
C VAL A 104 11.48 -5.10 5.17
N LYS A 105 11.86 -4.36 6.20
CA LYS A 105 10.91 -3.89 7.19
C LYS A 105 10.35 -2.51 6.83
N LEU A 106 9.03 -2.39 6.87
CA LEU A 106 8.38 -1.13 6.53
C LEU A 106 8.85 -0.01 7.45
N GLU A 107 9.52 0.98 6.85
CA GLU A 107 10.03 2.11 7.61
C GLU A 107 9.03 3.26 7.61
N LYS A 108 8.76 3.80 6.43
CA LYS A 108 7.81 4.91 6.29
C LYS A 108 7.00 4.77 5.00
N PRO A 109 5.78 5.32 5.01
CA PRO A 109 4.88 5.28 3.85
C PRO A 109 5.38 6.15 2.70
N CYS A 110 5.17 5.67 1.48
CA CYS A 110 5.61 6.41 0.29
C CYS A 110 5.14 7.86 0.35
N LEU A 111 5.63 8.67 -0.58
CA LEU A 111 5.27 10.08 -0.63
C LEU A 111 4.54 10.41 -1.93
N LYS A 112 3.71 11.45 -1.89
CA LYS A 112 2.96 11.86 -3.06
C LYS A 112 3.73 12.91 -3.87
N ILE A 113 3.84 12.68 -5.17
CA ILE A 113 4.54 13.59 -6.05
C ILE A 113 3.93 14.99 -6.01
N GLN A 114 4.72 15.99 -6.37
CA GLN A 114 4.25 17.37 -6.38
C GLN A 114 4.32 17.97 -7.78
N VAL A 115 3.16 18.10 -8.42
CA VAL A 115 3.08 18.65 -9.76
C VAL A 115 3.46 20.12 -9.77
N SER A 116 2.75 20.92 -8.98
CA SER A 116 3.02 22.35 -8.90
C SER A 116 3.95 22.67 -7.74
N GLY A 117 4.68 23.77 -7.85
CA GLY A 117 5.60 24.18 -6.81
C GLY A 117 6.66 23.13 -6.55
N PRO A 118 7.90 23.58 -6.27
CA PRO A 118 9.03 22.69 -6.00
C PRO A 118 8.90 21.97 -4.67
N SER A 119 8.63 22.74 -3.61
CA SER A 119 8.48 22.18 -2.27
C SER A 119 8.02 23.25 -1.29
N SER A 120 7.80 22.84 -0.04
CA SER A 120 7.35 23.75 1.00
C SER A 120 8.48 24.67 1.45
N GLY A 121 9.59 24.07 1.87
CA GLY A 121 10.73 24.85 2.32
C GLY A 121 11.45 24.19 3.48
N GLY A 1 -18.87 5.16 -17.16
CA GLY A 1 -18.96 4.48 -15.88
C GLY A 1 -20.25 4.82 -15.15
N SER A 2 -20.60 3.98 -14.17
CA SER A 2 -21.82 4.19 -13.39
C SER A 2 -21.71 5.47 -12.56
N SER A 3 -22.55 6.44 -12.88
CA SER A 3 -22.55 7.71 -12.16
C SER A 3 -23.29 7.59 -10.83
N GLY A 4 -22.56 7.21 -9.79
CA GLY A 4 -23.17 7.05 -8.48
C GLY A 4 -22.58 5.89 -7.70
N SER A 5 -21.25 5.85 -7.63
CA SER A 5 -20.56 4.78 -6.91
C SER A 5 -20.05 5.27 -5.56
N SER A 6 -20.80 4.99 -4.51
CA SER A 6 -20.43 5.41 -3.17
C SER A 6 -21.07 4.51 -2.11
N GLY A 7 -20.68 4.70 -0.85
CA GLY A 7 -21.23 3.90 0.22
C GLY A 7 -20.38 2.69 0.54
N ALA A 8 -19.52 2.82 1.56
CA ALA A 8 -18.64 1.74 1.96
C ALA A 8 -17.97 2.03 3.30
N GLU A 9 -17.80 1.01 4.12
CA GLU A 9 -17.18 1.16 5.42
C GLU A 9 -15.85 1.93 5.31
N ASP A 10 -14.96 1.42 4.46
CA ASP A 10 -13.66 2.06 4.27
C ASP A 10 -13.83 3.44 3.64
N ARG A 11 -13.74 4.47 4.47
CA ARG A 11 -13.87 5.84 4.00
C ARG A 11 -12.68 6.69 4.43
N SER A 12 -12.51 6.84 5.74
CA SER A 12 -11.40 7.63 6.29
C SER A 12 -10.06 7.04 5.86
N LEU A 13 -10.05 5.75 5.56
CA LEU A 13 -8.83 5.07 5.14
C LEU A 13 -8.13 5.85 4.03
N GLN A 14 -8.90 6.62 3.27
CA GLN A 14 -8.34 7.42 2.19
C GLN A 14 -7.25 8.35 2.70
N ALA A 15 -7.42 8.82 3.93
CA ALA A 15 -6.45 9.73 4.54
C ALA A 15 -5.08 9.07 4.64
N GLU A 16 -5.07 7.75 4.81
CA GLU A 16 -3.81 7.01 4.93
C GLU A 16 -2.86 7.38 3.81
N PRO A 17 -1.60 7.67 4.18
CA PRO A 17 -0.56 8.04 3.21
C PRO A 17 -0.13 6.87 2.34
N TRP A 18 0.08 5.72 2.96
CA TRP A 18 0.49 4.52 2.24
C TRP A 18 -0.65 3.99 1.37
N PHE A 19 -1.84 4.54 1.57
CA PHE A 19 -3.02 4.12 0.82
C PHE A 19 -3.19 4.97 -0.43
N PHE A 20 -3.07 4.35 -1.59
CA PHE A 20 -3.21 5.05 -2.86
C PHE A 20 -4.43 4.55 -3.64
N GLY A 21 -5.52 4.31 -2.91
CA GLY A 21 -6.74 3.82 -3.54
C GLY A 21 -6.47 2.69 -4.51
N ALA A 22 -6.83 2.90 -5.77
CA ALA A 22 -6.63 1.89 -6.80
C ALA A 22 -5.65 2.37 -7.86
N ILE A 23 -4.42 1.86 -7.81
CA ILE A 23 -3.39 2.24 -8.76
C ILE A 23 -2.69 1.01 -9.33
N LYS A 24 -2.00 1.19 -10.45
CA LYS A 24 -1.28 0.11 -11.09
C LYS A 24 0.18 0.06 -10.62
N ARG A 25 0.82 -1.09 -10.82
CA ARG A 25 2.20 -1.26 -10.41
C ARG A 25 3.07 -0.11 -10.92
N ALA A 26 2.74 0.41 -12.10
CA ALA A 26 3.47 1.52 -12.68
C ALA A 26 3.37 2.77 -11.82
N ASP A 27 2.15 3.10 -11.42
CA ASP A 27 1.91 4.28 -10.58
C ASP A 27 2.56 4.11 -9.22
N ALA A 28 2.53 2.90 -8.69
CA ALA A 28 3.12 2.60 -7.39
C ALA A 28 4.64 2.59 -7.46
N GLU A 29 5.17 2.05 -8.55
CA GLU A 29 6.61 1.97 -8.75
C GLU A 29 7.22 3.37 -8.82
N LYS A 30 6.89 4.10 -9.88
CA LYS A 30 7.41 5.46 -10.07
C LYS A 30 7.39 6.23 -8.76
N GLN A 31 6.40 5.94 -7.91
CA GLN A 31 6.28 6.61 -6.62
C GLN A 31 7.34 6.12 -5.64
N LEU A 32 7.65 4.82 -5.72
CA LEU A 32 8.66 4.23 -4.85
C LEU A 32 10.07 4.59 -5.30
N LEU A 33 10.31 4.48 -6.60
CA LEU A 33 11.62 4.80 -7.17
C LEU A 33 11.94 6.27 -6.97
N TYR A 34 10.96 7.05 -6.56
CA TYR A 34 11.15 8.48 -6.32
C TYR A 34 12.49 8.75 -5.64
N SER A 35 12.96 9.98 -5.75
CA SER A 35 14.24 10.37 -5.15
C SER A 35 14.10 10.48 -3.64
N GLU A 36 13.21 11.36 -3.19
CA GLU A 36 12.99 11.56 -1.76
C GLU A 36 12.78 10.23 -1.05
N ASN A 37 12.09 9.31 -1.71
CA ASN A 37 11.81 7.99 -1.15
C ASN A 37 13.02 7.08 -1.30
N GLN A 38 13.22 6.20 -0.32
CA GLN A 38 14.34 5.27 -0.34
C GLN A 38 13.94 3.92 0.25
N THR A 39 14.89 3.00 0.33
CA THR A 39 14.64 1.67 0.88
C THR A 39 13.70 1.74 2.07
N GLY A 40 12.52 1.16 1.93
CA GLY A 40 11.55 1.16 3.02
C GLY A 40 10.20 1.72 2.59
N ALA A 41 10.23 2.70 1.69
CA ALA A 41 9.00 3.32 1.20
C ALA A 41 7.98 2.26 0.81
N PHE A 42 6.90 2.17 1.58
CA PHE A 42 5.85 1.19 1.31
C PHE A 42 4.55 1.90 0.94
N LEU A 43 3.68 1.19 0.23
CA LEU A 43 2.39 1.74 -0.18
C LEU A 43 1.47 0.64 -0.69
N ILE A 44 0.23 0.63 -0.20
CA ILE A 44 -0.75 -0.36 -0.61
C ILE A 44 -1.71 0.20 -1.66
N ARG A 45 -2.21 -0.67 -2.52
CA ARG A 45 -3.14 -0.26 -3.56
C ARG A 45 -4.17 -1.35 -3.85
N GLU A 46 -5.30 -0.95 -4.41
CA GLU A 46 -6.36 -1.90 -4.74
C GLU A 46 -6.04 -2.67 -6.00
N SER A 47 -6.31 -3.98 -5.98
CA SER A 47 -6.05 -4.83 -7.13
C SER A 47 -6.99 -4.51 -8.28
N GLU A 48 -6.44 -3.87 -9.31
CA GLU A 48 -7.24 -3.49 -10.48
C GLU A 48 -7.89 -4.72 -11.10
N SER A 49 -7.16 -5.83 -11.16
CA SER A 49 -7.67 -7.06 -11.73
C SER A 49 -8.91 -7.53 -10.98
N GLN A 50 -8.75 -7.82 -9.70
CA GLN A 50 -9.85 -8.29 -8.86
C GLN A 50 -10.10 -7.33 -7.70
N LYS A 51 -11.26 -6.67 -7.72
CA LYS A 51 -11.61 -5.73 -6.67
C LYS A 51 -11.63 -6.41 -5.31
N GLY A 52 -11.46 -5.62 -4.25
CA GLY A 52 -11.45 -6.16 -2.90
C GLY A 52 -10.05 -6.52 -2.43
N ASP A 53 -9.22 -7.00 -3.35
CA ASP A 53 -7.85 -7.38 -3.02
C ASP A 53 -6.93 -6.16 -3.05
N PHE A 54 -5.76 -6.30 -2.42
CA PHE A 54 -4.79 -5.22 -2.38
C PHE A 54 -3.38 -5.74 -2.60
N SER A 55 -2.44 -4.83 -2.89
CA SER A 55 -1.06 -5.21 -3.13
C SER A 55 -0.11 -4.26 -2.38
N LEU A 56 0.84 -4.84 -1.66
CA LEU A 56 1.80 -4.06 -0.90
C LEU A 56 3.07 -3.83 -1.71
N SER A 57 3.38 -2.56 -1.99
CA SER A 57 4.56 -2.21 -2.76
C SER A 57 5.63 -1.58 -1.86
N VAL A 58 6.69 -2.34 -1.60
CA VAL A 58 7.78 -1.87 -0.76
C VAL A 58 9.06 -1.70 -1.57
N LEU A 59 9.77 -0.61 -1.31
CA LEU A 59 11.02 -0.32 -2.02
C LEU A 59 12.21 -0.91 -1.26
N ASP A 60 13.09 -1.58 -1.99
CA ASP A 60 14.28 -2.18 -1.40
C ASP A 60 15.52 -1.89 -2.24
N GLU A 61 16.08 -0.70 -2.07
CA GLU A 61 17.26 -0.30 -2.82
C GLU A 61 16.92 -0.03 -4.28
N GLY A 62 15.77 0.60 -4.51
CA GLY A 62 15.36 0.90 -5.87
C GLY A 62 14.47 -0.17 -6.45
N VAL A 63 14.39 -1.31 -5.77
CA VAL A 63 13.57 -2.42 -6.23
C VAL A 63 12.17 -2.37 -5.62
N VAL A 64 11.18 -2.70 -6.43
CA VAL A 64 9.79 -2.69 -5.97
C VAL A 64 9.25 -4.11 -5.82
N LYS A 65 9.10 -4.54 -4.57
CA LYS A 65 8.59 -5.88 -4.28
C LYS A 65 7.08 -5.87 -4.14
N HIS A 66 6.39 -6.42 -5.13
CA HIS A 66 4.93 -6.47 -5.11
C HIS A 66 4.43 -7.67 -4.31
N TYR A 67 3.82 -7.40 -3.17
CA TYR A 67 3.31 -8.45 -2.29
C TYR A 67 1.78 -8.51 -2.35
N ARG A 68 1.26 -9.56 -2.96
CA ARG A 68 -0.18 -9.74 -3.09
C ARG A 68 -0.84 -9.87 -1.71
N ILE A 69 -1.54 -8.83 -1.30
CA ILE A 69 -2.23 -8.83 -0.01
C ILE A 69 -3.45 -9.72 -0.03
N ARG A 70 -3.30 -10.93 0.48
CA ARG A 70 -4.41 -11.89 0.52
C ARG A 70 -5.41 -11.50 1.59
N ARG A 71 -6.67 -11.92 1.41
CA ARG A 71 -7.73 -11.62 2.35
C ARG A 71 -8.49 -12.88 2.74
N LEU A 72 -8.98 -12.91 3.97
CA LEU A 72 -9.73 -14.06 4.47
C LEU A 72 -11.23 -13.83 4.37
N ASP A 73 -12.01 -14.82 4.79
CA ASP A 73 -13.46 -14.71 4.75
C ASP A 73 -14.03 -14.52 6.14
N GLU A 74 -13.16 -14.53 7.15
CA GLU A 74 -13.56 -14.36 8.53
C GLU A 74 -12.78 -13.23 9.20
N GLY A 75 -11.58 -12.97 8.70
CA GLY A 75 -10.76 -11.92 9.26
C GLY A 75 -10.71 -10.69 8.38
N GLY A 76 -9.52 -10.36 7.88
CA GLY A 76 -9.37 -9.19 7.03
C GLY A 76 -8.30 -9.38 5.96
N PHE A 77 -7.12 -8.85 6.22
CA PHE A 77 -6.02 -8.96 5.28
C PHE A 77 -4.85 -9.74 5.90
N PHE A 78 -4.01 -10.32 5.04
CA PHE A 78 -2.86 -11.08 5.50
C PHE A 78 -1.84 -11.26 4.38
N LEU A 79 -0.59 -10.93 4.68
CA LEU A 79 0.49 -11.05 3.70
C LEU A 79 1.08 -12.46 3.70
N THR A 80 0.90 -13.17 4.81
CA THR A 80 1.42 -14.51 4.96
C THR A 80 0.51 -15.36 5.84
N ARG A 81 0.48 -16.68 5.57
CA ARG A 81 -0.35 -17.59 6.34
C ARG A 81 0.15 -17.69 7.78
N ARG A 82 1.26 -17.04 8.07
CA ARG A 82 1.84 -17.06 9.40
C ARG A 82 1.47 -15.80 10.17
N LYS A 83 0.51 -15.05 9.64
CA LYS A 83 0.06 -13.81 10.27
C LYS A 83 -1.23 -13.31 9.64
N VAL A 84 -1.99 -12.54 10.40
CA VAL A 84 -3.25 -11.99 9.91
C VAL A 84 -3.67 -10.75 10.71
N PHE A 85 -4.27 -9.79 10.02
CA PHE A 85 -4.71 -8.56 10.66
C PHE A 85 -6.20 -8.31 10.42
N SER A 86 -6.69 -7.17 10.87
CA SER A 86 -8.10 -6.83 10.70
C SER A 86 -8.27 -5.71 9.67
N THR A 87 -7.35 -4.75 9.69
CA THR A 87 -7.41 -3.63 8.76
C THR A 87 -6.01 -3.30 8.23
N LEU A 88 -5.96 -2.70 7.05
CA LEU A 88 -4.70 -2.33 6.43
C LEU A 88 -3.80 -1.58 7.42
N ASN A 89 -4.44 -0.91 8.39
CA ASN A 89 -3.70 -0.16 9.39
C ASN A 89 -2.85 -1.09 10.26
N GLU A 90 -3.51 -2.00 10.98
CA GLU A 90 -2.80 -2.94 11.84
C GLU A 90 -1.88 -3.84 11.01
N PHE A 91 -2.03 -3.77 9.70
CA PHE A 91 -1.21 -4.59 8.80
C PHE A 91 0.18 -3.95 8.60
N VAL A 92 0.23 -2.63 8.65
CA VAL A 92 1.48 -1.90 8.48
C VAL A 92 2.15 -1.63 9.82
N ASN A 93 1.32 -1.40 10.84
CA ASN A 93 1.83 -1.13 12.18
C ASN A 93 2.55 -2.34 12.76
N TYR A 94 2.32 -3.50 12.14
CA TYR A 94 2.93 -4.74 12.59
C TYR A 94 4.30 -4.93 11.95
N TYR A 95 4.36 -4.78 10.63
CA TYR A 95 5.61 -4.95 9.90
C TYR A 95 6.51 -3.74 10.09
N THR A 96 6.01 -2.74 10.82
CA THR A 96 6.78 -1.52 11.08
C THR A 96 7.83 -1.76 12.15
N THR A 97 7.66 -2.85 12.90
CA THR A 97 8.60 -3.20 13.97
C THR A 97 9.54 -4.32 13.54
N THR A 98 9.13 -5.08 12.53
CA THR A 98 9.92 -6.18 12.02
C THR A 98 9.41 -6.65 10.65
N SER A 99 10.33 -7.15 9.83
CA SER A 99 9.97 -7.63 8.51
C SER A 99 9.54 -9.10 8.55
N ASP A 100 10.02 -9.82 9.55
CA ASP A 100 9.69 -11.22 9.71
C ASP A 100 9.75 -11.96 8.37
N GLY A 101 10.85 -11.75 7.66
CA GLY A 101 11.02 -12.41 6.37
C GLY A 101 10.95 -11.42 5.21
N LEU A 102 9.92 -10.58 5.23
CA LEU A 102 9.73 -9.59 4.17
C LEU A 102 11.07 -9.02 3.71
N CYS A 103 11.26 -8.95 2.40
CA CYS A 103 12.49 -8.43 1.83
C CYS A 103 13.06 -7.30 2.69
N VAL A 104 12.17 -6.46 3.20
CA VAL A 104 12.58 -5.34 4.04
C VAL A 104 11.48 -4.97 5.05
N LYS A 105 11.87 -4.28 6.10
CA LYS A 105 10.92 -3.86 7.14
C LYS A 105 10.33 -2.49 6.81
N LEU A 106 9.01 -2.39 6.84
CA LEU A 106 8.32 -1.14 6.55
C LEU A 106 8.82 -0.02 7.47
N GLU A 107 9.24 1.08 6.86
CA GLU A 107 9.74 2.22 7.62
C GLU A 107 8.76 3.39 7.56
N LYS A 108 8.61 3.97 6.37
CA LYS A 108 7.71 5.10 6.18
C LYS A 108 6.91 4.94 4.89
N PRO A 109 5.70 5.50 4.87
CA PRO A 109 4.81 5.44 3.69
C PRO A 109 5.33 6.27 2.53
N CYS A 110 5.11 5.78 1.32
CA CYS A 110 5.55 6.48 0.11
C CYS A 110 4.98 7.89 0.07
N LEU A 111 5.63 8.76 -0.70
CA LEU A 111 5.19 10.15 -0.84
C LEU A 111 4.13 10.28 -1.93
N LYS A 112 3.42 11.40 -1.92
CA LYS A 112 2.38 11.66 -2.91
C LYS A 112 2.71 12.88 -3.75
N ILE A 113 3.29 12.65 -4.92
CA ILE A 113 3.65 13.74 -5.82
C ILE A 113 2.47 14.67 -6.07
N GLN A 114 2.76 15.96 -6.20
CA GLN A 114 1.72 16.95 -6.45
C GLN A 114 1.87 17.57 -7.83
N VAL A 115 0.91 17.27 -8.71
CA VAL A 115 0.94 17.80 -10.07
C VAL A 115 -0.21 18.76 -10.31
N SER A 116 0.09 19.91 -10.91
CA SER A 116 -0.93 20.92 -11.18
C SER A 116 -0.98 21.23 -12.68
N GLY A 117 -0.96 20.19 -13.50
CA GLY A 117 -1.00 20.37 -14.94
C GLY A 117 0.38 20.58 -15.54
N PRO A 118 0.43 21.26 -16.69
CA PRO A 118 1.69 21.54 -17.39
C PRO A 118 2.57 22.54 -16.64
N SER A 119 2.10 22.97 -15.47
CA SER A 119 2.83 23.93 -14.65
C SER A 119 4.34 23.70 -14.79
N SER A 120 5.04 24.72 -15.29
CA SER A 120 6.49 24.64 -15.46
C SER A 120 7.15 25.97 -15.13
N GLY A 121 8.27 25.91 -14.42
CA GLY A 121 8.98 27.11 -14.04
C GLY A 121 9.36 27.96 -15.24
N GLY A 1 -13.26 14.48 -15.33
CA GLY A 1 -12.85 13.19 -14.81
C GLY A 1 -13.95 12.50 -14.03
N SER A 2 -13.68 12.15 -12.78
CA SER A 2 -14.65 11.47 -11.94
C SER A 2 -14.78 12.16 -10.59
N SER A 3 -16.01 12.46 -10.19
CA SER A 3 -16.26 13.12 -8.90
C SER A 3 -15.46 12.46 -7.80
N GLY A 4 -15.71 11.17 -7.58
CA GLY A 4 -14.99 10.45 -6.54
C GLY A 4 -15.46 9.01 -6.41
N SER A 5 -15.13 8.38 -5.29
CA SER A 5 -15.51 6.98 -5.06
C SER A 5 -16.93 6.90 -4.52
N SER A 6 -17.41 5.67 -4.32
CA SER A 6 -18.75 5.45 -3.81
C SER A 6 -18.95 3.99 -3.40
N GLY A 7 -19.29 3.77 -2.13
CA GLY A 7 -19.49 2.43 -1.63
C GLY A 7 -18.20 1.77 -1.20
N ALA A 8 -17.91 1.83 0.09
CA ALA A 8 -16.69 1.24 0.65
C ALA A 8 -16.69 1.28 2.16
N GLU A 9 -16.30 0.17 2.79
CA GLU A 9 -16.26 0.09 4.25
C GLU A 9 -15.18 1.00 4.81
N ASP A 10 -14.17 1.29 3.99
CA ASP A 10 -13.06 2.15 4.40
C ASP A 10 -13.19 3.53 3.76
N ARG A 11 -13.22 4.56 4.61
CA ARG A 11 -13.34 5.94 4.14
C ARG A 11 -12.16 6.77 4.61
N SER A 12 -12.02 6.90 5.93
CA SER A 12 -10.94 7.69 6.52
C SER A 12 -9.58 7.12 6.11
N LEU A 13 -9.58 5.88 5.64
CA LEU A 13 -8.35 5.22 5.22
C LEU A 13 -7.69 5.97 4.06
N GLN A 14 -8.51 6.73 3.33
CA GLN A 14 -8.01 7.50 2.19
C GLN A 14 -6.93 8.48 2.63
N ALA A 15 -7.00 8.90 3.88
CA ALA A 15 -6.03 9.84 4.42
C ALA A 15 -4.66 9.18 4.58
N GLU A 16 -4.66 7.87 4.77
CA GLU A 16 -3.42 7.12 4.94
C GLU A 16 -2.42 7.47 3.83
N PRO A 17 -1.16 7.71 4.22
CA PRO A 17 -0.09 8.06 3.28
C PRO A 17 0.31 6.89 2.40
N TRP A 18 0.41 5.71 3.00
CA TRP A 18 0.79 4.50 2.26
C TRP A 18 -0.36 4.03 1.38
N PHE A 19 -1.56 4.53 1.64
CA PHE A 19 -2.74 4.16 0.87
C PHE A 19 -2.88 5.05 -0.37
N PHE A 20 -3.04 4.42 -1.52
CA PHE A 20 -3.19 5.14 -2.77
C PHE A 20 -4.40 4.63 -3.56
N GLY A 21 -5.47 4.31 -2.85
CA GLY A 21 -6.67 3.82 -3.49
C GLY A 21 -6.38 2.69 -4.46
N ALA A 22 -6.80 2.87 -5.71
CA ALA A 22 -6.58 1.85 -6.74
C ALA A 22 -5.65 2.37 -7.83
N ILE A 23 -4.40 1.92 -7.80
CA ILE A 23 -3.41 2.34 -8.79
C ILE A 23 -2.74 1.13 -9.43
N LYS A 24 -1.92 1.39 -10.44
CA LYS A 24 -1.21 0.33 -11.15
C LYS A 24 0.23 0.22 -10.67
N ARG A 25 0.87 -0.91 -10.96
CA ARG A 25 2.25 -1.14 -10.56
C ARG A 25 3.15 0.00 -11.02
N ALA A 26 2.80 0.59 -12.17
CA ALA A 26 3.58 1.69 -12.73
C ALA A 26 3.44 2.94 -11.87
N ASP A 27 2.21 3.27 -11.49
CA ASP A 27 1.94 4.44 -10.67
C ASP A 27 2.51 4.26 -9.27
N ALA A 28 2.55 3.01 -8.80
CA ALA A 28 3.05 2.70 -7.47
C ALA A 28 4.58 2.59 -7.49
N GLU A 29 5.12 2.05 -8.58
CA GLU A 29 6.55 1.89 -8.72
C GLU A 29 7.25 3.24 -8.86
N LYS A 30 6.72 4.07 -9.75
CA LYS A 30 7.29 5.40 -10.00
C LYS A 30 7.37 6.19 -8.70
N GLN A 31 6.31 6.13 -7.90
CA GLN A 31 6.26 6.84 -6.62
C GLN A 31 7.28 6.29 -5.65
N LEU A 32 7.53 4.99 -5.74
CA LEU A 32 8.50 4.32 -4.87
C LEU A 32 9.93 4.68 -5.27
N LEU A 33 10.27 4.41 -6.52
CA LEU A 33 11.60 4.70 -7.04
C LEU A 33 11.98 6.16 -6.78
N TYR A 34 10.97 7.00 -6.57
CA TYR A 34 11.19 8.41 -6.32
C TYR A 34 12.48 8.64 -5.52
N SER A 35 13.09 9.80 -5.71
CA SER A 35 14.32 10.13 -5.02
C SER A 35 14.08 10.25 -3.51
N GLU A 36 13.40 11.31 -3.11
CA GLU A 36 13.10 11.54 -1.70
C GLU A 36 12.89 10.22 -0.97
N ASN A 37 12.22 9.28 -1.63
CA ASN A 37 11.95 7.97 -1.05
C ASN A 37 13.18 7.08 -1.11
N GLN A 38 13.37 6.28 -0.07
CA GLN A 38 14.51 5.37 0.00
C GLN A 38 14.09 4.00 0.50
N THR A 39 15.04 3.08 0.55
CA THR A 39 14.77 1.72 1.01
C THR A 39 13.78 1.72 2.18
N GLY A 40 12.61 1.13 1.95
CA GLY A 40 11.60 1.07 2.99
C GLY A 40 10.26 1.60 2.51
N ALA A 41 10.29 2.63 1.68
CA ALA A 41 9.07 3.23 1.15
C ALA A 41 8.06 2.17 0.78
N PHE A 42 6.94 2.12 1.50
CA PHE A 42 5.89 1.15 1.24
C PHE A 42 4.58 1.83 0.90
N LEU A 43 3.70 1.14 0.19
CA LEU A 43 2.41 1.67 -0.20
C LEU A 43 1.48 0.58 -0.71
N ILE A 44 0.26 0.55 -0.20
CA ILE A 44 -0.72 -0.44 -0.60
C ILE A 44 -1.70 0.13 -1.62
N ARG A 45 -2.11 -0.70 -2.57
CA ARG A 45 -3.05 -0.27 -3.61
C ARG A 45 -4.07 -1.37 -3.90
N GLU A 46 -5.21 -0.98 -4.44
CA GLU A 46 -6.26 -1.93 -4.77
C GLU A 46 -6.01 -2.58 -6.13
N SER A 47 -6.28 -3.88 -6.21
CA SER A 47 -6.08 -4.63 -7.46
C SER A 47 -7.30 -4.51 -8.36
N GLU A 48 -7.24 -3.59 -9.32
CA GLU A 48 -8.34 -3.38 -10.26
C GLU A 48 -9.03 -4.70 -10.58
N SER A 49 -8.24 -5.77 -10.67
CA SER A 49 -8.77 -7.08 -10.98
C SER A 49 -10.10 -7.32 -10.26
N GLN A 50 -10.06 -7.34 -8.93
CA GLN A 50 -11.25 -7.55 -8.13
C GLN A 50 -11.34 -6.52 -7.01
N LYS A 51 -12.54 -6.35 -6.47
CA LYS A 51 -12.77 -5.40 -5.39
C LYS A 51 -12.44 -6.01 -4.03
N GLY A 52 -11.71 -5.27 -3.20
CA GLY A 52 -11.36 -5.77 -1.88
C GLY A 52 -9.89 -6.15 -1.80
N ASP A 53 -9.36 -6.71 -2.89
CA ASP A 53 -7.96 -7.12 -2.93
C ASP A 53 -7.04 -5.93 -2.71
N PHE A 54 -5.78 -6.22 -2.37
CA PHE A 54 -4.80 -5.17 -2.13
C PHE A 54 -3.39 -5.66 -2.44
N SER A 55 -2.50 -4.73 -2.78
CA SER A 55 -1.12 -5.07 -3.10
C SER A 55 -0.15 -4.15 -2.39
N LEU A 56 0.79 -4.73 -1.65
CA LEU A 56 1.78 -3.95 -0.91
C LEU A 56 3.05 -3.77 -1.75
N SER A 57 3.36 -2.51 -2.06
CA SER A 57 4.55 -2.20 -2.84
C SER A 57 5.60 -1.50 -2.00
N VAL A 58 6.69 -2.21 -1.71
CA VAL A 58 7.77 -1.66 -0.90
C VAL A 58 9.04 -1.47 -1.74
N LEU A 59 9.86 -0.50 -1.35
CA LEU A 59 11.10 -0.22 -2.05
C LEU A 59 12.28 -0.89 -1.37
N ASP A 60 13.11 -1.59 -2.15
CA ASP A 60 14.28 -2.27 -1.61
C ASP A 60 15.50 -2.02 -2.49
N GLU A 61 16.15 -0.88 -2.27
CA GLU A 61 17.34 -0.52 -3.03
C GLU A 61 16.98 -0.19 -4.47
N GLY A 62 15.91 0.58 -4.65
CA GLY A 62 15.48 0.96 -5.98
C GLY A 62 14.53 -0.06 -6.59
N VAL A 63 14.42 -1.22 -5.95
CA VAL A 63 13.54 -2.28 -6.44
C VAL A 63 12.17 -2.20 -5.78
N VAL A 64 11.16 -2.71 -6.47
CA VAL A 64 9.80 -2.70 -5.95
C VAL A 64 9.28 -4.12 -5.76
N LYS A 65 9.16 -4.53 -4.49
CA LYS A 65 8.69 -5.86 -4.16
C LYS A 65 7.16 -5.88 -4.05
N HIS A 66 6.50 -6.51 -5.01
CA HIS A 66 5.05 -6.60 -5.02
C HIS A 66 4.56 -7.76 -4.17
N TYR A 67 3.95 -7.45 -3.03
CA TYR A 67 3.45 -8.48 -2.13
C TYR A 67 1.92 -8.56 -2.20
N ARG A 68 1.42 -9.70 -2.67
CA ARG A 68 -0.01 -9.92 -2.78
C ARG A 68 -0.66 -9.99 -1.41
N ILE A 69 -1.61 -9.09 -1.16
CA ILE A 69 -2.30 -9.06 0.12
C ILE A 69 -3.60 -9.87 0.07
N ARG A 70 -3.54 -11.10 0.57
CA ARG A 70 -4.71 -11.98 0.57
C ARG A 70 -5.61 -11.68 1.77
N ARG A 71 -6.90 -11.96 1.62
CA ARG A 71 -7.87 -11.72 2.69
C ARG A 71 -8.48 -13.03 3.17
N LEU A 72 -8.97 -13.03 4.41
CA LEU A 72 -9.57 -14.22 4.99
C LEU A 72 -11.09 -14.10 5.03
N ASP A 73 -11.76 -15.10 5.56
CA ASP A 73 -13.21 -15.10 5.67
C ASP A 73 -13.65 -14.82 7.10
N GLU A 74 -12.69 -14.75 8.01
CA GLU A 74 -12.97 -14.48 9.42
C GLU A 74 -12.17 -13.29 9.91
N GLY A 75 -10.90 -13.23 9.53
CA GLY A 75 -10.05 -12.14 9.96
C GLY A 75 -10.20 -10.91 9.08
N GLY A 76 -9.18 -10.63 8.27
CA GLY A 76 -9.24 -9.47 7.39
C GLY A 76 -8.18 -9.53 6.30
N PHE A 77 -7.06 -8.86 6.52
CA PHE A 77 -5.98 -8.83 5.55
C PHE A 77 -4.73 -9.51 6.11
N PHE A 78 -4.01 -10.21 5.24
CA PHE A 78 -2.80 -10.91 5.65
C PHE A 78 -1.83 -11.05 4.48
N LEU A 79 -0.56 -10.70 4.71
CA LEU A 79 0.46 -10.79 3.68
C LEU A 79 1.15 -12.14 3.71
N THR A 80 0.96 -12.87 4.80
CA THR A 80 1.57 -14.19 4.95
C THR A 80 0.79 -15.04 5.94
N ARG A 81 0.39 -16.23 5.51
CA ARG A 81 -0.36 -17.15 6.35
C ARG A 81 0.20 -17.15 7.77
N ARG A 82 1.49 -16.87 7.90
CA ARG A 82 2.15 -16.84 9.20
C ARG A 82 1.49 -15.82 10.13
N LYS A 83 1.22 -14.64 9.60
CA LYS A 83 0.58 -13.58 10.38
C LYS A 83 -0.62 -13.01 9.63
N VAL A 84 -1.63 -12.57 10.39
CA VAL A 84 -2.83 -12.00 9.80
C VAL A 84 -3.29 -10.78 10.58
N PHE A 85 -4.01 -9.87 9.90
CA PHE A 85 -4.50 -8.66 10.53
C PHE A 85 -5.98 -8.45 10.21
N SER A 86 -6.53 -7.35 10.69
CA SER A 86 -7.94 -7.03 10.47
C SER A 86 -8.08 -5.92 9.43
N THR A 87 -7.38 -4.82 9.66
CA THR A 87 -7.43 -3.67 8.75
C THR A 87 -6.04 -3.31 8.24
N LEU A 88 -5.99 -2.58 7.13
CA LEU A 88 -4.72 -2.17 6.54
C LEU A 88 -3.84 -1.47 7.59
N ASN A 89 -4.48 -0.89 8.60
CA ASN A 89 -3.75 -0.19 9.65
C ASN A 89 -2.88 -1.17 10.43
N GLU A 90 -3.50 -2.17 11.04
CA GLU A 90 -2.78 -3.18 11.81
C GLU A 90 -1.85 -3.99 10.91
N PHE A 91 -2.07 -3.90 9.61
CA PHE A 91 -1.25 -4.63 8.65
C PHE A 91 0.15 -4.03 8.54
N VAL A 92 0.21 -2.70 8.54
CA VAL A 92 1.48 -2.00 8.45
C VAL A 92 2.04 -1.69 9.83
N ASN A 93 1.15 -1.39 10.77
CA ASN A 93 1.54 -1.07 12.13
C ASN A 93 2.29 -2.23 12.76
N TYR A 94 2.23 -3.39 12.11
CA TYR A 94 2.91 -4.59 12.61
C TYR A 94 4.27 -4.76 11.94
N TYR A 95 4.28 -4.85 10.63
CA TYR A 95 5.51 -5.03 9.88
C TYR A 95 6.44 -3.83 10.08
N THR A 96 5.88 -2.74 10.58
CA THR A 96 6.66 -1.52 10.83
C THR A 96 7.70 -1.75 11.92
N THR A 97 7.50 -2.81 12.71
CA THR A 97 8.41 -3.12 13.80
C THR A 97 9.50 -4.09 13.33
N THR A 98 9.15 -4.98 12.41
CA THR A 98 10.10 -5.95 11.90
C THR A 98 9.69 -6.43 10.50
N SER A 99 10.57 -7.17 9.85
CA SER A 99 10.30 -7.70 8.51
C SER A 99 10.16 -9.21 8.54
N ASP A 100 9.34 -9.71 9.47
CA ASP A 100 9.12 -11.14 9.60
C ASP A 100 8.78 -11.76 8.24
N GLY A 101 9.79 -12.32 7.59
CA GLY A 101 9.58 -12.95 6.29
C GLY A 101 9.79 -11.98 5.14
N LEU A 102 9.26 -10.77 5.28
CA LEU A 102 9.40 -9.75 4.25
C LEU A 102 10.87 -9.46 3.96
N CYS A 103 11.15 -9.08 2.72
CA CYS A 103 12.53 -8.77 2.32
C CYS A 103 13.08 -7.62 3.14
N VAL A 104 12.23 -6.64 3.43
CA VAL A 104 12.64 -5.47 4.21
C VAL A 104 11.55 -5.05 5.19
N LYS A 105 11.93 -4.30 6.21
CA LYS A 105 10.99 -3.83 7.22
C LYS A 105 10.41 -2.47 6.82
N LEU A 106 9.09 -2.36 6.89
CA LEU A 106 8.41 -1.12 6.54
C LEU A 106 8.89 0.03 7.42
N GLU A 107 9.52 1.02 6.80
CA GLU A 107 10.03 2.18 7.53
C GLU A 107 9.04 3.34 7.47
N LYS A 108 8.88 3.91 6.28
CA LYS A 108 7.96 5.03 6.09
C LYS A 108 7.16 4.86 4.80
N PRO A 109 5.94 5.42 4.78
CA PRO A 109 5.05 5.34 3.63
C PRO A 109 5.55 6.17 2.45
N CYS A 110 5.32 5.67 1.24
CA CYS A 110 5.76 6.38 0.03
C CYS A 110 5.10 7.74 -0.07
N LEU A 111 5.84 8.72 -0.58
CA LEU A 111 5.33 10.07 -0.74
C LEU A 111 4.15 10.11 -1.71
N LYS A 112 3.26 11.07 -1.51
CA LYS A 112 2.08 11.21 -2.36
C LYS A 112 2.26 12.36 -3.34
N ILE A 113 2.85 12.06 -4.50
CA ILE A 113 3.08 13.07 -5.53
C ILE A 113 1.83 13.27 -6.38
N GLN A 114 1.63 14.50 -6.83
CA GLN A 114 0.48 14.83 -7.67
C GLN A 114 0.90 15.04 -9.12
N VAL A 115 1.68 14.11 -9.64
CA VAL A 115 2.16 14.20 -11.02
C VAL A 115 2.39 15.65 -11.44
N SER A 116 3.04 16.40 -10.56
CA SER A 116 3.32 17.82 -10.82
C SER A 116 4.78 18.01 -11.21
N GLY A 117 5.03 18.21 -12.50
CA GLY A 117 6.40 18.41 -12.96
C GLY A 117 6.52 18.24 -14.47
N PRO A 118 7.32 19.11 -15.11
CA PRO A 118 7.53 19.07 -16.55
C PRO A 118 8.35 17.86 -16.99
N SER A 119 8.69 17.01 -16.02
CA SER A 119 9.48 15.81 -16.31
C SER A 119 9.09 15.21 -17.65
N SER A 120 10.08 15.01 -18.51
CA SER A 120 9.84 14.44 -19.83
C SER A 120 9.07 13.13 -19.73
N GLY A 121 8.20 12.89 -20.70
CA GLY A 121 7.41 11.67 -20.71
C GLY A 121 6.03 11.87 -21.31
N GLY A 1 -25.75 -7.52 -11.78
CA GLY A 1 -24.53 -7.48 -11.00
C GLY A 1 -24.79 -7.47 -9.51
N SER A 2 -23.74 -7.21 -8.74
CA SER A 2 -23.85 -7.17 -7.29
C SER A 2 -24.20 -5.78 -6.80
N SER A 3 -24.75 -5.70 -5.59
CA SER A 3 -25.14 -4.41 -5.01
C SER A 3 -23.99 -3.42 -5.04
N GLY A 4 -24.31 -2.14 -5.15
CA GLY A 4 -23.29 -1.12 -5.19
C GLY A 4 -22.92 -0.60 -3.80
N SER A 5 -21.77 0.07 -3.71
CA SER A 5 -21.32 0.61 -2.44
C SER A 5 -21.66 -0.33 -1.29
N SER A 6 -21.50 -1.63 -1.52
CA SER A 6 -21.80 -2.63 -0.50
C SER A 6 -20.54 -3.35 -0.06
N GLY A 7 -20.21 -3.22 1.22
CA GLY A 7 -19.02 -3.85 1.75
C GLY A 7 -18.43 -3.10 2.93
N ALA A 8 -17.28 -3.58 3.42
CA ALA A 8 -16.62 -2.94 4.54
C ALA A 8 -16.77 -1.42 4.49
N GLU A 9 -17.17 -0.83 5.61
CA GLU A 9 -17.35 0.61 5.69
C GLU A 9 -16.04 1.31 6.00
N ASP A 10 -15.20 1.46 4.99
CA ASP A 10 -13.91 2.11 5.14
C ASP A 10 -13.79 3.32 4.23
N ARG A 11 -13.60 4.50 4.82
CA ARG A 11 -13.48 5.73 4.04
C ARG A 11 -12.28 6.55 4.52
N SER A 12 -12.23 6.82 5.83
CA SER A 12 -11.14 7.60 6.40
C SER A 12 -9.79 7.04 5.97
N LEU A 13 -9.77 5.75 5.63
CA LEU A 13 -8.54 5.10 5.20
C LEU A 13 -7.83 5.92 4.12
N GLN A 14 -8.61 6.72 3.39
CA GLN A 14 -8.06 7.55 2.33
C GLN A 14 -6.97 8.47 2.87
N ALA A 15 -7.13 8.89 4.12
CA ALA A 15 -6.15 9.77 4.76
C ALA A 15 -4.78 9.12 4.83
N GLU A 16 -4.76 7.79 4.90
CA GLU A 16 -3.52 7.05 4.98
C GLU A 16 -2.59 7.42 3.83
N PRO A 17 -1.32 7.70 4.15
CA PRO A 17 -0.31 8.08 3.15
C PRO A 17 0.09 6.91 2.26
N TRP A 18 0.35 5.76 2.88
CA TRP A 18 0.74 4.57 2.13
C TRP A 18 -0.42 4.06 1.28
N PHE A 19 -1.59 4.65 1.47
CA PHE A 19 -2.78 4.26 0.71
C PHE A 19 -2.94 5.13 -0.53
N PHE A 20 -2.79 4.51 -1.70
CA PHE A 20 -2.92 5.23 -2.96
C PHE A 20 -4.13 4.73 -3.75
N GLY A 21 -5.15 4.29 -3.03
CA GLY A 21 -6.35 3.78 -3.68
C GLY A 21 -6.03 2.76 -4.76
N ALA A 22 -6.76 2.84 -5.87
CA ALA A 22 -6.56 1.92 -6.98
C ALA A 22 -5.57 2.49 -7.99
N ILE A 23 -4.38 1.90 -8.04
CA ILE A 23 -3.35 2.35 -8.96
C ILE A 23 -2.62 1.16 -9.60
N LYS A 24 -1.91 1.43 -10.69
CA LYS A 24 -1.17 0.38 -11.39
C LYS A 24 0.28 0.34 -10.92
N ARG A 25 0.91 -0.82 -11.08
CA ARG A 25 2.30 -1.00 -10.67
C ARG A 25 3.16 0.16 -11.17
N ALA A 26 2.79 0.72 -12.32
CA ALA A 26 3.53 1.83 -12.89
C ALA A 26 3.43 3.08 -12.02
N ASP A 27 2.22 3.36 -11.53
CA ASP A 27 1.98 4.52 -10.69
C ASP A 27 2.67 4.34 -9.34
N ALA A 28 2.55 3.16 -8.76
CA ALA A 28 3.15 2.86 -7.47
C ALA A 28 4.67 2.83 -7.58
N GLU A 29 5.18 2.12 -8.58
CA GLU A 29 6.61 2.01 -8.80
C GLU A 29 7.25 3.39 -8.97
N LYS A 30 6.52 4.29 -9.61
CA LYS A 30 7.01 5.64 -9.85
C LYS A 30 7.13 6.41 -8.54
N GLN A 31 6.16 6.24 -7.66
CA GLN A 31 6.16 6.92 -6.37
C GLN A 31 7.23 6.32 -5.45
N LEU A 32 7.46 5.03 -5.59
CA LEU A 32 8.44 4.34 -4.77
C LEU A 32 9.86 4.63 -5.25
N LEU A 33 10.09 4.41 -6.55
CA LEU A 33 11.41 4.65 -7.13
C LEU A 33 11.83 6.11 -6.95
N TYR A 34 10.87 6.94 -6.55
CA TYR A 34 11.13 8.36 -6.34
C TYR A 34 12.47 8.56 -5.64
N SER A 35 13.04 9.76 -5.80
CA SER A 35 14.32 10.08 -5.18
C SER A 35 14.18 10.22 -3.67
N GLU A 36 13.35 11.16 -3.24
CA GLU A 36 13.13 11.38 -1.81
C GLU A 36 12.91 10.07 -1.08
N ASN A 37 12.29 9.11 -1.77
CA ASN A 37 12.02 7.80 -1.17
C ASN A 37 13.23 6.89 -1.30
N GLN A 38 13.38 5.98 -0.34
CA GLN A 38 14.50 5.05 -0.34
C GLN A 38 14.09 3.71 0.26
N THR A 39 15.03 2.77 0.32
CA THR A 39 14.77 1.45 0.86
C THR A 39 13.79 1.52 2.03
N GLY A 40 12.63 0.89 1.87
CA GLY A 40 11.62 0.89 2.92
C GLY A 40 10.31 1.45 2.44
N ALA A 41 10.37 2.48 1.61
CA ALA A 41 9.16 3.11 1.09
C ALA A 41 8.12 2.07 0.69
N PHE A 42 7.01 2.04 1.41
CA PHE A 42 5.93 1.10 1.15
C PHE A 42 4.64 1.83 0.79
N LEU A 43 3.72 1.10 0.17
CA LEU A 43 2.43 1.67 -0.22
C LEU A 43 1.48 0.59 -0.71
N ILE A 44 0.28 0.56 -0.13
CA ILE A 44 -0.72 -0.43 -0.50
C ILE A 44 -1.74 0.16 -1.46
N ARG A 45 -2.10 -0.60 -2.50
CA ARG A 45 -3.07 -0.15 -3.49
C ARG A 45 -4.12 -1.22 -3.74
N GLU A 46 -5.20 -0.83 -4.40
CA GLU A 46 -6.29 -1.74 -4.71
C GLU A 46 -6.03 -2.49 -6.02
N SER A 47 -6.12 -3.82 -5.97
CA SER A 47 -5.88 -4.64 -7.14
C SER A 47 -6.92 -4.36 -8.22
N GLU A 48 -6.46 -3.88 -9.37
CA GLU A 48 -7.34 -3.56 -10.49
C GLU A 48 -8.01 -4.82 -11.03
N SER A 49 -7.22 -5.87 -11.24
CA SER A 49 -7.74 -7.12 -11.75
C SER A 49 -8.99 -7.54 -11.00
N GLN A 50 -8.81 -7.94 -9.74
CA GLN A 50 -9.94 -8.37 -8.92
C GLN A 50 -10.21 -7.36 -7.81
N LYS A 51 -11.27 -6.58 -7.97
CA LYS A 51 -11.65 -5.58 -6.98
C LYS A 51 -11.69 -6.18 -5.58
N GLY A 52 -11.35 -5.37 -4.58
CA GLY A 52 -11.36 -5.84 -3.21
C GLY A 52 -9.97 -6.20 -2.71
N ASP A 53 -9.20 -6.87 -3.55
CA ASP A 53 -7.84 -7.28 -3.19
C ASP A 53 -6.95 -6.05 -2.99
N PHE A 54 -5.73 -6.30 -2.52
CA PHE A 54 -4.77 -5.22 -2.29
C PHE A 54 -3.35 -5.68 -2.55
N SER A 55 -2.51 -4.77 -3.03
CA SER A 55 -1.12 -5.09 -3.33
C SER A 55 -0.18 -4.19 -2.54
N LEU A 56 0.76 -4.81 -1.82
CA LEU A 56 1.73 -4.07 -1.02
C LEU A 56 3.03 -3.87 -1.79
N SER A 57 3.31 -2.61 -2.14
CA SER A 57 4.53 -2.29 -2.88
C SER A 57 5.56 -1.62 -1.97
N VAL A 58 6.74 -2.23 -1.88
CA VAL A 58 7.81 -1.70 -1.04
C VAL A 58 9.10 -1.56 -1.84
N LEU A 59 9.84 -0.50 -1.55
CA LEU A 59 11.11 -0.23 -2.23
C LEU A 59 12.27 -0.89 -1.50
N ASP A 60 13.16 -1.53 -2.26
CA ASP A 60 14.32 -2.20 -1.68
C ASP A 60 15.58 -1.87 -2.48
N GLU A 61 16.12 -0.68 -2.27
CA GLU A 61 17.33 -0.25 -2.97
C GLU A 61 17.02 0.11 -4.41
N GLY A 62 15.77 0.48 -4.67
CA GLY A 62 15.36 0.85 -6.01
C GLY A 62 14.41 -0.16 -6.64
N VAL A 63 14.32 -1.34 -6.02
CA VAL A 63 13.45 -2.39 -6.51
C VAL A 63 12.14 -2.44 -5.72
N VAL A 64 11.03 -2.46 -6.45
CA VAL A 64 9.71 -2.50 -5.82
C VAL A 64 9.21 -3.94 -5.69
N LYS A 65 9.14 -4.43 -4.47
CA LYS A 65 8.68 -5.79 -4.21
C LYS A 65 7.16 -5.82 -4.05
N HIS A 66 6.48 -6.38 -5.06
CA HIS A 66 5.03 -6.48 -5.04
C HIS A 66 4.58 -7.70 -4.25
N TYR A 67 3.95 -7.46 -3.11
CA TYR A 67 3.47 -8.55 -2.26
C TYR A 67 1.95 -8.68 -2.34
N ARG A 68 1.48 -9.88 -2.66
CA ARG A 68 0.05 -10.13 -2.77
C ARG A 68 -0.60 -10.16 -1.40
N ILE A 69 -1.61 -9.32 -1.20
CA ILE A 69 -2.32 -9.25 0.06
C ILE A 69 -3.66 -9.98 -0.01
N ARG A 70 -3.68 -11.22 0.46
CA ARG A 70 -4.90 -12.03 0.44
C ARG A 70 -5.81 -11.66 1.62
N ARG A 71 -7.09 -11.94 1.47
CA ARG A 71 -8.07 -11.64 2.51
C ARG A 71 -8.78 -12.92 2.97
N LEU A 72 -9.16 -12.94 4.24
CA LEU A 72 -9.85 -14.09 4.81
C LEU A 72 -11.36 -13.87 4.83
N ASP A 73 -12.09 -14.85 5.35
CA ASP A 73 -13.55 -14.76 5.43
C ASP A 73 -14.00 -14.56 6.87
N GLU A 74 -13.06 -14.65 7.80
CA GLU A 74 -13.36 -14.49 9.22
C GLU A 74 -12.58 -13.32 9.80
N GLY A 75 -11.48 -12.96 9.16
CA GLY A 75 -10.66 -11.86 9.64
C GLY A 75 -10.70 -10.67 8.71
N GLY A 76 -9.56 -10.34 8.12
CA GLY A 76 -9.49 -9.20 7.21
C GLY A 76 -8.45 -9.39 6.13
N PHE A 77 -7.25 -8.87 6.37
CA PHE A 77 -6.15 -8.97 5.41
C PHE A 77 -4.96 -9.70 6.02
N PHE A 78 -4.20 -10.38 5.18
CA PHE A 78 -3.02 -11.12 5.63
C PHE A 78 -2.02 -11.30 4.50
N LEU A 79 -0.76 -10.98 4.76
CA LEU A 79 0.29 -11.11 3.76
C LEU A 79 0.88 -12.52 3.78
N THR A 80 0.76 -13.19 4.91
CA THR A 80 1.29 -14.55 5.06
C THR A 80 0.40 -15.38 5.98
N ARG A 81 0.25 -16.66 5.66
CA ARG A 81 -0.57 -17.56 6.46
C ARG A 81 -0.06 -17.64 7.89
N ARG A 82 1.16 -17.14 8.11
CA ARG A 82 1.76 -17.15 9.44
C ARG A 82 1.33 -15.93 10.24
N LYS A 83 0.52 -15.09 9.63
CA LYS A 83 0.03 -13.87 10.30
C LYS A 83 -1.28 -13.41 9.67
N VAL A 84 -2.01 -12.58 10.41
CA VAL A 84 -3.29 -12.06 9.93
C VAL A 84 -3.69 -10.81 10.71
N PHE A 85 -4.20 -9.80 9.99
CA PHE A 85 -4.61 -8.56 10.61
C PHE A 85 -6.10 -8.30 10.34
N SER A 86 -6.58 -7.15 10.81
CA SER A 86 -7.98 -6.77 10.62
C SER A 86 -8.12 -5.71 9.54
N THR A 87 -7.36 -4.63 9.68
CA THR A 87 -7.40 -3.54 8.72
C THR A 87 -6.00 -3.18 8.24
N LEU A 88 -5.91 -2.59 7.06
CA LEU A 88 -4.64 -2.19 6.48
C LEU A 88 -3.77 -1.50 7.52
N ASN A 89 -4.41 -0.89 8.50
CA ASN A 89 -3.70 -0.18 9.57
C ASN A 89 -2.82 -1.14 10.37
N GLU A 90 -3.46 -2.04 11.11
CA GLU A 90 -2.73 -3.03 11.91
C GLU A 90 -1.78 -3.84 11.05
N PHE A 91 -2.12 -3.96 9.76
CA PHE A 91 -1.29 -4.72 8.83
C PHE A 91 0.10 -4.12 8.71
N VAL A 92 0.15 -2.78 8.71
CA VAL A 92 1.42 -2.07 8.60
C VAL A 92 2.01 -1.77 9.97
N ASN A 93 1.14 -1.40 10.91
CA ASN A 93 1.57 -1.07 12.26
C ASN A 93 2.36 -2.23 12.87
N TYR A 94 2.11 -3.44 12.38
CA TYR A 94 2.78 -4.63 12.87
C TYR A 94 4.17 -4.75 12.26
N TYR A 95 4.22 -4.86 10.94
CA TYR A 95 5.49 -4.99 10.21
C TYR A 95 6.43 -3.84 10.57
N THR A 96 5.89 -2.63 10.63
CA THR A 96 6.68 -1.45 10.95
C THR A 96 7.65 -1.75 12.09
N THR A 97 7.30 -2.72 12.92
CA THR A 97 8.15 -3.10 14.05
C THR A 97 9.16 -4.17 13.65
N THR A 98 8.74 -5.09 12.80
CA THR A 98 9.61 -6.15 12.33
C THR A 98 9.21 -6.63 10.94
N SER A 99 10.19 -7.02 10.15
CA SER A 99 9.94 -7.49 8.79
C SER A 99 9.22 -8.84 8.81
N ASP A 100 9.50 -9.64 9.83
CA ASP A 100 8.88 -10.95 9.98
C ASP A 100 9.21 -11.84 8.78
N GLY A 101 10.38 -11.61 8.18
CA GLY A 101 10.79 -12.39 7.04
C GLY A 101 10.76 -11.60 5.74
N LEU A 102 9.87 -10.60 5.68
CA LEU A 102 9.74 -9.77 4.50
C LEU A 102 11.10 -9.25 4.04
N CYS A 103 11.35 -9.33 2.73
CA CYS A 103 12.61 -8.87 2.16
C CYS A 103 13.14 -7.67 2.94
N VAL A 104 12.25 -6.77 3.33
CA VAL A 104 12.63 -5.58 4.08
C VAL A 104 11.52 -5.15 5.03
N LYS A 105 11.90 -4.44 6.09
CA LYS A 105 10.94 -3.97 7.07
C LYS A 105 10.37 -2.60 6.68
N LEU A 106 9.04 -2.48 6.74
CA LEU A 106 8.38 -1.24 6.39
C LEU A 106 8.85 -0.09 7.27
N GLU A 107 9.66 0.80 6.70
CA GLU A 107 10.18 1.95 7.44
C GLU A 107 9.19 3.10 7.42
N LYS A 108 9.03 3.73 6.26
CA LYS A 108 8.11 4.85 6.11
C LYS A 108 7.29 4.71 4.83
N PRO A 109 6.07 5.29 4.84
CA PRO A 109 5.16 5.24 3.69
C PRO A 109 5.67 6.08 2.52
N CYS A 110 5.29 5.68 1.32
CA CYS A 110 5.70 6.40 0.11
C CYS A 110 5.20 7.84 0.15
N LEU A 111 5.74 8.67 -0.75
CA LEU A 111 5.34 10.07 -0.82
C LEU A 111 4.34 10.29 -1.95
N LYS A 112 3.80 11.50 -2.01
CA LYS A 112 2.82 11.85 -3.04
C LYS A 112 3.38 12.91 -3.98
N ILE A 113 3.50 12.56 -5.26
CA ILE A 113 4.02 13.49 -6.26
C ILE A 113 2.92 14.40 -6.78
N GLN A 114 3.29 15.65 -7.08
CA GLN A 114 2.33 16.62 -7.59
C GLN A 114 2.57 16.90 -9.07
N VAL A 115 1.85 16.18 -9.93
CA VAL A 115 1.98 16.36 -11.37
C VAL A 115 0.87 17.25 -11.92
N SER A 116 1.17 17.95 -13.00
CA SER A 116 0.20 18.83 -13.63
C SER A 116 0.37 18.85 -15.15
N GLY A 117 -0.72 19.11 -15.86
CA GLY A 117 -0.67 19.14 -17.31
C GLY A 117 -0.42 17.77 -17.91
N PRO A 118 -1.51 17.07 -18.26
CA PRO A 118 -1.43 15.73 -18.85
C PRO A 118 -0.88 15.77 -20.27
N SER A 119 0.44 15.69 -20.39
CA SER A 119 1.09 15.71 -21.69
C SER A 119 2.46 15.04 -21.63
N SER A 120 3.03 14.76 -22.80
CA SER A 120 4.34 14.13 -22.88
C SER A 120 5.46 15.15 -22.76
N GLY A 121 5.37 16.21 -23.57
CA GLY A 121 6.38 17.25 -23.54
C GLY A 121 6.60 17.80 -22.15
N GLY A 1 -9.88 12.80 -6.15
CA GLY A 1 -11.20 12.36 -6.58
C GLY A 1 -12.20 13.51 -6.63
N SER A 2 -12.90 13.63 -7.74
CA SER A 2 -13.90 14.69 -7.91
C SER A 2 -15.30 14.16 -7.65
N SER A 3 -15.70 13.14 -8.40
CA SER A 3 -17.02 12.54 -8.24
C SER A 3 -17.28 12.17 -6.78
N GLY A 4 -16.40 11.34 -6.22
CA GLY A 4 -16.56 10.92 -4.84
C GLY A 4 -17.76 10.03 -4.64
N SER A 5 -17.57 8.93 -3.91
CA SER A 5 -18.66 7.99 -3.65
C SER A 5 -19.29 8.26 -2.29
N SER A 6 -20.55 7.85 -2.14
CA SER A 6 -21.28 8.05 -0.89
C SER A 6 -20.95 6.96 0.11
N GLY A 7 -19.80 7.10 0.78
CA GLY A 7 -19.39 6.12 1.76
C GLY A 7 -18.40 5.12 1.20
N ALA A 8 -17.11 5.44 1.31
CA ALA A 8 -16.06 4.57 0.81
C ALA A 8 -15.49 3.70 1.93
N GLU A 9 -15.11 2.47 1.59
CA GLU A 9 -14.55 1.55 2.57
C GLU A 9 -13.28 2.12 3.19
N ASP A 10 -12.54 2.89 2.40
CA ASP A 10 -11.30 3.51 2.87
C ASP A 10 -11.57 4.88 3.47
N ARG A 11 -12.68 5.01 4.17
CA ARG A 11 -13.06 6.28 4.80
C ARG A 11 -11.85 6.91 5.49
N SER A 12 -11.45 6.32 6.61
CA SER A 12 -10.31 6.82 7.37
C SER A 12 -9.00 6.50 6.68
N LEU A 13 -9.03 5.50 5.80
CA LEU A 13 -7.83 5.09 5.07
C LEU A 13 -7.43 6.14 4.04
N GLN A 14 -8.42 6.89 3.54
CA GLN A 14 -8.16 7.94 2.57
C GLN A 14 -7.11 8.91 3.08
N ALA A 15 -6.91 8.95 4.39
CA ALA A 15 -5.94 9.84 5.00
C ALA A 15 -4.56 9.20 5.02
N GLU A 16 -4.52 7.87 5.09
CA GLU A 16 -3.26 7.14 5.12
C GLU A 16 -2.40 7.50 3.91
N PRO A 17 -1.13 7.84 4.18
CA PRO A 17 -0.17 8.21 3.13
C PRO A 17 0.22 7.02 2.26
N TRP A 18 0.43 5.87 2.89
CA TRP A 18 0.82 4.66 2.18
C TRP A 18 -0.34 4.15 1.33
N PHE A 19 -1.54 4.65 1.60
CA PHE A 19 -2.72 4.23 0.85
C PHE A 19 -2.89 5.07 -0.41
N PHE A 20 -3.05 4.39 -1.55
CA PHE A 20 -3.22 5.09 -2.82
C PHE A 20 -4.44 4.55 -3.56
N GLY A 21 -5.53 4.34 -2.84
CA GLY A 21 -6.74 3.84 -3.44
C GLY A 21 -6.47 2.69 -4.41
N ALA A 22 -6.91 2.85 -5.66
CA ALA A 22 -6.71 1.83 -6.66
C ALA A 22 -5.78 2.31 -7.77
N ILE A 23 -4.53 1.89 -7.70
CA ILE A 23 -3.53 2.29 -8.69
C ILE A 23 -2.80 1.06 -9.25
N LYS A 24 -2.14 1.25 -10.39
CA LYS A 24 -1.40 0.17 -11.03
C LYS A 24 0.06 0.17 -10.57
N ARG A 25 0.70 -1.00 -10.64
CA ARG A 25 2.09 -1.13 -10.22
C ARG A 25 2.94 -0.02 -10.82
N ALA A 26 2.52 0.48 -11.98
CA ALA A 26 3.25 1.55 -12.66
C ALA A 26 3.16 2.86 -11.87
N ASP A 27 1.95 3.21 -11.45
CA ASP A 27 1.73 4.43 -10.69
C ASP A 27 2.35 4.32 -9.30
N ALA A 28 2.37 3.12 -8.76
CA ALA A 28 2.93 2.88 -7.43
C ALA A 28 4.45 2.82 -7.49
N GLU A 29 4.98 2.15 -8.51
CA GLU A 29 6.42 2.03 -8.69
C GLU A 29 7.08 3.40 -8.80
N LYS A 30 6.67 4.16 -9.82
CA LYS A 30 7.21 5.49 -10.04
C LYS A 30 7.29 6.28 -8.74
N GLN A 31 6.33 6.04 -7.85
CA GLN A 31 6.29 6.72 -6.56
C GLN A 31 7.37 6.19 -5.63
N LEU A 32 7.61 4.89 -5.68
CA LEU A 32 8.62 4.26 -4.84
C LEU A 32 10.02 4.56 -5.35
N LEU A 33 10.25 4.26 -6.63
CA LEU A 33 11.55 4.50 -7.25
C LEU A 33 11.96 5.97 -7.09
N TYR A 34 11.02 6.81 -6.71
CA TYR A 34 11.28 8.23 -6.53
C TYR A 34 12.59 8.44 -5.78
N SER A 35 13.06 9.69 -5.76
CA SER A 35 14.31 10.02 -5.08
C SER A 35 14.07 10.22 -3.58
N GLU A 36 13.32 11.27 -3.24
CA GLU A 36 13.03 11.57 -1.84
C GLU A 36 12.78 10.29 -1.05
N ASN A 37 12.33 9.25 -1.75
CA ASN A 37 12.05 7.96 -1.11
C ASN A 37 13.30 7.09 -1.09
N GLN A 38 13.45 6.31 -0.03
CA GLN A 38 14.60 5.42 0.12
C GLN A 38 14.16 4.02 0.53
N THR A 39 15.12 3.12 0.67
CA THR A 39 14.84 1.74 1.05
C THR A 39 13.89 1.70 2.25
N GLY A 40 12.66 1.25 2.01
CA GLY A 40 11.68 1.17 3.08
C GLY A 40 10.32 1.70 2.66
N ALA A 41 10.32 2.71 1.80
CA ALA A 41 9.08 3.31 1.32
C ALA A 41 8.08 2.23 0.90
N PHE A 42 6.92 2.21 1.55
CA PHE A 42 5.89 1.24 1.23
C PHE A 42 4.57 1.93 0.90
N LEU A 43 3.76 1.28 0.07
CA LEU A 43 2.47 1.83 -0.32
C LEU A 43 1.51 0.73 -0.77
N ILE A 44 0.28 0.80 -0.28
CA ILE A 44 -0.73 -0.20 -0.62
C ILE A 44 -1.73 0.35 -1.64
N ARG A 45 -2.25 -0.53 -2.49
CA ARG A 45 -3.22 -0.12 -3.50
C ARG A 45 -4.24 -1.22 -3.75
N GLU A 46 -5.35 -0.87 -4.39
CA GLU A 46 -6.40 -1.82 -4.69
C GLU A 46 -6.14 -2.54 -6.01
N SER A 47 -6.40 -3.84 -6.04
CA SER A 47 -6.19 -4.64 -7.24
C SER A 47 -6.89 -4.01 -8.44
N GLU A 48 -6.22 -4.05 -9.59
CA GLU A 48 -6.77 -3.48 -10.81
C GLU A 48 -7.76 -4.45 -11.46
N SER A 49 -7.32 -5.68 -11.67
CA SER A 49 -8.16 -6.71 -12.28
C SER A 49 -8.95 -7.47 -11.22
N GLN A 50 -9.31 -6.78 -10.15
CA GLN A 50 -10.07 -7.40 -9.06
C GLN A 50 -10.59 -6.34 -8.09
N LYS A 51 -11.61 -6.70 -7.33
CA LYS A 51 -12.20 -5.79 -6.36
C LYS A 51 -12.14 -6.37 -4.95
N GLY A 52 -11.53 -5.64 -4.03
CA GLY A 52 -11.42 -6.09 -2.66
C GLY A 52 -9.99 -6.40 -2.27
N ASP A 53 -9.25 -7.04 -3.17
CA ASP A 53 -7.85 -7.39 -2.92
C ASP A 53 -6.99 -6.15 -2.77
N PHE A 54 -5.72 -6.35 -2.47
CA PHE A 54 -4.79 -5.23 -2.30
C PHE A 54 -3.36 -5.68 -2.57
N SER A 55 -2.49 -4.72 -2.89
CA SER A 55 -1.09 -5.02 -3.17
C SER A 55 -0.18 -4.11 -2.36
N LEU A 56 0.86 -4.70 -1.76
CA LEU A 56 1.81 -3.94 -0.96
C LEU A 56 3.10 -3.69 -1.73
N SER A 57 3.30 -2.44 -2.15
CA SER A 57 4.48 -2.06 -2.91
C SER A 57 5.53 -1.45 -1.99
N VAL A 58 6.68 -2.12 -1.89
CA VAL A 58 7.77 -1.64 -1.05
C VAL A 58 9.04 -1.42 -1.86
N LEU A 59 9.87 -0.49 -1.40
CA LEU A 59 11.12 -0.18 -2.09
C LEU A 59 12.31 -0.80 -1.37
N ASP A 60 13.16 -1.49 -2.12
CA ASP A 60 14.34 -2.13 -1.55
C ASP A 60 15.57 -1.87 -2.42
N GLU A 61 16.25 -0.74 -2.15
CA GLU A 61 17.43 -0.37 -2.90
C GLU A 61 17.08 -0.02 -4.34
N GLY A 62 15.91 0.58 -4.53
CA GLY A 62 15.47 0.97 -5.86
C GLY A 62 14.54 -0.06 -6.48
N VAL A 63 14.49 -1.24 -5.88
CA VAL A 63 13.63 -2.31 -6.39
C VAL A 63 12.25 -2.25 -5.75
N VAL A 64 11.24 -2.75 -6.46
CA VAL A 64 9.88 -2.75 -5.96
C VAL A 64 9.35 -4.18 -5.80
N LYS A 65 9.24 -4.62 -4.55
CA LYS A 65 8.75 -5.96 -4.26
C LYS A 65 7.23 -5.97 -4.09
N HIS A 66 6.54 -6.57 -5.05
CA HIS A 66 5.09 -6.64 -5.01
C HIS A 66 4.62 -7.81 -4.15
N TYR A 67 3.96 -7.50 -3.03
CA TYR A 67 3.48 -8.53 -2.13
C TYR A 67 1.95 -8.68 -2.23
N ARG A 68 1.51 -9.87 -2.62
CA ARG A 68 0.09 -10.15 -2.75
C ARG A 68 -0.61 -10.15 -1.40
N ILE A 69 -1.51 -9.19 -1.19
CA ILE A 69 -2.24 -9.09 0.06
C ILE A 69 -3.51 -9.94 0.04
N ARG A 70 -3.40 -11.15 0.57
CA ARG A 70 -4.54 -12.07 0.61
C ARG A 70 -5.56 -11.62 1.65
N ARG A 71 -6.81 -12.04 1.47
CA ARG A 71 -7.88 -11.67 2.39
C ARG A 71 -8.69 -12.91 2.79
N LEU A 72 -9.22 -12.89 4.01
CA LEU A 72 -10.01 -14.01 4.52
C LEU A 72 -11.50 -13.71 4.42
N ASP A 73 -12.32 -14.65 4.87
CA ASP A 73 -13.77 -14.48 4.84
C ASP A 73 -14.31 -14.21 6.23
N GLU A 74 -13.46 -14.33 7.24
CA GLU A 74 -13.86 -14.10 8.63
C GLU A 74 -13.00 -13.02 9.27
N GLY A 75 -11.78 -12.86 8.76
CA GLY A 75 -10.87 -11.86 9.30
C GLY A 75 -10.80 -10.62 8.43
N GLY A 76 -9.59 -10.30 7.95
CA GLY A 76 -9.42 -9.12 7.12
C GLY A 76 -8.38 -9.35 6.03
N PHE A 77 -7.17 -8.86 6.27
CA PHE A 77 -6.09 -9.00 5.29
C PHE A 77 -4.90 -9.73 5.91
N PHE A 78 -4.09 -10.35 5.06
CA PHE A 78 -2.91 -11.07 5.52
C PHE A 78 -1.90 -11.28 4.38
N LEU A 79 -0.66 -10.91 4.63
CA LEU A 79 0.40 -11.05 3.63
C LEU A 79 1.02 -12.44 3.68
N THR A 80 0.76 -13.16 4.77
CA THR A 80 1.29 -14.51 4.95
C THR A 80 0.42 -15.32 5.88
N ARG A 81 -0.01 -16.49 5.42
CA ARG A 81 -0.85 -17.37 6.22
C ARG A 81 -0.36 -17.44 7.65
N ARG A 82 0.93 -17.15 7.84
CA ARG A 82 1.53 -17.19 9.17
C ARG A 82 0.93 -16.10 10.07
N LYS A 83 0.80 -14.90 9.53
CA LYS A 83 0.24 -13.78 10.28
C LYS A 83 -0.97 -13.18 9.55
N VAL A 84 -1.90 -12.64 10.32
CA VAL A 84 -3.10 -12.04 9.75
C VAL A 84 -3.50 -10.78 10.52
N PHE A 85 -4.10 -9.83 9.81
CA PHE A 85 -4.54 -8.57 10.41
C PHE A 85 -6.02 -8.34 10.17
N SER A 86 -6.51 -7.19 10.63
CA SER A 86 -7.92 -6.84 10.46
C SER A 86 -8.09 -5.76 9.39
N THR A 87 -7.29 -4.70 9.50
CA THR A 87 -7.36 -3.61 8.54
C THR A 87 -5.97 -3.21 8.07
N LEU A 88 -5.89 -2.62 6.87
CA LEU A 88 -4.62 -2.19 6.32
C LEU A 88 -3.77 -1.48 7.36
N ASN A 89 -4.45 -0.86 8.33
CA ASN A 89 -3.76 -0.14 9.39
C ASN A 89 -2.85 -1.07 10.18
N GLU A 90 -3.45 -2.03 10.88
CA GLU A 90 -2.69 -2.99 11.68
C GLU A 90 -1.75 -3.79 10.79
N PHE A 91 -2.06 -3.87 9.51
CA PHE A 91 -1.24 -4.62 8.56
C PHE A 91 0.16 -4.01 8.46
N VAL A 92 0.23 -2.68 8.46
CA VAL A 92 1.50 -1.98 8.37
C VAL A 92 2.06 -1.67 9.76
N ASN A 93 1.17 -1.30 10.68
CA ASN A 93 1.57 -0.98 12.04
C ASN A 93 2.30 -2.15 12.68
N TYR A 94 2.13 -3.33 12.10
CA TYR A 94 2.77 -4.54 12.63
C TYR A 94 4.18 -4.70 12.04
N TYR A 95 4.26 -4.88 10.73
CA TYR A 95 5.54 -5.04 10.06
C TYR A 95 6.54 -3.99 10.50
N THR A 96 6.07 -2.75 10.61
CA THR A 96 6.92 -1.64 11.04
C THR A 96 7.82 -2.05 12.20
N THR A 97 7.39 -3.07 12.94
CA THR A 97 8.17 -3.56 14.07
C THR A 97 9.12 -4.67 13.65
N THR A 98 8.68 -5.50 12.71
CA THR A 98 9.49 -6.61 12.22
C THR A 98 9.06 -7.03 10.82
N SER A 99 10.03 -7.15 9.92
CA SER A 99 9.74 -7.55 8.54
C SER A 99 8.84 -8.79 8.51
N ASP A 100 9.19 -9.77 9.33
CA ASP A 100 8.42 -11.01 9.39
C ASP A 100 8.62 -11.84 8.13
N GLY A 101 9.88 -12.01 7.72
CA GLY A 101 10.18 -12.78 6.53
C GLY A 101 10.11 -11.94 5.27
N LEU A 102 9.85 -10.64 5.43
CA LEU A 102 9.76 -9.74 4.30
C LEU A 102 11.14 -9.21 3.92
N CYS A 103 11.42 -9.22 2.62
CA CYS A 103 12.70 -8.74 2.11
C CYS A 103 13.23 -7.59 2.95
N VAL A 104 12.33 -6.68 3.33
CA VAL A 104 12.70 -5.53 4.14
C VAL A 104 11.56 -5.13 5.08
N LYS A 105 11.93 -4.51 6.19
CA LYS A 105 10.94 -4.07 7.19
C LYS A 105 10.41 -2.69 6.86
N LEU A 106 9.09 -2.56 6.78
CA LEU A 106 8.46 -1.29 6.48
C LEU A 106 8.92 -0.20 7.44
N GLU A 107 9.60 0.81 6.92
CA GLU A 107 10.10 1.90 7.73
C GLU A 107 9.17 3.12 7.64
N LYS A 108 8.92 3.56 6.42
CA LYS A 108 8.04 4.71 6.19
C LYS A 108 7.20 4.51 4.93
N PRO A 109 6.04 5.19 4.88
CA PRO A 109 5.13 5.10 3.75
C PRO A 109 5.68 5.78 2.50
N CYS A 110 5.04 5.52 1.37
CA CYS A 110 5.48 6.10 0.09
C CYS A 110 4.99 7.55 -0.02
N LEU A 111 5.82 8.40 -0.62
CA LEU A 111 5.48 9.80 -0.81
C LEU A 111 4.41 9.96 -1.88
N LYS A 112 3.69 11.08 -1.84
CA LYS A 112 2.64 11.36 -2.80
C LYS A 112 2.97 12.62 -3.61
N ILE A 113 3.31 12.43 -4.88
CA ILE A 113 3.64 13.56 -5.74
C ILE A 113 2.38 14.26 -6.24
N GLN A 114 2.44 15.59 -6.31
CA GLN A 114 1.30 16.38 -6.76
C GLN A 114 1.67 17.24 -7.97
N VAL A 115 0.79 17.28 -8.95
CA VAL A 115 1.02 18.07 -10.16
C VAL A 115 0.49 19.49 -10.01
N SER A 116 -0.50 19.66 -9.13
CA SER A 116 -1.09 20.97 -8.90
C SER A 116 -0.75 21.47 -7.50
N GLY A 117 -1.21 20.75 -6.48
CA GLY A 117 -0.95 21.14 -5.11
C GLY A 117 -2.22 21.37 -4.32
N PRO A 118 -2.11 22.14 -3.22
CA PRO A 118 -3.25 22.45 -2.35
C PRO A 118 -4.27 23.37 -3.02
N SER A 119 -5.41 22.80 -3.40
CA SER A 119 -6.45 23.58 -4.06
C SER A 119 -7.75 23.53 -3.25
N SER A 120 -8.72 24.35 -3.65
CA SER A 120 -10.00 24.41 -2.97
C SER A 120 -11.15 24.08 -3.91
N GLY A 121 -12.23 23.53 -3.36
CA GLY A 121 -13.38 23.18 -4.17
C GLY A 121 -13.09 22.00 -5.09
N GLY A 1 -6.32 10.90 -7.22
CA GLY A 1 -6.78 12.24 -6.89
C GLY A 1 -8.22 12.25 -6.42
N SER A 2 -8.53 11.41 -5.44
CA SER A 2 -9.89 11.33 -4.91
C SER A 2 -10.92 11.46 -6.01
N SER A 3 -10.67 10.79 -7.13
CA SER A 3 -11.57 10.83 -8.27
C SER A 3 -12.30 9.50 -8.44
N GLY A 4 -13.45 9.38 -7.78
CA GLY A 4 -14.23 8.16 -7.87
C GLY A 4 -13.66 7.05 -7.02
N SER A 5 -14.50 6.47 -6.17
CA SER A 5 -14.07 5.39 -5.28
C SER A 5 -14.41 4.03 -5.88
N SER A 6 -13.44 3.12 -5.86
CA SER A 6 -13.63 1.78 -6.40
C SER A 6 -14.15 0.83 -5.33
N GLY A 7 -15.46 0.90 -5.08
CA GLY A 7 -16.06 0.03 -4.09
C GLY A 7 -15.14 -0.23 -2.90
N ALA A 8 -15.24 0.63 -1.89
CA ALA A 8 -14.41 0.48 -0.70
C ALA A 8 -15.19 0.86 0.56
N GLU A 9 -15.20 -0.05 1.53
CA GLU A 9 -15.90 0.19 2.78
C GLU A 9 -15.03 0.95 3.76
N ASP A 10 -14.40 2.01 3.29
CA ASP A 10 -13.52 2.82 4.13
C ASP A 10 -13.59 4.29 3.72
N ARG A 11 -13.69 5.17 4.71
CA ARG A 11 -13.76 6.61 4.44
C ARG A 11 -12.66 7.35 5.21
N SER A 12 -12.13 6.71 6.24
CA SER A 12 -11.09 7.32 7.05
C SER A 12 -9.70 6.85 6.60
N LEU A 13 -9.65 5.65 6.02
CA LEU A 13 -8.40 5.09 5.53
C LEU A 13 -7.71 6.05 4.57
N GLN A 14 -8.50 6.87 3.88
CA GLN A 14 -7.97 7.83 2.92
C GLN A 14 -6.87 8.67 3.56
N ALA A 15 -6.97 8.87 4.87
CA ALA A 15 -5.98 9.65 5.60
C ALA A 15 -4.61 8.98 5.58
N GLU A 16 -4.62 7.66 5.55
CA GLU A 16 -3.38 6.89 5.53
C GLU A 16 -2.49 7.33 4.38
N PRO A 17 -1.21 7.59 4.68
CA PRO A 17 -0.22 8.02 3.67
C PRO A 17 0.13 6.91 2.69
N TRP A 18 0.40 5.72 3.22
CA TRP A 18 0.75 4.57 2.39
C TRP A 18 -0.43 4.16 1.51
N PHE A 19 -1.59 4.74 1.77
CA PHE A 19 -2.80 4.43 1.01
C PHE A 19 -2.95 5.37 -0.18
N PHE A 20 -2.95 4.80 -1.38
CA PHE A 20 -3.09 5.59 -2.60
C PHE A 20 -4.34 5.20 -3.36
N GLY A 21 -5.27 4.52 -2.67
CA GLY A 21 -6.50 4.10 -3.30
C GLY A 21 -6.29 2.95 -4.26
N ALA A 22 -6.74 3.13 -5.51
CA ALA A 22 -6.59 2.10 -6.53
C ALA A 22 -5.73 2.59 -7.68
N ILE A 23 -4.47 2.16 -7.70
CA ILE A 23 -3.53 2.55 -8.75
C ILE A 23 -2.85 1.34 -9.36
N LYS A 24 -2.22 1.54 -10.51
CA LYS A 24 -1.52 0.46 -11.19
C LYS A 24 -0.06 0.37 -10.73
N ARG A 25 0.50 -0.84 -10.81
CA ARG A 25 1.88 -1.06 -10.38
C ARG A 25 2.80 0.02 -10.94
N ALA A 26 2.50 0.47 -12.15
CA ALA A 26 3.31 1.50 -12.81
C ALA A 26 3.27 2.80 -12.02
N ASP A 27 2.08 3.18 -11.58
CA ASP A 27 1.90 4.41 -10.82
C ASP A 27 2.56 4.30 -9.45
N ALA A 28 2.51 3.11 -8.86
CA ALA A 28 3.11 2.87 -7.56
C ALA A 28 4.63 2.86 -7.64
N GLU A 29 5.17 2.13 -8.61
CA GLU A 29 6.60 2.03 -8.80
C GLU A 29 7.24 3.42 -8.87
N LYS A 30 6.85 4.19 -9.87
CA LYS A 30 7.37 5.54 -10.06
C LYS A 30 7.43 6.28 -8.73
N GLN A 31 6.39 6.12 -7.91
CA GLN A 31 6.33 6.77 -6.61
C GLN A 31 7.37 6.19 -5.65
N LEU A 32 7.61 4.88 -5.79
CA LEU A 32 8.58 4.20 -4.94
C LEU A 32 10.01 4.56 -5.35
N LEU A 33 10.34 4.32 -6.60
CA LEU A 33 11.68 4.62 -7.12
C LEU A 33 12.04 6.08 -6.87
N TYR A 34 11.02 6.90 -6.63
CA TYR A 34 11.23 8.32 -6.39
C TYR A 34 12.53 8.56 -5.62
N SER A 35 13.16 9.70 -5.88
CA SER A 35 14.41 10.04 -5.22
C SER A 35 14.20 10.23 -3.71
N GLU A 36 13.46 11.27 -3.35
CA GLU A 36 13.18 11.56 -1.95
C GLU A 36 12.93 10.27 -1.18
N ASN A 37 12.32 9.29 -1.84
CA ASN A 37 12.02 8.01 -1.20
C ASN A 37 13.22 7.08 -1.26
N GLN A 38 13.43 6.32 -0.19
CA GLN A 38 14.55 5.39 -0.12
C GLN A 38 14.09 4.02 0.38
N THR A 39 14.99 3.04 0.32
CA THR A 39 14.67 1.70 0.76
C THR A 39 13.77 1.71 1.99
N GLY A 40 12.52 1.27 1.81
CA GLY A 40 11.57 1.25 2.91
C GLY A 40 10.20 1.77 2.51
N ALA A 41 10.18 2.74 1.61
CA ALA A 41 8.93 3.31 1.14
C ALA A 41 7.91 2.22 0.80
N PHE A 42 6.77 2.25 1.50
CA PHE A 42 5.72 1.26 1.27
C PHE A 42 4.39 1.95 1.01
N LEU A 43 3.59 1.35 0.13
CA LEU A 43 2.28 1.91 -0.21
C LEU A 43 1.32 0.80 -0.65
N ILE A 44 0.12 0.79 -0.08
CA ILE A 44 -0.88 -0.21 -0.42
C ILE A 44 -1.93 0.37 -1.35
N ARG A 45 -2.31 -0.40 -2.36
CA ARG A 45 -3.31 0.03 -3.33
C ARG A 45 -4.33 -1.07 -3.60
N GLU A 46 -5.44 -0.71 -4.23
CA GLU A 46 -6.49 -1.67 -4.55
C GLU A 46 -6.20 -2.37 -5.88
N SER A 47 -6.39 -3.68 -5.91
CA SER A 47 -6.16 -4.46 -7.12
C SER A 47 -7.31 -4.30 -8.10
N GLU A 48 -7.03 -3.67 -9.23
CA GLU A 48 -8.04 -3.45 -10.26
C GLU A 48 -8.85 -4.71 -10.50
N SER A 49 -9.93 -4.58 -11.27
CA SER A 49 -10.80 -5.71 -11.57
C SER A 49 -10.99 -6.59 -10.34
N GLN A 50 -11.04 -5.96 -9.17
CA GLN A 50 -11.22 -6.70 -7.93
C GLN A 50 -11.49 -5.74 -6.76
N LYS A 51 -12.47 -6.08 -5.94
CA LYS A 51 -12.83 -5.24 -4.79
C LYS A 51 -12.46 -5.94 -3.49
N GLY A 52 -11.78 -5.20 -2.61
CA GLY A 52 -11.37 -5.76 -1.33
C GLY A 52 -9.91 -6.18 -1.32
N ASP A 53 -9.41 -6.61 -2.47
CA ASP A 53 -8.03 -7.05 -2.58
C ASP A 53 -7.09 -5.85 -2.61
N PHE A 54 -5.88 -6.02 -2.09
CA PHE A 54 -4.89 -4.95 -2.05
C PHE A 54 -3.50 -5.50 -2.37
N SER A 55 -2.55 -4.58 -2.58
CA SER A 55 -1.18 -4.97 -2.91
C SER A 55 -0.18 -4.11 -2.14
N LEU A 56 0.79 -4.76 -1.52
CA LEU A 56 1.81 -4.06 -0.75
C LEU A 56 3.09 -3.89 -1.57
N SER A 57 3.40 -2.65 -1.93
CA SER A 57 4.59 -2.35 -2.72
C SER A 57 5.64 -1.65 -1.86
N VAL A 58 6.81 -2.26 -1.75
CA VAL A 58 7.90 -1.69 -0.95
C VAL A 58 9.16 -1.55 -1.79
N LEU A 59 9.97 -0.54 -1.47
CA LEU A 59 11.21 -0.29 -2.19
C LEU A 59 12.40 -0.85 -1.43
N ASP A 60 13.31 -1.50 -2.15
CA ASP A 60 14.50 -2.08 -1.53
C ASP A 60 15.74 -1.76 -2.36
N GLU A 61 16.25 -0.54 -2.20
CA GLU A 61 17.44 -0.13 -2.94
C GLU A 61 17.11 0.16 -4.41
N GLY A 62 15.84 0.51 -4.65
CA GLY A 62 15.42 0.81 -6.01
C GLY A 62 14.52 -0.27 -6.58
N VAL A 63 14.46 -1.41 -5.89
CA VAL A 63 13.64 -2.53 -6.34
C VAL A 63 12.30 -2.53 -5.64
N VAL A 64 11.21 -2.59 -6.42
CA VAL A 64 9.87 -2.60 -5.86
C VAL A 64 9.35 -4.03 -5.71
N LYS A 65 9.24 -4.48 -4.46
CA LYS A 65 8.76 -5.83 -4.18
C LYS A 65 7.24 -5.85 -4.08
N HIS A 66 6.59 -6.48 -5.05
CA HIS A 66 5.13 -6.58 -5.07
C HIS A 66 4.65 -7.74 -4.20
N TYR A 67 4.01 -7.41 -3.09
CA TYR A 67 3.51 -8.42 -2.16
C TYR A 67 1.99 -8.52 -2.24
N ARG A 68 1.49 -9.67 -2.68
CA ARG A 68 0.06 -9.89 -2.80
C ARG A 68 -0.59 -10.01 -1.43
N ILE A 69 -1.63 -9.20 -1.19
CA ILE A 69 -2.33 -9.21 0.08
C ILE A 69 -3.62 -10.03 -0.02
N ARG A 70 -3.57 -11.25 0.48
CA ARG A 70 -4.74 -12.13 0.46
C ARG A 70 -5.62 -11.90 1.69
N ARG A 71 -6.93 -11.98 1.48
CA ARG A 71 -7.88 -11.78 2.57
C ARG A 71 -8.51 -13.10 3.00
N LEU A 72 -8.97 -13.15 4.24
CA LEU A 72 -9.59 -14.37 4.77
C LEU A 72 -11.10 -14.20 4.88
N ASP A 73 -11.77 -15.22 5.40
CA ASP A 73 -13.22 -15.19 5.56
C ASP A 73 -13.59 -14.92 7.01
N GLU A 74 -12.61 -14.98 7.90
CA GLU A 74 -12.83 -14.74 9.32
C GLU A 74 -12.02 -13.55 9.81
N GLY A 75 -10.77 -13.47 9.39
CA GLY A 75 -9.91 -12.38 9.79
C GLY A 75 -10.08 -11.16 8.92
N GLY A 76 -9.01 -10.77 8.22
CA GLY A 76 -9.08 -9.60 7.36
C GLY A 76 -8.03 -9.63 6.26
N PHE A 77 -6.93 -8.93 6.47
CA PHE A 77 -5.86 -8.87 5.47
C PHE A 77 -4.60 -9.55 6.01
N PHE A 78 -3.93 -10.31 5.14
CA PHE A 78 -2.71 -11.00 5.52
C PHE A 78 -1.79 -11.18 4.32
N LEU A 79 -0.53 -10.80 4.50
CA LEU A 79 0.46 -10.93 3.42
C LEU A 79 1.16 -12.28 3.47
N THR A 80 1.14 -12.91 4.65
CA THR A 80 1.77 -14.20 4.83
C THR A 80 1.00 -15.06 5.82
N ARG A 81 0.60 -16.25 5.39
CA ARG A 81 -0.16 -17.17 6.23
C ARG A 81 0.40 -17.17 7.65
N ARG A 82 1.67 -16.81 7.79
CA ARG A 82 2.32 -16.78 9.09
C ARG A 82 1.65 -15.76 10.00
N LYS A 83 1.38 -14.58 9.46
CA LYS A 83 0.75 -13.50 10.22
C LYS A 83 -0.47 -12.96 9.47
N VAL A 84 -1.50 -12.58 10.24
CA VAL A 84 -2.72 -12.04 9.64
C VAL A 84 -3.19 -10.79 10.40
N PHE A 85 -3.97 -9.96 9.72
CA PHE A 85 -4.48 -8.74 10.32
C PHE A 85 -5.97 -8.56 10.03
N SER A 86 -6.52 -7.42 10.44
CA SER A 86 -7.94 -7.14 10.22
C SER A 86 -8.11 -5.98 9.25
N THR A 87 -7.34 -4.92 9.45
CA THR A 87 -7.41 -3.75 8.60
C THR A 87 -6.02 -3.32 8.12
N LEU A 88 -5.96 -2.69 6.96
CA LEU A 88 -4.70 -2.23 6.39
C LEU A 88 -3.85 -1.55 7.46
N ASN A 89 -4.50 -0.97 8.46
CA ASN A 89 -3.80 -0.29 9.54
C ASN A 89 -2.92 -1.27 10.32
N GLU A 90 -3.56 -2.22 11.00
CA GLU A 90 -2.83 -3.21 11.77
C GLU A 90 -1.89 -4.02 10.89
N PHE A 91 -2.12 -3.96 9.58
CA PHE A 91 -1.30 -4.69 8.63
C PHE A 91 0.10 -4.08 8.53
N VAL A 92 0.16 -2.75 8.57
CA VAL A 92 1.43 -2.05 8.49
C VAL A 92 2.00 -1.78 9.88
N ASN A 93 1.10 -1.53 10.83
CA ASN A 93 1.52 -1.25 12.21
C ASN A 93 2.38 -2.38 12.76
N TYR A 94 2.12 -3.60 12.29
CA TYR A 94 2.87 -4.77 12.74
C TYR A 94 4.24 -4.83 12.05
N TYR A 95 4.23 -5.03 10.74
CA TYR A 95 5.47 -5.13 9.98
C TYR A 95 6.39 -3.96 10.30
N THR A 96 5.81 -2.76 10.38
CA THR A 96 6.58 -1.56 10.68
C THR A 96 7.61 -1.82 11.78
N THR A 97 7.35 -2.83 12.60
CA THR A 97 8.24 -3.20 13.69
C THR A 97 9.29 -4.20 13.23
N THR A 98 8.87 -5.14 12.38
CA THR A 98 9.78 -6.16 11.86
C THR A 98 9.36 -6.61 10.47
N SER A 99 10.30 -7.18 9.72
CA SER A 99 10.03 -7.66 8.38
C SER A 99 9.88 -9.17 8.35
N ASP A 100 9.22 -9.71 9.37
CA ASP A 100 9.01 -11.16 9.47
C ASP A 100 8.69 -11.75 8.10
N GLY A 101 9.72 -12.28 7.44
CA GLY A 101 9.54 -12.88 6.13
C GLY A 101 9.78 -11.89 5.01
N LEU A 102 9.26 -10.68 5.17
CA LEU A 102 9.42 -9.63 4.17
C LEU A 102 10.90 -9.34 3.91
N CYS A 103 11.22 -9.00 2.67
CA CYS A 103 12.59 -8.69 2.29
C CYS A 103 13.13 -7.51 3.11
N VAL A 104 12.27 -6.54 3.36
CA VAL A 104 12.66 -5.36 4.12
C VAL A 104 11.53 -4.92 5.06
N LYS A 105 11.90 -4.17 6.10
CA LYS A 105 10.92 -3.68 7.07
C LYS A 105 10.34 -2.34 6.62
N LEU A 106 9.04 -2.18 6.77
CA LEU A 106 8.37 -0.94 6.39
C LEU A 106 8.78 0.21 7.30
N GLU A 107 9.61 1.10 6.77
CA GLU A 107 10.09 2.25 7.53
C GLU A 107 9.07 3.38 7.50
N LYS A 108 8.88 3.95 6.31
CA LYS A 108 7.94 5.05 6.13
C LYS A 108 7.13 4.88 4.85
N PRO A 109 5.91 5.44 4.85
CA PRO A 109 5.01 5.36 3.68
C PRO A 109 5.52 6.20 2.51
N CYS A 110 5.27 5.72 1.29
CA CYS A 110 5.69 6.41 0.09
C CYS A 110 5.27 7.88 0.14
N LEU A 111 5.97 8.72 -0.61
CA LEU A 111 5.68 10.14 -0.67
C LEU A 111 4.73 10.46 -1.82
N LYS A 112 4.28 11.71 -1.87
CA LYS A 112 3.38 12.16 -2.92
C LYS A 112 3.98 13.31 -3.72
N ILE A 113 4.14 13.11 -5.02
CA ILE A 113 4.71 14.13 -5.89
C ILE A 113 3.66 15.17 -6.27
N GLN A 114 4.12 16.39 -6.55
CA GLN A 114 3.21 17.48 -6.92
C GLN A 114 2.89 17.41 -8.41
N VAL A 115 1.59 17.33 -8.71
CA VAL A 115 1.13 17.26 -10.09
C VAL A 115 -0.22 17.95 -10.26
N SER A 116 -0.41 18.58 -11.42
CA SER A 116 -1.66 19.27 -11.70
C SER A 116 -2.16 18.93 -13.11
N GLY A 117 -3.48 18.85 -13.25
CA GLY A 117 -4.07 18.53 -14.53
C GLY A 117 -3.55 17.22 -15.10
N PRO A 118 -4.01 16.87 -16.31
CA PRO A 118 -3.61 15.62 -16.98
C PRO A 118 -2.16 15.67 -17.44
N SER A 119 -1.65 16.88 -17.66
CA SER A 119 -0.27 17.05 -18.11
C SER A 119 -0.04 16.37 -19.45
N SER A 120 -0.92 16.66 -20.42
CA SER A 120 -0.81 16.06 -21.75
C SER A 120 -1.18 17.07 -22.83
N GLY A 121 -0.29 17.24 -23.80
CA GLY A 121 -0.55 18.18 -24.89
C GLY A 121 -1.09 19.50 -24.38
N GLY A 1 -2.73 8.42 -8.86
CA GLY A 1 -3.27 8.56 -7.52
C GLY A 1 -4.78 8.66 -7.52
N SER A 2 -5.30 9.77 -8.05
CA SER A 2 -6.74 9.99 -8.10
C SER A 2 -7.35 9.26 -9.29
N SER A 3 -8.34 8.41 -9.01
CA SER A 3 -9.02 7.64 -10.05
C SER A 3 -10.19 6.86 -9.48
N GLY A 4 -10.90 6.15 -10.35
CA GLY A 4 -12.04 5.37 -9.91
C GLY A 4 -13.12 6.21 -9.27
N SER A 5 -14.15 5.55 -8.74
CA SER A 5 -15.25 6.26 -8.09
C SER A 5 -15.65 5.56 -6.80
N SER A 6 -15.48 6.26 -5.67
CA SER A 6 -15.81 5.70 -4.37
C SER A 6 -15.36 4.26 -4.25
N GLY A 7 -14.17 3.97 -4.76
CA GLY A 7 -13.63 2.62 -4.71
C GLY A 7 -12.89 2.35 -3.42
N ALA A 8 -13.64 2.02 -2.38
CA ALA A 8 -13.05 1.73 -1.07
C ALA A 8 -14.11 1.26 -0.07
N GLU A 9 -13.76 0.30 0.75
CA GLU A 9 -14.68 -0.25 1.75
C GLU A 9 -14.82 0.72 2.92
N ASP A 10 -13.73 0.97 3.62
CA ASP A 10 -13.74 1.87 4.76
C ASP A 10 -13.89 3.32 4.31
N ARG A 11 -13.90 4.24 5.28
CA ARG A 11 -14.04 5.66 4.98
C ARG A 11 -12.83 6.44 5.47
N SER A 12 -12.56 6.36 6.78
CA SER A 12 -11.45 7.07 7.38
C SER A 12 -10.12 6.52 6.85
N LEU A 13 -10.17 5.32 6.28
CA LEU A 13 -8.97 4.68 5.74
C LEU A 13 -8.28 5.59 4.72
N GLN A 14 -9.07 6.38 4.01
CA GLN A 14 -8.55 7.29 3.00
C GLN A 14 -7.44 8.17 3.60
N ALA A 15 -7.56 8.47 4.89
CA ALA A 15 -6.58 9.30 5.57
C ALA A 15 -5.20 8.65 5.55
N GLU A 16 -5.18 7.31 5.52
CA GLU A 16 -3.92 6.57 5.49
C GLU A 16 -3.04 7.04 4.35
N PRO A 17 -1.79 7.38 4.67
CA PRO A 17 -0.81 7.85 3.68
C PRO A 17 -0.36 6.73 2.74
N TRP A 18 -0.03 5.59 3.31
CA TRP A 18 0.42 4.44 2.52
C TRP A 18 -0.69 3.94 1.61
N PHE A 19 -1.93 4.32 1.92
CA PHE A 19 -3.08 3.91 1.14
C PHE A 19 -3.28 4.84 -0.07
N PHE A 20 -3.01 4.30 -1.26
CA PHE A 20 -3.16 5.08 -2.49
C PHE A 20 -4.40 4.65 -3.26
N GLY A 21 -5.38 4.12 -2.54
CA GLY A 21 -6.61 3.68 -3.17
C GLY A 21 -6.37 2.67 -4.28
N ALA A 22 -6.90 2.95 -5.46
CA ALA A 22 -6.73 2.07 -6.61
C ALA A 22 -5.79 2.68 -7.64
N ILE A 23 -4.58 2.14 -7.74
CA ILE A 23 -3.61 2.63 -8.69
C ILE A 23 -2.99 1.49 -9.49
N LYS A 24 -2.10 1.83 -10.42
CA LYS A 24 -1.43 0.83 -11.25
C LYS A 24 0.01 0.63 -10.80
N ARG A 25 0.56 -0.54 -11.10
CA ARG A 25 1.93 -0.87 -10.73
C ARG A 25 2.88 0.27 -11.09
N ALA A 26 2.61 0.93 -12.21
CA ALA A 26 3.44 2.04 -12.66
C ALA A 26 3.34 3.22 -11.71
N ASP A 27 2.11 3.60 -11.35
CA ASP A 27 1.88 4.72 -10.45
C ASP A 27 2.56 4.47 -9.10
N ALA A 28 2.49 3.22 -8.63
CA ALA A 28 3.10 2.85 -7.36
C ALA A 28 4.61 2.74 -7.48
N GLU A 29 5.08 2.15 -8.59
CA GLU A 29 6.50 1.99 -8.83
C GLU A 29 7.20 3.34 -8.94
N LYS A 30 6.58 4.25 -9.67
CA LYS A 30 7.13 5.59 -9.86
C LYS A 30 7.27 6.32 -8.53
N GLN A 31 6.34 6.05 -7.61
CA GLN A 31 6.37 6.67 -6.30
C GLN A 31 7.48 6.10 -5.43
N LEU A 32 7.75 4.81 -5.61
CA LEU A 32 8.80 4.13 -4.85
C LEU A 32 10.17 4.47 -5.39
N LEU A 33 10.34 4.32 -6.70
CA LEU A 33 11.61 4.61 -7.34
C LEU A 33 11.99 6.09 -7.16
N TYR A 34 11.03 6.88 -6.72
CA TYR A 34 11.26 8.31 -6.51
C TYR A 34 12.57 8.55 -5.79
N SER A 35 12.99 9.80 -5.73
CA SER A 35 14.23 10.18 -5.07
C SER A 35 14.02 10.39 -3.57
N GLU A 36 13.20 11.40 -3.24
CA GLU A 36 12.91 11.71 -1.85
C GLU A 36 12.71 10.44 -1.04
N ASN A 37 12.32 9.36 -1.72
CA ASN A 37 12.08 8.09 -1.05
C ASN A 37 13.34 7.22 -1.07
N GLN A 38 13.40 6.25 -0.17
CA GLN A 38 14.55 5.36 -0.07
C GLN A 38 14.14 4.00 0.48
N THR A 39 15.06 3.05 0.41
CA THR A 39 14.79 1.70 0.91
C THR A 39 13.88 1.72 2.12
N GLY A 40 12.70 1.13 1.97
CA GLY A 40 11.74 1.09 3.07
C GLY A 40 10.39 1.63 2.66
N ALA A 41 10.37 2.66 1.83
CA ALA A 41 9.13 3.27 1.36
C ALA A 41 8.14 2.20 0.91
N PHE A 42 7.00 2.12 1.59
CA PHE A 42 5.98 1.15 1.26
C PHE A 42 4.66 1.83 0.93
N LEU A 43 3.80 1.14 0.19
CA LEU A 43 2.50 1.68 -0.19
C LEU A 43 1.57 0.58 -0.67
N ILE A 44 0.34 0.57 -0.15
CA ILE A 44 -0.65 -0.42 -0.53
C ILE A 44 -1.62 0.12 -1.57
N ARG A 45 -1.99 -0.72 -2.52
CA ARG A 45 -2.92 -0.33 -3.58
C ARG A 45 -3.97 -1.41 -3.82
N GLU A 46 -5.13 -0.99 -4.32
CA GLU A 46 -6.22 -1.92 -4.60
C GLU A 46 -5.93 -2.74 -5.85
N SER A 47 -5.78 -4.06 -5.67
CA SER A 47 -5.49 -4.95 -6.79
C SER A 47 -6.40 -4.64 -7.97
N GLU A 48 -5.87 -3.86 -8.92
CA GLU A 48 -6.62 -3.50 -10.11
C GLU A 48 -7.35 -4.70 -10.70
N SER A 49 -6.58 -5.74 -11.02
CA SER A 49 -7.14 -6.96 -11.59
C SER A 49 -8.49 -7.28 -10.96
N GLN A 50 -8.45 -7.72 -9.70
CA GLN A 50 -9.67 -8.06 -8.98
C GLN A 50 -9.91 -7.10 -7.82
N LYS A 51 -11.03 -6.39 -7.87
CA LYS A 51 -11.39 -5.43 -6.83
C LYS A 51 -11.49 -6.13 -5.48
N GLY A 52 -11.37 -5.34 -4.41
CA GLY A 52 -11.46 -5.90 -3.07
C GLY A 52 -10.10 -6.26 -2.50
N ASP A 53 -9.30 -6.96 -3.29
CA ASP A 53 -7.97 -7.37 -2.85
C ASP A 53 -7.05 -6.16 -2.72
N PHE A 54 -5.85 -6.40 -2.20
CA PHE A 54 -4.87 -5.32 -2.02
C PHE A 54 -3.46 -5.80 -2.32
N SER A 55 -2.57 -4.87 -2.64
CA SER A 55 -1.20 -5.21 -2.96
C SER A 55 -0.22 -4.29 -2.22
N LEU A 56 0.82 -4.89 -1.66
CA LEU A 56 1.83 -4.12 -0.92
C LEU A 56 3.08 -3.91 -1.76
N SER A 57 3.48 -2.65 -1.92
CA SER A 57 4.67 -2.32 -2.70
C SER A 57 5.73 -1.68 -1.82
N VAL A 58 6.84 -2.38 -1.63
CA VAL A 58 7.94 -1.88 -0.81
C VAL A 58 9.21 -1.72 -1.64
N LEU A 59 9.92 -0.62 -1.42
CA LEU A 59 11.15 -0.35 -2.14
C LEU A 59 12.34 -1.02 -1.47
N ASP A 60 13.16 -1.70 -2.26
CA ASP A 60 14.33 -2.38 -1.74
C ASP A 60 15.55 -2.12 -2.62
N GLU A 61 16.23 -0.99 -2.37
CA GLU A 61 17.40 -0.61 -3.13
C GLU A 61 17.03 -0.22 -4.56
N GLY A 62 15.95 0.53 -4.70
CA GLY A 62 15.50 0.96 -6.01
C GLY A 62 14.54 -0.03 -6.64
N VAL A 63 14.46 -1.23 -6.07
CA VAL A 63 13.57 -2.27 -6.57
C VAL A 63 12.21 -2.21 -5.91
N VAL A 64 11.19 -2.69 -6.61
CA VAL A 64 9.83 -2.69 -6.09
C VAL A 64 9.31 -4.11 -5.91
N LYS A 65 9.20 -4.55 -4.67
CA LYS A 65 8.71 -5.89 -4.36
C LYS A 65 7.19 -5.89 -4.20
N HIS A 66 6.50 -6.45 -5.19
CA HIS A 66 5.04 -6.53 -5.16
C HIS A 66 4.57 -7.77 -4.39
N TYR A 67 4.00 -7.54 -3.22
CA TYR A 67 3.51 -8.64 -2.38
C TYR A 67 1.98 -8.69 -2.39
N ARG A 68 1.44 -9.79 -2.92
CA ARG A 68 0.00 -9.96 -2.99
C ARG A 68 -0.59 -10.14 -1.60
N ILE A 69 -1.55 -9.30 -1.26
CA ILE A 69 -2.21 -9.36 0.05
C ILE A 69 -3.49 -10.19 -0.02
N ARG A 70 -3.41 -11.43 0.44
CA ARG A 70 -4.56 -12.33 0.44
C ARG A 70 -5.42 -12.11 1.68
N ARG A 71 -6.74 -12.17 1.50
CA ARG A 71 -7.67 -11.96 2.60
C ARG A 71 -8.32 -13.29 3.00
N LEU A 72 -8.69 -13.40 4.27
CA LEU A 72 -9.32 -14.61 4.77
C LEU A 72 -10.82 -14.64 4.44
N ASP A 73 -11.40 -15.83 4.44
CA ASP A 73 -12.82 -15.98 4.14
C ASP A 73 -13.63 -14.84 4.74
N GLU A 74 -13.23 -14.40 5.93
CA GLU A 74 -13.92 -13.31 6.62
C GLU A 74 -13.48 -11.96 6.07
N GLY A 75 -12.18 -11.78 5.90
CA GLY A 75 -11.65 -10.53 5.39
C GLY A 75 -10.24 -10.25 5.86
N GLY A 76 -9.91 -10.73 7.05
CA GLY A 76 -8.58 -10.51 7.60
C GLY A 76 -7.51 -10.50 6.52
N PHE A 77 -6.74 -9.42 6.48
CA PHE A 77 -5.68 -9.27 5.50
C PHE A 77 -4.36 -9.84 6.02
N PHE A 78 -3.63 -10.53 5.15
CA PHE A 78 -2.35 -11.12 5.53
C PHE A 78 -1.41 -11.19 4.33
N LEU A 79 -0.14 -10.92 4.57
CA LEU A 79 0.87 -10.96 3.51
C LEU A 79 1.56 -12.31 3.46
N THR A 80 1.38 -13.10 4.52
CA THR A 80 1.98 -14.42 4.60
C THR A 80 1.15 -15.36 5.47
N ARG A 81 1.21 -16.65 5.17
CA ARG A 81 0.46 -17.64 5.91
C ARG A 81 1.10 -17.90 7.27
N ARG A 82 1.43 -16.82 7.98
CA ARG A 82 2.05 -16.92 9.30
C ARG A 82 1.40 -15.95 10.28
N LYS A 83 0.92 -14.82 9.76
CA LYS A 83 0.28 -13.82 10.59
C LYS A 83 -0.88 -13.15 9.85
N VAL A 84 -1.98 -12.93 10.55
CA VAL A 84 -3.15 -12.30 9.95
C VAL A 84 -3.59 -11.08 10.75
N PHE A 85 -4.00 -10.03 10.04
CA PHE A 85 -4.44 -8.79 10.69
C PHE A 85 -5.95 -8.60 10.51
N SER A 86 -6.45 -7.47 10.98
CA SER A 86 -7.87 -7.16 10.89
C SER A 86 -8.12 -6.11 9.82
N THR A 87 -7.30 -5.07 9.80
CA THR A 87 -7.44 -3.99 8.82
C THR A 87 -6.07 -3.50 8.36
N LEU A 88 -6.02 -3.00 7.12
CA LEU A 88 -4.77 -2.49 6.55
C LEU A 88 -3.97 -1.73 7.60
N ASN A 89 -4.67 -1.19 8.60
CA ASN A 89 -4.02 -0.43 9.67
C ASN A 89 -3.03 -1.31 10.43
N GLU A 90 -3.56 -2.26 11.18
CA GLU A 90 -2.72 -3.17 11.97
C GLU A 90 -1.72 -3.90 11.06
N PHE A 91 -2.04 -3.99 9.78
CA PHE A 91 -1.18 -4.66 8.82
C PHE A 91 0.18 -3.95 8.73
N VAL A 92 0.15 -2.63 8.77
CA VAL A 92 1.37 -1.83 8.68
C VAL A 92 1.93 -1.54 10.08
N ASN A 93 1.04 -1.16 10.99
CA ASN A 93 1.45 -0.85 12.36
C ASN A 93 2.28 -1.99 12.95
N TYR A 94 2.10 -3.18 12.43
CA TYR A 94 2.84 -4.36 12.89
C TYR A 94 4.13 -4.53 12.12
N TYR A 95 4.00 -4.80 10.82
CA TYR A 95 5.17 -5.00 9.96
C TYR A 95 6.20 -3.89 10.18
N THR A 96 5.71 -2.67 10.34
CA THR A 96 6.59 -1.53 10.56
C THR A 96 7.56 -1.78 11.72
N THR A 97 7.10 -2.55 12.70
CA THR A 97 7.92 -2.87 13.86
C THR A 97 8.85 -4.05 13.57
N THR A 98 8.44 -4.89 12.63
CA THR A 98 9.23 -6.06 12.25
C THR A 98 8.87 -6.54 10.85
N SER A 99 9.89 -6.91 10.08
CA SER A 99 9.68 -7.39 8.72
C SER A 99 8.96 -8.74 8.72
N ASP A 100 9.38 -9.63 9.61
CA ASP A 100 8.79 -10.95 9.72
C ASP A 100 8.93 -11.72 8.41
N GLY A 101 10.11 -11.63 7.80
CA GLY A 101 10.35 -12.33 6.55
C GLY A 101 10.44 -11.37 5.37
N LEU A 102 9.53 -10.40 5.34
CA LEU A 102 9.50 -9.43 4.25
C LEU A 102 10.90 -8.99 3.88
N CYS A 103 11.19 -9.00 2.58
CA CYS A 103 12.51 -8.60 2.08
C CYS A 103 13.08 -7.47 2.93
N VAL A 104 12.23 -6.54 3.33
CA VAL A 104 12.65 -5.40 4.14
C VAL A 104 11.53 -4.93 5.06
N LYS A 105 11.90 -4.28 6.15
CA LYS A 105 10.91 -3.78 7.12
C LYS A 105 10.33 -2.45 6.65
N LEU A 106 9.08 -2.20 7.01
CA LEU A 106 8.40 -0.97 6.63
C LEU A 106 8.82 0.19 7.54
N GLU A 107 9.62 1.10 6.98
CA GLU A 107 10.09 2.26 7.73
C GLU A 107 9.06 3.39 7.70
N LYS A 108 8.77 3.87 6.50
CA LYS A 108 7.81 4.95 6.34
C LYS A 108 7.04 4.80 5.03
N PRO A 109 5.80 5.33 5.00
CA PRO A 109 4.93 5.26 3.82
C PRO A 109 5.45 6.14 2.68
N CYS A 110 5.24 5.67 1.45
CA CYS A 110 5.68 6.42 0.28
C CYS A 110 5.13 7.83 0.28
N LEU A 111 5.64 8.68 -0.60
CA LEU A 111 5.20 10.07 -0.68
C LEU A 111 4.04 10.21 -1.67
N LYS A 112 3.33 11.33 -1.59
CA LYS A 112 2.20 11.59 -2.47
C LYS A 112 2.44 12.84 -3.31
N ILE A 113 3.25 12.69 -4.36
CA ILE A 113 3.55 13.80 -5.25
C ILE A 113 2.32 14.64 -5.53
N GLN A 114 2.50 15.95 -5.61
CA GLN A 114 1.39 16.87 -5.87
C GLN A 114 0.83 16.64 -7.27
N VAL A 115 -0.40 16.15 -7.34
CA VAL A 115 -1.05 15.91 -8.62
C VAL A 115 -2.32 16.74 -8.77
N SER A 116 -2.85 17.22 -7.63
CA SER A 116 -4.06 18.02 -7.64
C SER A 116 -3.89 19.25 -6.75
N GLY A 117 -4.31 20.40 -7.27
CA GLY A 117 -4.19 21.64 -6.51
C GLY A 117 -5.48 21.99 -5.77
N PRO A 118 -5.33 22.58 -4.57
CA PRO A 118 -6.48 22.96 -3.74
C PRO A 118 -7.25 24.14 -4.34
N SER A 119 -8.54 23.93 -4.55
CA SER A 119 -9.40 24.98 -5.12
C SER A 119 -10.75 25.01 -4.41
N SER A 120 -11.06 26.16 -3.81
CA SER A 120 -12.32 26.33 -3.10
C SER A 120 -13.49 25.84 -3.93
N GLY A 121 -13.50 26.22 -5.20
CA GLY A 121 -14.58 25.81 -6.09
C GLY A 121 -14.07 25.00 -7.28
N GLY A 1 -11.35 1.04 -19.48
CA GLY A 1 -11.71 2.44 -19.42
C GLY A 1 -12.91 2.70 -18.53
N SER A 2 -12.69 2.65 -17.22
CA SER A 2 -13.76 2.87 -16.26
C SER A 2 -14.09 4.36 -16.16
N SER A 3 -15.24 4.74 -16.71
CA SER A 3 -15.67 6.13 -16.68
C SER A 3 -16.87 6.30 -15.76
N GLY A 4 -16.60 6.39 -14.46
CA GLY A 4 -17.67 6.56 -13.49
C GLY A 4 -17.16 6.63 -12.07
N SER A 5 -17.62 5.72 -11.22
CA SER A 5 -17.21 5.71 -9.83
C SER A 5 -17.56 4.37 -9.18
N SER A 6 -16.87 4.04 -8.09
CA SER A 6 -17.10 2.78 -7.38
C SER A 6 -17.37 3.04 -5.90
N GLY A 7 -18.01 2.08 -5.25
CA GLY A 7 -18.32 2.22 -3.83
C GLY A 7 -17.43 1.37 -2.95
N ALA A 8 -16.71 2.02 -2.04
CA ALA A 8 -15.82 1.31 -1.13
C ALA A 8 -16.44 1.18 0.26
N GLU A 9 -15.91 0.25 1.05
CA GLU A 9 -16.40 0.03 2.40
C GLU A 9 -15.83 1.06 3.37
N ASP A 10 -14.52 1.02 3.57
CA ASP A 10 -13.85 1.95 4.46
C ASP A 10 -14.03 3.38 4.00
N ARG A 11 -13.70 4.33 4.87
CA ARG A 11 -13.84 5.75 4.55
C ARG A 11 -12.59 6.52 4.97
N SER A 12 -12.38 6.63 6.28
CA SER A 12 -11.23 7.35 6.81
C SER A 12 -9.92 6.72 6.33
N LEU A 13 -10.03 5.53 5.74
CA LEU A 13 -8.86 4.81 5.24
C LEU A 13 -8.19 5.60 4.12
N GLN A 14 -8.96 6.43 3.44
CA GLN A 14 -8.43 7.24 2.34
C GLN A 14 -7.36 8.20 2.85
N ALA A 15 -7.44 8.56 4.13
CA ALA A 15 -6.49 9.46 4.74
C ALA A 15 -5.10 8.83 4.82
N GLU A 16 -5.06 7.53 5.03
CA GLU A 16 -3.80 6.79 5.13
C GLU A 16 -2.85 7.23 4.02
N PRO A 17 -1.60 7.55 4.41
CA PRO A 17 -0.56 7.98 3.46
C PRO A 17 -0.10 6.85 2.55
N TRP A 18 0.05 5.66 3.13
CA TRP A 18 0.50 4.49 2.37
C TRP A 18 -0.63 3.97 1.48
N PHE A 19 -1.85 4.42 1.75
CA PHE A 19 -3.00 3.99 0.98
C PHE A 19 -3.18 4.85 -0.27
N PHE A 20 -3.22 4.20 -1.43
CA PHE A 20 -3.37 4.91 -2.69
C PHE A 20 -4.57 4.38 -3.47
N GLY A 21 -5.71 4.29 -2.79
CA GLY A 21 -6.92 3.79 -3.43
C GLY A 21 -6.64 2.65 -4.40
N ALA A 22 -6.99 2.86 -5.66
CA ALA A 22 -6.77 1.84 -6.68
C ALA A 22 -5.90 2.37 -7.81
N ILE A 23 -4.63 1.97 -7.81
CA ILE A 23 -3.69 2.40 -8.84
C ILE A 23 -3.01 1.21 -9.51
N LYS A 24 -2.18 1.50 -10.50
CA LYS A 24 -1.46 0.45 -11.22
C LYS A 24 -0.01 0.35 -10.74
N ARG A 25 0.54 -0.85 -10.80
CA ARG A 25 1.93 -1.08 -10.37
C ARG A 25 2.84 0.02 -10.91
N ALA A 26 2.52 0.51 -12.11
CA ALA A 26 3.32 1.56 -12.74
C ALA A 26 3.27 2.84 -11.93
N ASP A 27 2.07 3.22 -11.49
CA ASP A 27 1.89 4.44 -10.70
C ASP A 27 2.56 4.29 -9.34
N ALA A 28 2.45 3.12 -8.74
CA ALA A 28 3.05 2.86 -7.44
C ALA A 28 4.57 2.82 -7.53
N GLU A 29 5.09 2.09 -8.51
CA GLU A 29 6.52 1.97 -8.70
C GLU A 29 7.18 3.35 -8.76
N LYS A 30 6.67 4.20 -9.62
CA LYS A 30 7.21 5.55 -9.77
C LYS A 30 7.31 6.25 -8.41
N GLN A 31 6.27 6.09 -7.60
CA GLN A 31 6.24 6.71 -6.28
C GLN A 31 7.34 6.13 -5.39
N LEU A 32 7.61 4.85 -5.53
CA LEU A 32 8.63 4.18 -4.75
C LEU A 32 10.02 4.56 -5.23
N LEU A 33 10.31 4.26 -6.50
CA LEU A 33 11.61 4.57 -7.09
C LEU A 33 11.97 6.04 -6.86
N TYR A 34 10.96 6.85 -6.53
CA TYR A 34 11.18 8.27 -6.29
C TYR A 34 12.50 8.51 -5.59
N SER A 35 13.05 9.71 -5.77
CA SER A 35 14.33 10.06 -5.15
C SER A 35 14.17 10.24 -3.65
N GLU A 36 13.38 11.22 -3.25
CA GLU A 36 13.14 11.49 -1.83
C GLU A 36 12.92 10.20 -1.07
N ASN A 37 12.25 9.24 -1.70
CA ASN A 37 11.97 7.96 -1.08
C ASN A 37 13.20 7.04 -1.13
N GLN A 38 13.44 6.33 -0.03
CA GLN A 38 14.58 5.42 0.05
C GLN A 38 14.15 4.05 0.56
N THR A 39 15.06 3.09 0.51
CA THR A 39 14.78 1.73 0.96
C THR A 39 13.85 1.75 2.17
N GLY A 40 12.66 1.17 2.00
CA GLY A 40 11.69 1.12 3.08
C GLY A 40 10.33 1.66 2.66
N ALA A 41 10.33 2.66 1.79
CA ALA A 41 9.10 3.26 1.32
C ALA A 41 8.09 2.19 0.90
N PHE A 42 6.94 2.17 1.57
CA PHE A 42 5.90 1.20 1.27
C PHE A 42 4.58 1.90 0.93
N LEU A 43 3.76 1.23 0.13
CA LEU A 43 2.47 1.78 -0.27
C LEU A 43 1.51 0.68 -0.69
N ILE A 44 0.30 0.69 -0.14
CA ILE A 44 -0.70 -0.30 -0.47
C ILE A 44 -1.70 0.23 -1.50
N ARG A 45 -2.08 -0.62 -2.45
CA ARG A 45 -3.02 -0.23 -3.48
C ARG A 45 -3.98 -1.37 -3.81
N GLU A 46 -5.17 -1.03 -4.27
CA GLU A 46 -6.17 -2.03 -4.62
C GLU A 46 -5.74 -2.83 -5.86
N SER A 47 -6.27 -4.04 -5.98
CA SER A 47 -5.93 -4.90 -7.11
C SER A 47 -6.70 -4.48 -8.36
N GLU A 48 -5.97 -4.06 -9.39
CA GLU A 48 -6.57 -3.63 -10.64
C GLU A 48 -7.55 -4.68 -11.16
N SER A 49 -8.53 -4.23 -11.93
CA SER A 49 -9.53 -5.13 -12.50
C SER A 49 -10.09 -6.06 -11.41
N GLN A 50 -10.26 -5.53 -10.22
CA GLN A 50 -10.78 -6.30 -9.09
C GLN A 50 -11.00 -5.42 -7.88
N LYS A 51 -12.08 -5.69 -7.14
CA LYS A 51 -12.40 -4.92 -5.94
C LYS A 51 -12.54 -5.83 -4.73
N GLY A 52 -11.58 -5.75 -3.82
CA GLY A 52 -11.62 -6.57 -2.62
C GLY A 52 -10.24 -7.02 -2.19
N ASP A 53 -9.28 -6.95 -3.09
CA ASP A 53 -7.91 -7.35 -2.80
C ASP A 53 -7.02 -6.13 -2.60
N PHE A 54 -5.76 -6.38 -2.26
CA PHE A 54 -4.80 -5.30 -2.04
C PHE A 54 -3.37 -5.79 -2.26
N SER A 55 -2.51 -4.88 -2.73
CA SER A 55 -1.12 -5.23 -3.00
C SER A 55 -0.18 -4.27 -2.27
N LEU A 56 0.81 -4.82 -1.58
CA LEU A 56 1.78 -4.02 -0.84
C LEU A 56 3.03 -3.77 -1.68
N SER A 57 3.28 -2.51 -1.99
CA SER A 57 4.44 -2.13 -2.78
C SER A 57 5.51 -1.46 -1.91
N VAL A 58 6.65 -2.13 -1.77
CA VAL A 58 7.74 -1.61 -0.96
C VAL A 58 9.01 -1.45 -1.80
N LEU A 59 9.86 -0.51 -1.40
CA LEU A 59 11.11 -0.25 -2.11
C LEU A 59 12.28 -0.94 -1.40
N ASP A 60 13.10 -1.64 -2.18
CA ASP A 60 14.26 -2.33 -1.64
C ASP A 60 15.50 -2.09 -2.51
N GLU A 61 16.17 -0.97 -2.26
CA GLU A 61 17.37 -0.62 -3.01
C GLU A 61 17.03 -0.29 -4.46
N GLY A 62 16.04 0.59 -4.64
CA GLY A 62 15.63 0.98 -5.98
C GLY A 62 14.66 -0.01 -6.60
N VAL A 63 14.55 -1.19 -5.98
CA VAL A 63 13.66 -2.23 -6.47
C VAL A 63 12.27 -2.11 -5.84
N VAL A 64 11.28 -2.74 -6.48
CA VAL A 64 9.91 -2.71 -5.98
C VAL A 64 9.38 -4.12 -5.76
N LYS A 65 9.28 -4.52 -4.49
CA LYS A 65 8.78 -5.84 -4.15
C LYS A 65 7.26 -5.84 -4.02
N HIS A 66 6.58 -6.40 -5.02
CA HIS A 66 5.12 -6.47 -5.01
C HIS A 66 4.64 -7.65 -4.19
N TYR A 67 4.02 -7.36 -3.05
CA TYR A 67 3.51 -8.42 -2.17
C TYR A 67 1.99 -8.48 -2.23
N ARG A 68 1.46 -9.57 -2.77
CA ARG A 68 0.02 -9.75 -2.89
C ARG A 68 -0.61 -9.96 -1.52
N ILE A 69 -1.62 -9.16 -1.19
CA ILE A 69 -2.31 -9.27 0.08
C ILE A 69 -3.64 -10.00 -0.07
N ARG A 70 -3.85 -11.01 0.77
CA ARG A 70 -5.08 -11.79 0.73
C ARG A 70 -5.88 -11.59 2.02
N ARG A 71 -7.15 -12.01 1.99
CA ARG A 71 -8.03 -11.88 3.14
C ARG A 71 -8.64 -13.23 3.50
N LEU A 72 -8.87 -13.43 4.80
CA LEU A 72 -9.45 -14.69 5.28
C LEU A 72 -10.97 -14.55 5.45
N ASP A 73 -11.58 -15.59 5.99
CA ASP A 73 -13.03 -15.58 6.22
C ASP A 73 -13.34 -15.54 7.70
N GLU A 74 -12.31 -15.50 8.53
CA GLU A 74 -12.48 -15.46 9.98
C GLU A 74 -11.75 -14.26 10.58
N GLY A 75 -10.74 -13.76 9.86
CA GLY A 75 -9.98 -12.62 10.33
C GLY A 75 -10.06 -11.43 9.39
N GLY A 76 -8.91 -11.04 8.84
CA GLY A 76 -8.87 -9.91 7.92
C GLY A 76 -7.86 -10.11 6.81
N PHE A 77 -6.90 -9.20 6.72
CA PHE A 77 -5.88 -9.28 5.68
C PHE A 77 -4.59 -9.90 6.24
N PHE A 78 -3.89 -10.65 5.39
CA PHE A 78 -2.65 -11.30 5.79
C PHE A 78 -1.73 -11.50 4.60
N LEU A 79 -0.48 -11.07 4.75
CA LEU A 79 0.50 -11.20 3.67
C LEU A 79 1.22 -12.54 3.75
N THR A 80 1.23 -13.13 4.95
CA THR A 80 1.89 -14.42 5.15
C THR A 80 1.13 -15.26 6.17
N ARG A 81 0.76 -16.47 5.77
CA ARG A 81 0.03 -17.37 6.65
C ARG A 81 0.60 -17.33 8.08
N ARG A 82 1.87 -16.95 8.18
CA ARG A 82 2.53 -16.87 9.48
C ARG A 82 1.84 -15.86 10.38
N LYS A 83 1.51 -14.70 9.82
CA LYS A 83 0.83 -13.66 10.59
C LYS A 83 -0.40 -13.15 9.84
N VAL A 84 -1.39 -12.70 10.60
CA VAL A 84 -2.63 -12.18 10.01
C VAL A 84 -3.13 -10.96 10.78
N PHE A 85 -3.72 -10.02 10.05
CA PHE A 85 -4.25 -8.81 10.67
C PHE A 85 -5.75 -8.66 10.39
N SER A 86 -6.32 -7.55 10.85
CA SER A 86 -7.75 -7.29 10.65
C SER A 86 -7.97 -6.29 9.53
N THR A 87 -7.27 -5.17 9.60
CA THR A 87 -7.40 -4.12 8.59
C THR A 87 -6.02 -3.69 8.08
N LEU A 88 -6.01 -2.96 6.97
CA LEU A 88 -4.78 -2.48 6.37
C LEU A 88 -3.93 -1.73 7.41
N ASN A 89 -4.60 -1.15 8.39
CA ASN A 89 -3.91 -0.40 9.44
C ASN A 89 -2.97 -1.31 10.24
N GLU A 90 -3.55 -2.25 10.97
CA GLU A 90 -2.76 -3.18 11.77
C GLU A 90 -1.79 -3.97 10.90
N PHE A 91 -2.10 -4.05 9.60
CA PHE A 91 -1.26 -4.78 8.65
C PHE A 91 0.12 -4.13 8.56
N VAL A 92 0.14 -2.81 8.54
CA VAL A 92 1.40 -2.07 8.45
C VAL A 92 1.95 -1.72 9.84
N ASN A 93 1.04 -1.39 10.75
CA ASN A 93 1.43 -1.04 12.11
C ASN A 93 2.24 -2.16 12.74
N TYR A 94 2.16 -3.35 12.17
CA TYR A 94 2.89 -4.50 12.69
C TYR A 94 4.25 -4.63 12.00
N TYR A 95 4.23 -4.90 10.70
CA TYR A 95 5.45 -5.04 9.93
C TYR A 95 6.39 -3.86 10.16
N THR A 96 5.80 -2.70 10.45
CA THR A 96 6.59 -1.50 10.70
C THR A 96 7.63 -1.72 11.78
N THR A 97 7.40 -2.73 12.61
CA THR A 97 8.32 -3.05 13.69
C THR A 97 9.41 -4.01 13.22
N THR A 98 9.03 -4.99 12.42
CA THR A 98 9.96 -5.98 11.89
C THR A 98 9.53 -6.47 10.53
N SER A 99 10.45 -7.11 9.81
CA SER A 99 10.17 -7.64 8.48
C SER A 99 10.05 -9.15 8.51
N ASP A 100 9.46 -9.67 9.59
CA ASP A 100 9.29 -11.11 9.74
C ASP A 100 8.85 -11.75 8.42
N GLY A 101 9.82 -12.30 7.69
CA GLY A 101 9.52 -12.93 6.42
C GLY A 101 9.72 -12.00 5.25
N LEU A 102 9.25 -10.77 5.39
CA LEU A 102 9.37 -9.78 4.32
C LEU A 102 10.84 -9.49 4.03
N CYS A 103 11.12 -9.13 2.78
CA CYS A 103 12.49 -8.82 2.36
C CYS A 103 13.07 -7.67 3.18
N VAL A 104 12.22 -6.68 3.46
CA VAL A 104 12.64 -5.51 4.23
C VAL A 104 11.57 -5.10 5.23
N LYS A 105 11.97 -4.32 6.24
CA LYS A 105 11.04 -3.86 7.26
C LYS A 105 10.45 -2.50 6.88
N LEU A 106 9.13 -2.41 6.90
CA LEU A 106 8.45 -1.17 6.55
C LEU A 106 8.90 -0.03 7.46
N GLU A 107 9.54 0.97 6.86
CA GLU A 107 10.03 2.12 7.62
C GLU A 107 9.02 3.26 7.59
N LYS A 108 8.83 3.84 6.41
CA LYS A 108 7.89 4.95 6.24
C LYS A 108 7.08 4.78 4.95
N PRO A 109 5.87 5.34 4.93
CA PRO A 109 4.98 5.27 3.78
C PRO A 109 5.48 6.13 2.61
N CYS A 110 5.33 5.61 1.40
CA CYS A 110 5.76 6.32 0.20
C CYS A 110 5.22 7.75 0.19
N LEU A 111 6.00 8.66 -0.37
CA LEU A 111 5.60 10.07 -0.44
C LEU A 111 4.38 10.24 -1.34
N LYS A 112 3.73 11.39 -1.23
CA LYS A 112 2.54 11.67 -2.03
C LYS A 112 2.77 12.90 -2.92
N ILE A 113 3.16 12.65 -4.16
CA ILE A 113 3.40 13.73 -5.11
C ILE A 113 2.12 14.49 -5.43
N GLN A 114 2.24 15.80 -5.59
CA GLN A 114 1.09 16.64 -5.90
C GLN A 114 1.06 16.99 -7.38
N VAL A 115 1.34 16.01 -8.23
CA VAL A 115 1.35 16.21 -9.67
C VAL A 115 0.31 15.33 -10.34
N SER A 116 -0.44 15.91 -11.27
CA SER A 116 -1.48 15.18 -11.99
C SER A 116 -2.55 14.66 -11.04
N GLY A 117 -2.87 15.47 -10.04
CA GLY A 117 -3.89 15.09 -9.07
C GLY A 117 -5.17 15.88 -9.22
N PRO A 118 -5.94 15.98 -8.13
CA PRO A 118 -7.21 16.72 -8.12
C PRO A 118 -7.01 18.22 -8.24
N SER A 119 -7.93 18.89 -8.95
CA SER A 119 -7.84 20.33 -9.14
C SER A 119 -7.96 21.06 -7.80
N SER A 120 -7.73 22.37 -7.84
CA SER A 120 -7.79 23.18 -6.62
C SER A 120 -7.98 24.66 -6.97
N GLY A 121 -9.02 25.27 -6.39
CA GLY A 121 -9.29 26.67 -6.66
C GLY A 121 -10.62 27.11 -6.09
N GLY A 1 -22.24 1.99 -15.91
CA GLY A 1 -22.11 1.56 -14.54
C GLY A 1 -21.11 2.39 -13.76
N SER A 2 -21.16 2.29 -12.44
CA SER A 2 -20.26 3.05 -11.58
C SER A 2 -18.99 2.24 -11.27
N SER A 3 -17.89 2.62 -11.92
CA SER A 3 -16.63 1.94 -11.73
C SER A 3 -15.95 2.40 -10.44
N GLY A 4 -16.07 1.60 -9.39
CA GLY A 4 -15.47 1.94 -8.11
C GLY A 4 -16.30 1.48 -6.94
N SER A 5 -16.59 0.18 -6.90
CA SER A 5 -17.38 -0.39 -5.82
C SER A 5 -16.47 -0.95 -4.72
N SER A 6 -16.25 -0.14 -3.69
CA SER A 6 -15.39 -0.54 -2.58
C SER A 6 -16.19 -1.35 -1.56
N GLY A 7 -15.48 -2.22 -0.82
CA GLY A 7 -16.14 -3.04 0.18
C GLY A 7 -16.38 -2.29 1.48
N ALA A 8 -15.68 -2.71 2.52
CA ALA A 8 -15.82 -2.08 3.83
C ALA A 8 -15.80 -0.55 3.71
N GLU A 9 -16.14 0.13 4.80
CA GLU A 9 -16.17 1.59 4.81
C GLU A 9 -14.77 2.16 4.60
N ASP A 10 -13.84 1.78 5.47
CA ASP A 10 -12.46 2.24 5.38
C ASP A 10 -12.41 3.66 4.81
N ARG A 11 -13.37 4.50 5.21
CA ARG A 11 -13.42 5.87 4.73
C ARG A 11 -12.29 6.69 5.31
N SER A 12 -11.87 6.36 6.53
CA SER A 12 -10.79 7.07 7.19
C SER A 12 -9.44 6.62 6.67
N LEU A 13 -9.41 5.45 6.06
CA LEU A 13 -8.18 4.90 5.51
C LEU A 13 -7.59 5.84 4.45
N GLN A 14 -8.46 6.51 3.72
CA GLN A 14 -8.03 7.43 2.67
C GLN A 14 -7.04 8.46 3.23
N ALA A 15 -7.07 8.65 4.55
CA ALA A 15 -6.17 9.59 5.20
C ALA A 15 -4.74 9.04 5.25
N GLU A 16 -4.62 7.72 5.29
CA GLU A 16 -3.31 7.07 5.33
C GLU A 16 -2.48 7.45 4.11
N PRO A 17 -1.21 7.80 4.35
CA PRO A 17 -0.27 8.18 3.28
C PRO A 17 0.11 7.00 2.40
N TRP A 18 0.33 5.85 3.02
CA TRP A 18 0.71 4.64 2.29
C TRP A 18 -0.45 4.14 1.44
N PHE A 19 -1.64 4.69 1.68
CA PHE A 19 -2.83 4.30 0.93
C PHE A 19 -3.02 5.18 -0.29
N PHE A 20 -3.00 4.56 -1.47
CA PHE A 20 -3.18 5.29 -2.73
C PHE A 20 -4.46 4.86 -3.43
N GLY A 21 -5.43 4.38 -2.65
CA GLY A 21 -6.70 3.94 -3.21
C GLY A 21 -6.52 2.80 -4.19
N ALA A 22 -6.89 3.04 -5.45
CA ALA A 22 -6.77 2.01 -6.48
C ALA A 22 -5.89 2.49 -7.62
N ILE A 23 -4.63 2.07 -7.60
CA ILE A 23 -3.68 2.45 -8.64
C ILE A 23 -3.02 1.22 -9.27
N LYS A 24 -2.25 1.44 -10.32
CA LYS A 24 -1.56 0.35 -11.01
C LYS A 24 -0.11 0.26 -10.56
N ARG A 25 0.50 -0.91 -10.77
CA ARG A 25 1.88 -1.13 -10.38
C ARG A 25 2.78 -0.01 -10.91
N ALA A 26 2.46 0.48 -12.10
CA ALA A 26 3.24 1.55 -12.72
C ALA A 26 3.16 2.83 -11.89
N ASP A 27 1.97 3.15 -11.41
CA ASP A 27 1.76 4.35 -10.60
C ASP A 27 2.39 4.19 -9.23
N ALA A 28 2.30 2.98 -8.68
CA ALA A 28 2.86 2.70 -7.36
C ALA A 28 4.38 2.68 -7.41
N GLU A 29 4.94 2.13 -8.49
CA GLU A 29 6.37 2.05 -8.66
C GLU A 29 6.99 3.44 -8.75
N LYS A 30 6.64 4.17 -9.80
CA LYS A 30 7.16 5.53 -10.00
C LYS A 30 7.23 6.28 -8.68
N GLN A 31 6.33 5.94 -7.75
CA GLN A 31 6.29 6.59 -6.45
C GLN A 31 7.42 6.07 -5.55
N LEU A 32 7.66 4.77 -5.62
CA LEU A 32 8.71 4.15 -4.81
C LEU A 32 10.09 4.45 -5.37
N LEU A 33 10.22 4.36 -6.70
CA LEU A 33 11.49 4.63 -7.36
C LEU A 33 11.92 6.07 -7.15
N TYR A 34 11.00 6.90 -6.66
CA TYR A 34 11.28 8.31 -6.41
C TYR A 34 12.61 8.47 -5.70
N SER A 35 13.08 9.72 -5.60
CA SER A 35 14.34 10.01 -4.95
C SER A 35 14.14 10.24 -3.45
N GLU A 36 13.34 11.25 -3.13
CA GLU A 36 13.07 11.58 -1.73
C GLU A 36 12.83 10.31 -0.91
N ASN A 37 12.36 9.26 -1.57
CA ASN A 37 12.10 7.99 -0.90
C ASN A 37 13.34 7.12 -0.87
N GLN A 38 13.44 6.26 0.13
CA GLN A 38 14.58 5.37 0.27
C GLN A 38 14.13 3.94 0.57
N THR A 39 15.10 3.06 0.84
CA THR A 39 14.79 1.67 1.15
C THR A 39 13.80 1.56 2.30
N GLY A 40 12.56 1.20 1.99
CA GLY A 40 11.54 1.06 3.01
C GLY A 40 10.20 1.62 2.57
N ALA A 41 10.24 2.60 1.68
CA ALA A 41 9.01 3.23 1.18
C ALA A 41 7.97 2.17 0.81
N PHE A 42 6.86 2.16 1.54
CA PHE A 42 5.79 1.20 1.30
C PHE A 42 4.49 1.91 0.94
N LEU A 43 3.64 1.24 0.19
CA LEU A 43 2.35 1.81 -0.22
C LEU A 43 1.41 0.71 -0.72
N ILE A 44 0.21 0.69 -0.17
CA ILE A 44 -0.79 -0.31 -0.57
C ILE A 44 -1.79 0.28 -1.55
N ARG A 45 -2.24 -0.53 -2.51
CA ARG A 45 -3.19 -0.09 -3.51
C ARG A 45 -4.24 -1.17 -3.77
N GLU A 46 -5.36 -0.76 -4.34
CA GLU A 46 -6.45 -1.69 -4.64
C GLU A 46 -6.25 -2.33 -6.02
N SER A 47 -6.13 -3.65 -6.04
CA SER A 47 -5.93 -4.39 -7.28
C SER A 47 -6.78 -3.80 -8.40
N GLU A 48 -6.16 -3.54 -9.54
CA GLU A 48 -6.85 -2.97 -10.69
C GLU A 48 -7.78 -4.01 -11.32
N SER A 49 -7.23 -5.20 -11.59
CA SER A 49 -7.99 -6.27 -12.20
C SER A 49 -9.16 -6.68 -11.31
N GLN A 50 -8.83 -7.27 -10.16
CA GLN A 50 -9.86 -7.72 -9.22
C GLN A 50 -10.16 -6.63 -8.19
N LYS A 51 -11.40 -6.59 -7.72
CA LYS A 51 -11.81 -5.60 -6.74
C LYS A 51 -11.75 -6.18 -5.33
N GLY A 52 -11.34 -5.35 -4.37
CA GLY A 52 -11.23 -5.80 -3.00
C GLY A 52 -9.81 -6.17 -2.61
N ASP A 53 -9.11 -6.83 -3.52
CA ASP A 53 -7.73 -7.23 -3.26
C ASP A 53 -6.82 -6.01 -3.12
N PHE A 54 -5.70 -6.21 -2.44
CA PHE A 54 -4.74 -5.12 -2.22
C PHE A 54 -3.32 -5.59 -2.49
N SER A 55 -2.47 -4.67 -2.95
CA SER A 55 -1.08 -4.99 -3.26
C SER A 55 -0.13 -4.09 -2.48
N LEU A 56 0.80 -4.70 -1.74
CA LEU A 56 1.76 -3.95 -0.96
C LEU A 56 3.05 -3.71 -1.75
N SER A 57 3.29 -2.45 -2.11
CA SER A 57 4.48 -2.10 -2.87
C SER A 57 5.52 -1.45 -1.97
N VAL A 58 6.67 -2.11 -1.85
CA VAL A 58 7.76 -1.61 -1.03
C VAL A 58 9.05 -1.46 -1.83
N LEU A 59 9.90 -0.53 -1.40
CA LEU A 59 11.16 -0.29 -2.09
C LEU A 59 12.31 -0.97 -1.37
N ASP A 60 13.15 -1.67 -2.13
CA ASP A 60 14.30 -2.38 -1.57
C ASP A 60 15.55 -2.12 -2.39
N GLU A 61 16.19 -0.99 -2.13
CA GLU A 61 17.41 -0.62 -2.85
C GLU A 61 17.10 -0.25 -4.30
N GLY A 62 16.03 0.51 -4.49
CA GLY A 62 15.63 0.92 -5.83
C GLY A 62 14.71 -0.07 -6.49
N VAL A 63 14.57 -1.25 -5.89
CA VAL A 63 13.70 -2.30 -6.43
C VAL A 63 12.32 -2.24 -5.80
N VAL A 64 11.32 -2.73 -6.53
CA VAL A 64 9.94 -2.74 -6.05
C VAL A 64 9.45 -4.17 -5.84
N LYS A 65 9.25 -4.53 -4.58
CA LYS A 65 8.77 -5.86 -4.23
C LYS A 65 7.24 -5.89 -4.14
N HIS A 66 6.61 -6.50 -5.14
CA HIS A 66 5.15 -6.60 -5.17
C HIS A 66 4.66 -7.79 -4.33
N TYR A 67 4.03 -7.49 -3.21
CA TYR A 67 3.52 -8.54 -2.32
C TYR A 67 2.00 -8.59 -2.38
N ARG A 68 1.48 -9.73 -2.86
CA ARG A 68 0.04 -9.92 -2.97
C ARG A 68 -0.60 -10.05 -1.59
N ILE A 69 -1.48 -9.11 -1.25
CA ILE A 69 -2.16 -9.13 0.04
C ILE A 69 -3.45 -9.93 -0.03
N ARG A 70 -3.42 -11.15 0.51
CA ARG A 70 -4.58 -12.01 0.51
C ARG A 70 -5.55 -11.62 1.62
N ARG A 71 -6.85 -11.79 1.36
CA ARG A 71 -7.87 -11.45 2.34
C ARG A 71 -8.69 -12.68 2.73
N LEU A 72 -9.16 -12.70 3.97
CA LEU A 72 -9.96 -13.83 4.47
C LEU A 72 -11.44 -13.49 4.44
N ASP A 73 -12.27 -14.51 4.62
CA ASP A 73 -13.72 -14.34 4.61
C ASP A 73 -14.24 -14.21 6.04
N GLU A 74 -13.36 -14.38 7.02
CA GLU A 74 -13.74 -14.30 8.42
C GLU A 74 -12.93 -13.21 9.13
N GLY A 75 -11.74 -12.93 8.61
CA GLY A 75 -10.90 -11.91 9.20
C GLY A 75 -10.83 -10.64 8.36
N GLY A 76 -9.67 -10.35 7.80
CA GLY A 76 -9.51 -9.17 6.99
C GLY A 76 -8.43 -9.32 5.94
N PHE A 77 -7.21 -8.91 6.27
CA PHE A 77 -6.09 -9.01 5.35
C PHE A 77 -4.91 -9.72 6.00
N PHE A 78 -4.06 -10.32 5.17
CA PHE A 78 -2.89 -11.04 5.66
C PHE A 78 -1.88 -11.25 4.54
N LEU A 79 -0.63 -10.89 4.80
CA LEU A 79 0.44 -11.05 3.82
C LEU A 79 1.06 -12.44 3.91
N THR A 80 0.80 -13.13 5.01
CA THR A 80 1.33 -14.47 5.22
C THR A 80 0.53 -15.22 6.27
N ARG A 81 0.05 -16.41 5.91
CA ARG A 81 -0.73 -17.22 6.83
C ARG A 81 -0.25 -17.05 8.26
N ARG A 82 1.06 -17.14 8.46
CA ARG A 82 1.66 -17.00 9.77
C ARG A 82 1.17 -15.71 10.44
N LYS A 83 1.18 -14.62 9.69
CA LYS A 83 0.75 -13.33 10.21
C LYS A 83 -0.53 -12.86 9.52
N VAL A 84 -1.56 -12.57 10.30
CA VAL A 84 -2.84 -12.12 9.78
C VAL A 84 -3.35 -10.91 10.55
N PHE A 85 -3.86 -9.92 9.83
CA PHE A 85 -4.39 -8.72 10.44
C PHE A 85 -5.87 -8.54 10.11
N SER A 86 -6.44 -7.42 10.53
CA SER A 86 -7.84 -7.12 10.29
C SER A 86 -7.99 -5.98 9.28
N THR A 87 -7.30 -4.88 9.54
CA THR A 87 -7.35 -3.72 8.66
C THR A 87 -5.95 -3.32 8.19
N LEU A 88 -5.89 -2.66 7.04
CA LEU A 88 -4.62 -2.22 6.48
C LEU A 88 -3.77 -1.53 7.53
N ASN A 89 -4.42 -0.96 8.53
CA ASN A 89 -3.72 -0.27 9.61
C ASN A 89 -2.85 -1.24 10.40
N GLU A 90 -3.50 -2.21 11.05
CA GLU A 90 -2.78 -3.20 11.85
C GLU A 90 -1.86 -4.04 10.96
N PHE A 91 -2.01 -3.89 9.65
CA PHE A 91 -1.18 -4.63 8.70
C PHE A 91 0.21 -4.01 8.58
N VAL A 92 0.26 -2.68 8.55
CA VAL A 92 1.51 -1.96 8.44
C VAL A 92 2.07 -1.61 9.81
N ASN A 93 1.18 -1.30 10.74
CA ASN A 93 1.58 -0.94 12.11
C ASN A 93 2.35 -2.09 12.76
N TYR A 94 2.21 -3.28 12.19
CA TYR A 94 2.90 -4.45 12.73
C TYR A 94 4.25 -4.67 12.04
N TYR A 95 4.21 -4.77 10.71
CA TYR A 95 5.43 -4.97 9.93
C TYR A 95 6.38 -3.79 10.10
N THR A 96 5.88 -2.70 10.68
CA THR A 96 6.68 -1.51 10.90
C THR A 96 7.62 -1.69 12.08
N THR A 97 7.57 -2.87 12.71
CA THR A 97 8.41 -3.17 13.85
C THR A 97 9.45 -4.23 13.50
N THR A 98 9.12 -5.07 12.53
CA THR A 98 10.04 -6.13 12.11
C THR A 98 9.65 -6.66 10.73
N SER A 99 10.62 -7.27 10.04
CA SER A 99 10.38 -7.81 8.71
C SER A 99 10.32 -9.35 8.76
N ASP A 100 9.39 -9.88 9.54
CA ASP A 100 9.23 -11.31 9.67
C ASP A 100 9.16 -11.98 8.29
N GLY A 101 10.33 -12.33 7.75
CA GLY A 101 10.37 -12.96 6.45
C GLY A 101 10.41 -11.96 5.32
N LEU A 102 9.58 -10.93 5.41
CA LEU A 102 9.52 -9.90 4.38
C LEU A 102 10.92 -9.44 3.99
N CYS A 103 11.15 -9.30 2.69
CA CYS A 103 12.45 -8.87 2.18
C CYS A 103 12.99 -7.71 3.01
N VAL A 104 12.11 -6.78 3.38
CA VAL A 104 12.51 -5.62 4.17
C VAL A 104 11.39 -5.21 5.13
N LYS A 105 11.77 -4.47 6.17
CA LYS A 105 10.80 -4.01 7.16
C LYS A 105 10.27 -2.63 6.81
N LEU A 106 8.95 -2.48 6.82
CA LEU A 106 8.32 -1.21 6.49
C LEU A 106 8.83 -0.10 7.41
N GLU A 107 9.43 0.93 6.81
CA GLU A 107 9.96 2.06 7.57
C GLU A 107 9.01 3.25 7.51
N LYS A 108 8.84 3.81 6.33
CA LYS A 108 7.96 4.96 6.13
C LYS A 108 7.13 4.80 4.87
N PRO A 109 5.94 5.42 4.86
CA PRO A 109 5.03 5.37 3.71
C PRO A 109 5.56 6.15 2.51
N CYS A 110 5.21 5.69 1.31
CA CYS A 110 5.66 6.35 0.09
C CYS A 110 5.13 7.78 0.02
N LEU A 111 5.88 8.64 -0.67
CA LEU A 111 5.49 10.04 -0.81
C LEU A 111 4.48 10.22 -1.93
N LYS A 112 3.68 11.27 -1.86
CA LYS A 112 2.68 11.56 -2.87
C LYS A 112 3.09 12.74 -3.73
N ILE A 113 2.81 12.65 -5.03
CA ILE A 113 3.16 13.70 -5.96
C ILE A 113 2.15 14.84 -5.90
N GLN A 114 2.64 16.08 -6.01
CA GLN A 114 1.77 17.26 -5.96
C GLN A 114 0.76 17.23 -7.10
N VAL A 115 -0.37 16.57 -6.87
CA VAL A 115 -1.42 16.47 -7.88
C VAL A 115 -1.57 17.78 -8.64
N SER A 116 -1.65 17.68 -9.96
CA SER A 116 -1.79 18.86 -10.82
C SER A 116 -3.26 19.09 -11.18
N GLY A 117 -3.55 20.30 -11.67
CA GLY A 117 -4.91 20.62 -12.05
C GLY A 117 -4.98 21.86 -12.93
N PRO A 118 -5.91 21.84 -13.89
CA PRO A 118 -6.10 22.96 -14.83
C PRO A 118 -6.69 24.19 -14.14
N SER A 119 -5.82 25.03 -13.60
CA SER A 119 -6.27 26.25 -12.91
C SER A 119 -5.28 27.39 -13.15
N SER A 120 -5.83 28.58 -13.40
CA SER A 120 -5.00 29.75 -13.65
C SER A 120 -5.73 31.02 -13.22
N GLY A 121 -4.97 31.98 -12.68
CA GLY A 121 -5.55 33.22 -12.24
C GLY A 121 -4.85 33.78 -11.00
N GLY A 1 -26.70 10.65 -8.08
CA GLY A 1 -26.49 9.75 -6.97
C GLY A 1 -27.53 8.66 -6.89
N SER A 2 -27.52 7.76 -7.87
CA SER A 2 -28.48 6.66 -7.92
C SER A 2 -28.32 5.74 -6.72
N SER A 3 -29.36 4.96 -6.43
CA SER A 3 -29.33 4.05 -5.30
C SER A 3 -27.97 3.40 -5.15
N GLY A 4 -27.45 3.39 -3.93
CA GLY A 4 -26.14 2.80 -3.67
C GLY A 4 -25.53 3.28 -2.37
N SER A 5 -25.74 2.50 -1.31
CA SER A 5 -25.22 2.85 0.01
C SER A 5 -24.48 1.67 0.63
N SER A 6 -23.30 1.95 1.18
CA SER A 6 -22.49 0.91 1.80
C SER A 6 -22.34 1.15 3.30
N GLY A 7 -21.98 0.10 4.03
CA GLY A 7 -21.81 0.22 5.47
C GLY A 7 -20.48 0.86 5.85
N ALA A 8 -19.56 0.03 6.35
CA ALA A 8 -18.25 0.52 6.74
C ALA A 8 -17.16 0.03 5.79
N GLU A 9 -16.81 0.86 4.81
CA GLU A 9 -15.79 0.51 3.84
C GLU A 9 -14.51 1.31 4.08
N ASP A 10 -14.10 1.38 5.34
CA ASP A 10 -12.89 2.12 5.70
C ASP A 10 -12.69 3.33 4.79
N ARG A 11 -13.73 4.15 4.66
CA ARG A 11 -13.67 5.34 3.82
C ARG A 11 -12.61 6.31 4.34
N SER A 12 -12.38 6.29 5.65
CA SER A 12 -11.40 7.17 6.27
C SER A 12 -9.97 6.75 5.90
N LEU A 13 -9.81 5.46 5.60
CA LEU A 13 -8.50 4.93 5.24
C LEU A 13 -7.83 5.81 4.19
N GLN A 14 -8.63 6.54 3.42
CA GLN A 14 -8.11 7.42 2.39
C GLN A 14 -7.06 8.36 2.96
N ALA A 15 -7.24 8.75 4.22
CA ALA A 15 -6.30 9.65 4.89
C ALA A 15 -4.91 9.04 4.95
N GLU A 16 -4.85 7.72 5.07
CA GLU A 16 -3.57 7.01 5.13
C GLU A 16 -2.69 7.38 3.95
N PRO A 17 -1.42 7.72 4.24
CA PRO A 17 -0.44 8.09 3.21
C PRO A 17 -0.02 6.91 2.35
N TRP A 18 0.26 5.78 2.98
CA TRP A 18 0.66 4.58 2.27
C TRP A 18 -0.47 4.06 1.38
N PHE A 19 -1.68 4.57 1.62
CA PHE A 19 -2.84 4.15 0.85
C PHE A 19 -3.00 5.02 -0.40
N PHE A 20 -3.17 4.36 -1.55
CA PHE A 20 -3.32 5.06 -2.82
C PHE A 20 -4.54 4.57 -3.56
N GLY A 21 -5.58 4.17 -2.83
CA GLY A 21 -6.79 3.67 -3.44
C GLY A 21 -6.53 2.54 -4.41
N ALA A 22 -6.90 2.73 -5.67
CA ALA A 22 -6.71 1.71 -6.69
C ALA A 22 -5.80 2.22 -7.80
N ILE A 23 -4.54 1.77 -7.79
CA ILE A 23 -3.57 2.18 -8.79
C ILE A 23 -2.87 0.97 -9.41
N LYS A 24 -2.05 1.23 -10.42
CA LYS A 24 -1.32 0.16 -11.10
C LYS A 24 0.12 0.10 -10.61
N ARG A 25 0.79 -1.01 -10.89
CA ARG A 25 2.18 -1.20 -10.48
C ARG A 25 3.05 -0.03 -10.96
N ALA A 26 2.71 0.50 -12.13
CA ALA A 26 3.46 1.61 -12.70
C ALA A 26 3.35 2.85 -11.81
N ASP A 27 2.13 3.20 -11.43
CA ASP A 27 1.91 4.36 -10.57
C ASP A 27 2.50 4.15 -9.19
N ALA A 28 2.45 2.90 -8.72
CA ALA A 28 3.00 2.56 -7.40
C ALA A 28 4.52 2.58 -7.42
N GLU A 29 5.11 2.06 -8.50
CA GLU A 29 6.56 2.02 -8.63
C GLU A 29 7.15 3.42 -8.71
N LYS A 30 6.80 4.14 -9.77
CA LYS A 30 7.29 5.51 -9.97
C LYS A 30 7.35 6.26 -8.64
N GLN A 31 6.41 5.95 -7.76
CA GLN A 31 6.35 6.60 -6.45
C GLN A 31 7.46 6.08 -5.54
N LEU A 32 7.68 4.78 -5.56
CA LEU A 32 8.72 4.16 -4.74
C LEU A 32 10.11 4.51 -5.26
N LEU A 33 10.27 4.47 -6.57
CA LEU A 33 11.54 4.79 -7.20
C LEU A 33 11.92 6.24 -6.95
N TYR A 34 10.94 7.06 -6.62
CA TYR A 34 11.18 8.47 -6.36
C TYR A 34 12.45 8.67 -5.55
N SER A 35 13.15 9.78 -5.82
CA SER A 35 14.39 10.09 -5.12
C SER A 35 14.15 10.27 -3.62
N GLU A 36 13.29 11.23 -3.28
CA GLU A 36 12.97 11.51 -1.89
C GLU A 36 12.80 10.21 -1.10
N ASN A 37 12.15 9.23 -1.71
CA ASN A 37 11.91 7.94 -1.08
C ASN A 37 13.19 7.11 -1.06
N GLN A 38 13.32 6.24 -0.06
CA GLN A 38 14.49 5.38 0.06
C GLN A 38 14.10 3.99 0.54
N THR A 39 15.06 3.08 0.55
CA THR A 39 14.82 1.70 0.98
C THR A 39 13.89 1.67 2.19
N GLY A 40 12.70 1.09 2.00
CA GLY A 40 11.74 1.00 3.07
C GLY A 40 10.37 1.51 2.68
N ALA A 41 10.35 2.56 1.85
CA ALA A 41 9.09 3.14 1.39
C ALA A 41 8.10 2.07 1.00
N PHE A 42 6.88 2.17 1.52
CA PHE A 42 5.83 1.19 1.22
C PHE A 42 4.52 1.90 0.87
N LEU A 43 3.67 1.21 0.13
CA LEU A 43 2.38 1.77 -0.28
C LEU A 43 1.43 0.66 -0.75
N ILE A 44 0.22 0.66 -0.20
CA ILE A 44 -0.78 -0.33 -0.56
C ILE A 44 -1.78 0.24 -1.55
N ARG A 45 -2.30 -0.63 -2.42
CA ARG A 45 -3.27 -0.22 -3.43
C ARG A 45 -4.31 -1.31 -3.66
N GLU A 46 -5.36 -0.97 -4.40
CA GLU A 46 -6.43 -1.93 -4.70
C GLU A 46 -6.14 -2.68 -5.99
N SER A 47 -6.25 -4.00 -5.94
CA SER A 47 -5.99 -4.83 -7.11
C SER A 47 -6.76 -4.31 -8.33
N GLU A 48 -6.04 -4.11 -9.43
CA GLU A 48 -6.64 -3.61 -10.66
C GLU A 48 -7.44 -4.70 -11.35
N SER A 49 -6.92 -5.93 -11.30
CA SER A 49 -7.58 -7.06 -11.93
C SER A 49 -8.82 -7.48 -11.14
N GLN A 50 -8.63 -7.73 -9.85
CA GLN A 50 -9.74 -8.13 -8.99
C GLN A 50 -10.21 -6.96 -8.13
N LYS A 51 -11.44 -7.05 -7.63
CA LYS A 51 -12.02 -6.00 -6.80
C LYS A 51 -12.09 -6.46 -5.34
N GLY A 52 -11.53 -5.65 -4.45
CA GLY A 52 -11.54 -5.98 -3.04
C GLY A 52 -10.16 -6.27 -2.50
N ASP A 53 -9.40 -7.06 -3.24
CA ASP A 53 -8.04 -7.42 -2.83
C ASP A 53 -7.16 -6.18 -2.70
N PHE A 54 -5.92 -6.38 -2.27
CA PHE A 54 -4.98 -5.27 -2.10
C PHE A 54 -3.55 -5.72 -2.40
N SER A 55 -2.71 -4.78 -2.81
CA SER A 55 -1.32 -5.08 -3.14
C SER A 55 -0.38 -4.16 -2.36
N LEU A 56 0.69 -4.75 -1.83
CA LEU A 56 1.68 -3.99 -1.07
C LEU A 56 2.95 -3.76 -1.89
N SER A 57 3.32 -2.50 -2.07
CA SER A 57 4.51 -2.15 -2.84
C SER A 57 5.57 -1.52 -1.93
N VAL A 58 6.70 -2.19 -1.78
CA VAL A 58 7.78 -1.69 -0.95
C VAL A 58 9.07 -1.52 -1.76
N LEU A 59 9.89 -0.56 -1.36
CA LEU A 59 11.15 -0.29 -2.04
C LEU A 59 12.31 -0.99 -1.34
N ASP A 60 13.15 -1.66 -2.11
CA ASP A 60 14.31 -2.36 -1.56
C ASP A 60 15.55 -2.09 -2.40
N GLU A 61 16.11 -0.90 -2.26
CA GLU A 61 17.30 -0.51 -3.00
C GLU A 61 16.96 -0.22 -4.45
N GLY A 62 16.02 0.70 -4.67
CA GLY A 62 15.62 1.06 -6.01
C GLY A 62 14.72 0.02 -6.65
N VAL A 63 14.52 -1.10 -5.94
CA VAL A 63 13.67 -2.18 -6.45
C VAL A 63 12.26 -2.09 -5.87
N VAL A 64 11.30 -2.67 -6.57
CA VAL A 64 9.91 -2.65 -6.11
C VAL A 64 9.38 -4.07 -5.92
N LYS A 65 9.25 -4.48 -4.66
CA LYS A 65 8.75 -5.81 -4.33
C LYS A 65 7.23 -5.82 -4.25
N HIS A 66 6.59 -6.45 -5.22
CA HIS A 66 5.13 -6.53 -5.25
C HIS A 66 4.64 -7.73 -4.45
N TYR A 67 3.98 -7.45 -3.33
CA TYR A 67 3.46 -8.51 -2.46
C TYR A 67 1.95 -8.61 -2.59
N ARG A 68 1.45 -9.84 -2.71
CA ARG A 68 0.01 -10.07 -2.83
C ARG A 68 -0.64 -10.19 -1.46
N ILE A 69 -1.61 -9.32 -1.18
CA ILE A 69 -2.31 -9.33 0.10
C ILE A 69 -3.61 -10.13 0.00
N ARG A 70 -3.60 -11.33 0.57
CA ARG A 70 -4.78 -12.19 0.56
C ARG A 70 -5.64 -11.95 1.80
N ARG A 71 -6.95 -12.04 1.63
CA ARG A 71 -7.89 -11.83 2.73
C ARG A 71 -8.52 -13.16 3.16
N LEU A 72 -8.94 -13.22 4.41
CA LEU A 72 -9.57 -14.43 4.95
C LEU A 72 -11.09 -14.27 5.03
N ASP A 73 -11.76 -15.30 5.52
CA ASP A 73 -13.21 -15.26 5.66
C ASP A 73 -13.62 -15.03 7.11
N GLU A 74 -12.65 -15.12 8.01
CA GLU A 74 -12.90 -14.91 9.44
C GLU A 74 -12.09 -13.73 9.97
N GLY A 75 -11.01 -13.42 9.28
CA GLY A 75 -10.16 -12.31 9.70
C GLY A 75 -10.31 -11.09 8.82
N GLY A 76 -9.21 -10.62 8.27
CA GLY A 76 -9.24 -9.45 7.40
C GLY A 76 -8.21 -9.51 6.30
N PHE A 77 -7.01 -8.99 6.58
CA PHE A 77 -5.93 -8.98 5.61
C PHE A 77 -4.67 -9.61 6.19
N PHE A 78 -3.94 -10.34 5.36
CA PHE A 78 -2.72 -11.01 5.79
C PHE A 78 -1.77 -11.21 4.60
N LEU A 79 -0.52 -10.79 4.78
CA LEU A 79 0.48 -10.93 3.74
C LEU A 79 1.15 -12.30 3.78
N THR A 80 1.13 -12.91 4.97
CA THR A 80 1.72 -14.23 5.16
C THR A 80 1.01 -15.01 6.25
N ARG A 81 0.51 -16.19 5.91
CA ARG A 81 -0.20 -17.04 6.85
C ARG A 81 0.38 -16.87 8.27
N ARG A 82 1.71 -16.89 8.35
CA ARG A 82 2.39 -16.74 9.64
C ARG A 82 1.66 -15.74 10.52
N LYS A 83 1.37 -14.57 9.97
CA LYS A 83 0.68 -13.52 10.71
C LYS A 83 -0.52 -13.00 9.93
N VAL A 84 -1.55 -12.57 10.64
CA VAL A 84 -2.75 -12.04 10.02
C VAL A 84 -3.24 -10.78 10.72
N PHE A 85 -3.81 -9.86 9.96
CA PHE A 85 -4.31 -8.61 10.51
C PHE A 85 -5.80 -8.44 10.21
N SER A 86 -6.37 -7.35 10.69
CA SER A 86 -7.79 -7.07 10.49
C SER A 86 -7.98 -5.97 9.44
N THR A 87 -7.27 -4.86 9.63
CA THR A 87 -7.36 -3.73 8.71
C THR A 87 -5.98 -3.31 8.22
N LEU A 88 -5.94 -2.68 7.06
CA LEU A 88 -4.68 -2.22 6.47
C LEU A 88 -3.84 -1.48 7.52
N ASN A 89 -4.51 -0.93 8.52
CA ASN A 89 -3.81 -0.19 9.58
C ASN A 89 -2.90 -1.12 10.37
N GLU A 90 -3.49 -2.10 11.03
CA GLU A 90 -2.73 -3.06 11.82
C GLU A 90 -1.78 -3.86 10.94
N PHE A 91 -2.05 -3.87 9.65
CA PHE A 91 -1.22 -4.59 8.70
C PHE A 91 0.17 -3.97 8.58
N VAL A 92 0.21 -2.64 8.57
CA VAL A 92 1.47 -1.91 8.48
C VAL A 92 2.02 -1.57 9.86
N ASN A 93 1.12 -1.29 10.79
CA ASN A 93 1.52 -0.95 12.16
C ASN A 93 2.30 -2.10 12.79
N TYR A 94 2.18 -3.28 12.22
CA TYR A 94 2.88 -4.46 12.74
C TYR A 94 4.25 -4.59 12.09
N TYR A 95 4.28 -4.81 10.79
CA TYR A 95 5.53 -4.97 10.06
C TYR A 95 6.49 -3.83 10.38
N THR A 96 5.94 -2.63 10.60
CA THR A 96 6.75 -1.46 10.92
C THR A 96 7.74 -1.77 12.03
N THR A 97 7.48 -2.84 12.77
CA THR A 97 8.35 -3.25 13.86
C THR A 97 9.37 -4.28 13.41
N THR A 98 8.97 -5.11 12.45
CA THR A 98 9.86 -6.15 11.93
C THR A 98 9.39 -6.62 10.56
N SER A 99 10.34 -7.05 9.72
CA SER A 99 10.02 -7.53 8.38
C SER A 99 9.82 -9.04 8.39
N ASP A 100 9.12 -9.54 9.41
CA ASP A 100 8.86 -10.96 9.53
C ASP A 100 8.61 -11.60 8.16
N GLY A 101 9.65 -12.21 7.61
CA GLY A 101 9.52 -12.85 6.30
C GLY A 101 9.75 -11.87 5.16
N LEU A 102 9.13 -10.71 5.26
CA LEU A 102 9.27 -9.68 4.22
C LEU A 102 10.74 -9.40 3.94
N CYS A 103 11.04 -9.12 2.67
CA CYS A 103 12.41 -8.82 2.26
C CYS A 103 12.98 -7.66 3.09
N VAL A 104 12.14 -6.68 3.39
CA VAL A 104 12.57 -5.52 4.17
C VAL A 104 11.46 -5.06 5.11
N LYS A 105 11.84 -4.30 6.13
CA LYS A 105 10.89 -3.79 7.10
C LYS A 105 10.35 -2.42 6.68
N LEU A 106 9.04 -2.26 6.79
CA LEU A 106 8.40 -1.00 6.42
C LEU A 106 8.88 0.14 7.32
N GLU A 107 9.61 1.09 6.73
CA GLU A 107 10.13 2.22 7.47
C GLU A 107 9.11 3.36 7.49
N LYS A 108 8.84 3.92 6.32
CA LYS A 108 7.88 5.02 6.19
C LYS A 108 7.03 4.86 4.94
N PRO A 109 5.81 5.42 4.99
CA PRO A 109 4.87 5.35 3.86
C PRO A 109 5.32 6.20 2.68
N CYS A 110 5.49 5.57 1.53
CA CYS A 110 5.91 6.27 0.32
C CYS A 110 5.34 7.67 0.27
N LEU A 111 6.06 8.58 -0.37
CA LEU A 111 5.61 9.97 -0.47
C LEU A 111 4.48 10.10 -1.49
N LYS A 112 4.05 11.33 -1.72
CA LYS A 112 2.97 11.59 -2.67
C LYS A 112 3.28 12.81 -3.53
N ILE A 113 3.54 12.56 -4.81
CA ILE A 113 3.86 13.64 -5.74
C ILE A 113 3.09 14.91 -5.41
N GLN A 114 3.74 16.06 -5.57
CA GLN A 114 3.11 17.34 -5.28
C GLN A 114 2.93 18.16 -6.55
N VAL A 115 1.79 17.96 -7.22
CA VAL A 115 1.49 18.68 -8.45
C VAL A 115 0.90 20.05 -8.15
N SER A 116 1.49 21.09 -8.76
CA SER A 116 1.01 22.45 -8.55
C SER A 116 -0.20 22.74 -9.43
N GLY A 117 -0.12 22.35 -10.69
CA GLY A 117 -1.22 22.58 -11.62
C GLY A 117 -1.23 24.00 -12.16
N PRO A 118 -1.70 24.15 -13.41
CA PRO A 118 -1.79 25.46 -14.07
C PRO A 118 -2.84 26.36 -13.44
N SER A 119 -2.50 27.63 -13.28
CA SER A 119 -3.42 28.60 -12.69
C SER A 119 -3.64 29.79 -13.63
N SER A 120 -4.85 30.35 -13.60
CA SER A 120 -5.18 31.49 -14.45
C SER A 120 -5.19 32.78 -13.63
N GLY A 121 -4.20 32.94 -12.76
CA GLY A 121 -4.12 34.13 -11.93
C GLY A 121 -2.71 34.69 -11.88
N GLY A 1 -9.04 16.79 -12.93
CA GLY A 1 -9.18 16.67 -11.49
C GLY A 1 -9.52 15.26 -11.05
N SER A 2 -10.60 15.13 -10.30
CA SER A 2 -11.02 13.82 -9.80
C SER A 2 -12.47 13.87 -9.30
N SER A 3 -12.98 12.72 -8.87
CA SER A 3 -14.36 12.63 -8.39
C SER A 3 -14.40 11.87 -7.07
N GLY A 4 -13.98 10.60 -7.09
CA GLY A 4 -13.99 9.80 -5.89
C GLY A 4 -14.69 8.46 -6.10
N SER A 5 -14.41 7.51 -5.21
CA SER A 5 -15.01 6.19 -5.30
C SER A 5 -16.27 6.10 -4.45
N SER A 6 -17.21 5.26 -4.89
CA SER A 6 -18.47 5.08 -4.17
C SER A 6 -18.55 3.70 -3.54
N GLY A 7 -18.82 3.66 -2.24
CA GLY A 7 -18.92 2.39 -1.54
C GLY A 7 -17.56 1.83 -1.17
N ALA A 8 -17.29 1.76 0.12
CA ALA A 8 -16.02 1.23 0.61
C ALA A 8 -16.04 1.05 2.13
N GLU A 9 -15.86 -0.19 2.58
CA GLU A 9 -15.86 -0.48 4.00
C GLU A 9 -15.04 0.55 4.78
N ASP A 10 -13.84 0.82 4.31
CA ASP A 10 -12.96 1.78 4.96
C ASP A 10 -13.09 3.15 4.30
N ARG A 11 -13.07 4.20 5.12
CA ARG A 11 -13.19 5.56 4.63
C ARG A 11 -12.02 6.42 5.10
N SER A 12 -11.98 6.67 6.40
CA SER A 12 -10.91 7.48 6.98
C SER A 12 -9.54 6.99 6.52
N LEU A 13 -9.48 5.72 6.16
CA LEU A 13 -8.22 5.12 5.70
C LEU A 13 -7.59 5.96 4.60
N GLN A 14 -8.42 6.71 3.88
CA GLN A 14 -7.95 7.56 2.79
C GLN A 14 -6.87 8.53 3.29
N ALA A 15 -6.92 8.85 4.58
CA ALA A 15 -5.95 9.76 5.18
C ALA A 15 -4.57 9.12 5.25
N GLU A 16 -4.53 7.80 5.30
CA GLU A 16 -3.28 7.06 5.37
C GLU A 16 -2.39 7.40 4.17
N PRO A 17 -1.10 7.66 4.44
CA PRO A 17 -0.12 7.99 3.40
C PRO A 17 0.21 6.80 2.52
N TRP A 18 0.43 5.65 3.13
CA TRP A 18 0.76 4.44 2.39
C TRP A 18 -0.42 3.99 1.54
N PHE A 19 -1.60 4.51 1.85
CA PHE A 19 -2.81 4.16 1.12
C PHE A 19 -3.01 5.08 -0.10
N PHE A 20 -3.06 4.49 -1.28
CA PHE A 20 -3.23 5.25 -2.51
C PHE A 20 -4.54 4.87 -3.21
N GLY A 21 -5.48 4.36 -2.43
CA GLY A 21 -6.76 3.95 -3.00
C GLY A 21 -6.63 2.82 -3.99
N ALA A 22 -6.81 3.13 -5.27
CA ALA A 22 -6.70 2.13 -6.32
C ALA A 22 -5.81 2.61 -7.46
N ILE A 23 -4.58 2.13 -7.48
CA ILE A 23 -3.63 2.52 -8.52
C ILE A 23 -2.95 1.30 -9.13
N LYS A 24 -2.33 1.48 -10.29
CA LYS A 24 -1.64 0.39 -10.97
C LYS A 24 -0.19 0.31 -10.51
N ARG A 25 0.41 -0.87 -10.68
CA ARG A 25 1.79 -1.09 -10.28
C ARG A 25 2.70 0.00 -10.83
N ALA A 26 2.38 0.48 -12.04
CA ALA A 26 3.17 1.52 -12.68
C ALA A 26 3.14 2.81 -11.85
N ASP A 27 1.96 3.17 -11.37
CA ASP A 27 1.81 4.38 -10.57
C ASP A 27 2.47 4.22 -9.21
N ALA A 28 2.38 3.02 -8.64
CA ALA A 28 2.98 2.74 -7.35
C ALA A 28 4.50 2.74 -7.44
N GLU A 29 5.03 2.16 -8.52
CA GLU A 29 6.47 2.10 -8.71
C GLU A 29 7.08 3.49 -8.79
N LYS A 30 6.70 4.24 -9.82
CA LYS A 30 7.20 5.60 -10.00
C LYS A 30 7.30 6.33 -8.68
N GLN A 31 6.38 6.02 -7.76
CA GLN A 31 6.36 6.64 -6.44
C GLN A 31 7.49 6.11 -5.56
N LEU A 32 7.74 4.81 -5.67
CA LEU A 32 8.79 4.17 -4.88
C LEU A 32 10.17 4.53 -5.43
N LEU A 33 10.32 4.47 -6.75
CA LEU A 33 11.58 4.78 -7.40
C LEU A 33 11.98 6.24 -7.15
N TYR A 34 11.02 7.03 -6.67
CA TYR A 34 11.27 8.44 -6.38
C TYR A 34 12.58 8.62 -5.63
N SER A 35 13.13 9.82 -5.71
CA SER A 35 14.39 10.13 -5.04
C SER A 35 14.19 10.26 -3.54
N GLU A 36 13.50 11.33 -3.13
CA GLU A 36 13.24 11.58 -1.72
C GLU A 36 13.01 10.27 -0.97
N ASN A 37 12.31 9.34 -1.62
CA ASN A 37 12.02 8.04 -1.01
C ASN A 37 13.23 7.13 -1.08
N GLN A 38 13.45 6.36 -0.02
CA GLN A 38 14.59 5.44 0.05
C GLN A 38 14.13 4.05 0.48
N THR A 39 15.07 3.11 0.48
CA THR A 39 14.76 1.74 0.88
C THR A 39 13.81 1.71 2.07
N GLY A 40 12.60 1.19 1.85
CA GLY A 40 11.62 1.11 2.91
C GLY A 40 10.25 1.60 2.47
N ALA A 41 10.24 2.64 1.63
CA ALA A 41 8.98 3.20 1.14
C ALA A 41 7.98 2.10 0.80
N PHE A 42 6.85 2.11 1.49
CA PHE A 42 5.81 1.12 1.26
C PHE A 42 4.45 1.79 1.07
N LEU A 43 3.66 1.25 0.14
CA LEU A 43 2.33 1.79 -0.14
C LEU A 43 1.40 0.70 -0.65
N ILE A 44 0.20 0.64 -0.08
CA ILE A 44 -0.79 -0.35 -0.48
C ILE A 44 -1.84 0.25 -1.41
N ARG A 45 -2.16 -0.48 -2.47
CA ARG A 45 -3.14 -0.01 -3.45
C ARG A 45 -4.21 -1.08 -3.69
N GLU A 46 -5.36 -0.64 -4.19
CA GLU A 46 -6.46 -1.56 -4.48
C GLU A 46 -6.41 -2.05 -5.92
N SER A 47 -6.44 -3.37 -6.09
CA SER A 47 -6.39 -3.97 -7.41
C SER A 47 -7.48 -3.40 -8.32
N GLU A 48 -7.08 -2.50 -9.21
CA GLU A 48 -8.03 -1.88 -10.13
C GLU A 48 -8.86 -2.94 -10.86
N SER A 49 -8.33 -4.15 -10.93
CA SER A 49 -9.02 -5.25 -11.60
C SER A 49 -10.04 -5.89 -10.67
N GLN A 50 -9.59 -6.32 -9.50
CA GLN A 50 -10.47 -6.96 -8.53
C GLN A 50 -10.64 -6.07 -7.30
N LYS A 51 -11.89 -5.81 -6.94
CA LYS A 51 -12.20 -4.98 -5.78
C LYS A 51 -11.89 -5.71 -4.48
N GLY A 52 -11.57 -4.96 -3.43
CA GLY A 52 -11.26 -5.55 -2.16
C GLY A 52 -9.80 -5.97 -2.05
N ASP A 53 -9.29 -6.61 -3.09
CA ASP A 53 -7.91 -7.07 -3.11
C ASP A 53 -6.95 -5.89 -2.92
N PHE A 54 -5.79 -6.15 -2.32
CA PHE A 54 -4.80 -5.12 -2.08
C PHE A 54 -3.41 -5.60 -2.51
N SER A 55 -2.50 -4.65 -2.68
CA SER A 55 -1.13 -4.98 -3.08
C SER A 55 -0.12 -4.08 -2.37
N LEU A 56 0.79 -4.70 -1.64
CA LEU A 56 1.82 -3.95 -0.91
C LEU A 56 3.09 -3.81 -1.73
N SER A 57 3.48 -2.57 -2.00
CA SER A 57 4.69 -2.31 -2.79
C SER A 57 5.75 -1.61 -1.94
N VAL A 58 6.85 -2.32 -1.69
CA VAL A 58 7.94 -1.77 -0.89
C VAL A 58 9.21 -1.59 -1.72
N LEU A 59 10.02 -0.61 -1.37
CA LEU A 59 11.25 -0.33 -2.09
C LEU A 59 12.44 -0.99 -1.40
N ASP A 60 13.26 -1.69 -2.18
CA ASP A 60 14.44 -2.36 -1.63
C ASP A 60 15.66 -2.11 -2.51
N GLU A 61 16.26 -0.93 -2.35
CA GLU A 61 17.44 -0.57 -3.13
C GLU A 61 17.06 -0.24 -4.57
N GLY A 62 16.05 0.60 -4.73
CA GLY A 62 15.61 0.99 -6.06
C GLY A 62 14.70 -0.05 -6.68
N VAL A 63 14.54 -1.19 -6.01
CA VAL A 63 13.68 -2.26 -6.51
C VAL A 63 12.31 -2.21 -5.85
N VAL A 64 11.29 -2.61 -6.60
CA VAL A 64 9.93 -2.62 -6.10
C VAL A 64 9.42 -4.03 -5.89
N LYS A 65 9.29 -4.44 -4.63
CA LYS A 65 8.81 -5.78 -4.29
C LYS A 65 7.29 -5.81 -4.18
N HIS A 66 6.65 -6.44 -5.14
CA HIS A 66 5.19 -6.54 -5.15
C HIS A 66 4.72 -7.72 -4.30
N TYR A 67 4.10 -7.42 -3.16
CA TYR A 67 3.61 -8.44 -2.26
C TYR A 67 2.08 -8.55 -2.32
N ARG A 68 1.60 -9.68 -2.83
CA ARG A 68 0.16 -9.90 -2.95
C ARG A 68 -0.49 -10.03 -1.57
N ILE A 69 -1.56 -9.28 -1.35
CA ILE A 69 -2.27 -9.31 -0.08
C ILE A 69 -3.51 -10.19 -0.17
N ARG A 70 -3.41 -11.42 0.34
CA ARG A 70 -4.52 -12.35 0.32
C ARG A 70 -5.42 -12.17 1.55
N ARG A 71 -6.72 -12.14 1.34
CA ARG A 71 -7.68 -11.96 2.42
C ARG A 71 -8.35 -13.29 2.77
N LEU A 72 -8.72 -13.45 4.04
CA LEU A 72 -9.37 -14.67 4.49
C LEU A 72 -10.88 -14.47 4.58
N ASP A 73 -11.59 -15.50 5.05
CA ASP A 73 -13.03 -15.45 5.18
C ASP A 73 -13.45 -15.27 6.64
N GLU A 74 -12.52 -15.60 7.55
CA GLU A 74 -12.79 -15.48 8.98
C GLU A 74 -12.00 -14.33 9.58
N GLY A 75 -10.93 -13.93 8.90
CA GLY A 75 -10.10 -12.84 9.39
C GLY A 75 -10.25 -11.58 8.56
N GLY A 76 -9.16 -11.14 7.94
CA GLY A 76 -9.20 -9.95 7.13
C GLY A 76 -8.14 -9.95 6.04
N PHE A 77 -7.06 -9.20 6.27
CA PHE A 77 -5.97 -9.13 5.29
C PHE A 77 -4.72 -9.84 5.81
N PHE A 78 -3.94 -10.40 4.90
CA PHE A 78 -2.73 -11.11 5.25
C PHE A 78 -1.79 -11.22 4.06
N LEU A 79 -0.52 -10.89 4.28
CA LEU A 79 0.48 -10.96 3.22
C LEU A 79 1.14 -12.33 3.17
N THR A 80 1.16 -13.01 4.31
CA THR A 80 1.76 -14.33 4.40
C THR A 80 0.99 -15.23 5.37
N ARG A 81 1.17 -16.53 5.24
CA ARG A 81 0.49 -17.49 6.10
C ARG A 81 1.19 -17.60 7.45
N ARG A 82 1.68 -16.48 7.95
CA ARG A 82 2.38 -16.44 9.23
C ARG A 82 1.76 -15.42 10.17
N LYS A 83 1.01 -14.47 9.60
CA LYS A 83 0.35 -13.43 10.38
C LYS A 83 -0.88 -12.90 9.65
N VAL A 84 -1.91 -12.59 10.42
CA VAL A 84 -3.15 -12.06 9.85
C VAL A 84 -3.65 -10.85 10.63
N PHE A 85 -4.13 -9.84 9.90
CA PHE A 85 -4.63 -8.63 10.52
C PHE A 85 -6.10 -8.39 10.17
N SER A 86 -6.68 -7.32 10.71
CA SER A 86 -8.07 -7.00 10.45
C SER A 86 -8.19 -5.93 9.37
N THR A 87 -7.50 -4.82 9.57
CA THR A 87 -7.53 -3.71 8.61
C THR A 87 -6.12 -3.34 8.17
N LEU A 88 -6.02 -2.68 7.01
CA LEU A 88 -4.74 -2.26 6.47
C LEU A 88 -3.91 -1.56 7.54
N ASN A 89 -4.59 -1.00 8.54
CA ASN A 89 -3.91 -0.30 9.62
C ASN A 89 -3.03 -1.26 10.43
N GLU A 90 -3.67 -2.20 11.10
CA GLU A 90 -2.95 -3.18 11.91
C GLU A 90 -1.98 -3.98 11.06
N PHE A 91 -2.20 -3.98 9.75
CA PHE A 91 -1.33 -4.70 8.82
C PHE A 91 0.03 -4.04 8.72
N VAL A 92 0.04 -2.71 8.71
CA VAL A 92 1.29 -1.96 8.62
C VAL A 92 1.82 -1.61 10.01
N ASN A 93 0.92 -1.31 10.93
CA ASN A 93 1.29 -0.95 12.29
C ASN A 93 2.09 -2.09 12.94
N TYR A 94 2.06 -3.26 12.32
CA TYR A 94 2.78 -4.41 12.83
C TYR A 94 4.14 -4.56 12.17
N TYR A 95 4.13 -4.91 10.89
CA TYR A 95 5.37 -5.08 10.12
C TYR A 95 6.34 -3.93 10.40
N THR A 96 5.82 -2.71 10.41
CA THR A 96 6.64 -1.53 10.67
C THR A 96 7.70 -1.81 11.73
N THR A 97 7.37 -2.71 12.65
CA THR A 97 8.28 -3.07 13.73
C THR A 97 9.33 -4.07 13.26
N THR A 98 8.86 -5.11 12.56
CA THR A 98 9.75 -6.14 12.05
C THR A 98 9.29 -6.64 10.69
N SER A 99 10.23 -7.06 9.86
CA SER A 99 9.92 -7.56 8.52
C SER A 99 9.89 -9.09 8.51
N ASP A 100 9.45 -9.67 9.62
CA ASP A 100 9.36 -11.12 9.74
C ASP A 100 8.84 -11.74 8.44
N GLY A 101 9.76 -12.29 7.65
CA GLY A 101 9.37 -12.91 6.39
C GLY A 101 9.61 -12.00 5.20
N LEU A 102 9.19 -10.75 5.31
CA LEU A 102 9.36 -9.78 4.24
C LEU A 102 10.83 -9.51 3.98
N CYS A 103 11.16 -9.15 2.75
CA CYS A 103 12.53 -8.86 2.37
C CYS A 103 13.07 -7.66 3.15
N VAL A 104 12.21 -6.67 3.37
CA VAL A 104 12.60 -5.48 4.10
C VAL A 104 11.49 -5.02 5.05
N LYS A 105 11.87 -4.27 6.07
CA LYS A 105 10.91 -3.77 7.05
C LYS A 105 10.33 -2.43 6.62
N LEU A 106 9.04 -2.25 6.85
CA LEU A 106 8.36 -1.01 6.49
C LEU A 106 8.86 0.15 7.34
N GLU A 107 9.72 0.98 6.75
CA GLU A 107 10.26 2.14 7.46
C GLU A 107 9.27 3.30 7.45
N LYS A 108 8.98 3.82 6.27
CA LYS A 108 8.05 4.93 6.13
C LYS A 108 7.18 4.77 4.88
N PRO A 109 5.95 5.28 4.95
CA PRO A 109 5.00 5.20 3.82
C PRO A 109 5.41 6.09 2.66
N CYS A 110 5.41 5.51 1.46
CA CYS A 110 5.78 6.24 0.26
C CYS A 110 5.27 7.69 0.32
N LEU A 111 6.01 8.60 -0.29
CA LEU A 111 5.64 10.01 -0.31
C LEU A 111 4.60 10.28 -1.38
N LYS A 112 3.82 11.34 -1.19
CA LYS A 112 2.79 11.71 -2.15
C LYS A 112 3.21 12.93 -2.97
N ILE A 113 2.92 12.90 -4.26
CA ILE A 113 3.29 14.00 -5.15
C ILE A 113 2.10 14.94 -5.35
N GLN A 114 2.39 16.24 -5.39
CA GLN A 114 1.35 17.25 -5.58
C GLN A 114 1.72 18.20 -6.71
N VAL A 115 0.78 18.43 -7.62
CA VAL A 115 1.00 19.32 -8.75
C VAL A 115 0.08 20.53 -8.69
N SER A 116 -1.17 20.30 -8.29
CA SER A 116 -2.16 21.37 -8.20
C SER A 116 -2.28 21.86 -6.75
N GLY A 117 -1.80 23.08 -6.51
CA GLY A 117 -1.86 23.65 -5.18
C GLY A 117 -2.19 25.13 -5.20
N PRO A 118 -1.89 25.82 -4.09
CA PRO A 118 -2.16 27.26 -3.96
C PRO A 118 -1.25 28.10 -4.84
N SER A 119 -0.40 27.42 -5.63
CA SER A 119 0.53 28.11 -6.52
C SER A 119 1.23 29.25 -5.79
N SER A 120 1.84 28.94 -4.66
CA SER A 120 2.55 29.94 -3.87
C SER A 120 4.04 29.97 -4.23
N GLY A 121 4.41 30.89 -5.10
CA GLY A 121 5.80 31.00 -5.52
C GLY A 121 6.59 31.93 -4.63
N GLY A 1 -12.80 3.61 -13.07
CA GLY A 1 -13.45 4.22 -14.22
C GLY A 1 -14.75 3.54 -14.58
N SER A 2 -14.68 2.53 -15.44
CA SER A 2 -15.87 1.80 -15.87
C SER A 2 -16.70 1.36 -14.67
N SER A 3 -16.03 0.74 -13.69
CA SER A 3 -16.70 0.26 -12.50
C SER A 3 -17.04 1.42 -11.56
N GLY A 4 -16.01 2.15 -11.14
CA GLY A 4 -16.22 3.28 -10.25
C GLY A 4 -15.34 3.20 -9.02
N SER A 5 -15.97 3.10 -7.85
CA SER A 5 -15.23 3.03 -6.59
C SER A 5 -15.87 2.01 -5.64
N SER A 6 -15.09 1.02 -5.23
CA SER A 6 -15.58 -0.01 -4.33
C SER A 6 -14.51 -0.40 -3.32
N GLY A 7 -14.95 -0.80 -2.12
CA GLY A 7 -14.01 -1.19 -1.09
C GLY A 7 -14.70 -1.76 0.14
N ALA A 8 -13.98 -2.59 0.89
CA ALA A 8 -14.53 -3.19 2.09
C ALA A 8 -14.67 -2.18 3.21
N GLU A 9 -15.84 -1.53 3.28
CA GLU A 9 -16.09 -0.53 4.32
C GLU A 9 -14.84 0.27 4.62
N ASP A 10 -14.15 0.70 3.56
CA ASP A 10 -12.93 1.48 3.71
C ASP A 10 -13.19 2.96 3.42
N ARG A 11 -13.11 3.79 4.46
CA ARG A 11 -13.35 5.22 4.32
C ARG A 11 -12.25 6.02 5.00
N SER A 12 -11.92 5.62 6.23
CA SER A 12 -10.88 6.30 7.00
C SER A 12 -9.50 6.12 6.36
N LEU A 13 -9.31 4.97 5.72
CA LEU A 13 -8.05 4.67 5.06
C LEU A 13 -7.62 5.81 4.15
N GLN A 14 -8.60 6.56 3.66
CA GLN A 14 -8.33 7.70 2.78
C GLN A 14 -7.29 8.63 3.39
N ALA A 15 -7.21 8.62 4.72
CA ALA A 15 -6.26 9.47 5.43
C ALA A 15 -4.85 8.86 5.40
N GLU A 16 -4.80 7.54 5.30
CA GLU A 16 -3.52 6.84 5.27
C GLU A 16 -2.71 7.24 4.03
N PRO A 17 -1.44 7.65 4.25
CA PRO A 17 -0.54 8.06 3.18
C PRO A 17 -0.12 6.90 2.29
N TRP A 18 0.21 5.77 2.93
CA TRP A 18 0.64 4.59 2.19
C TRP A 18 -0.50 4.03 1.35
N PHE A 19 -1.72 4.50 1.61
CA PHE A 19 -2.89 4.05 0.88
C PHE A 19 -3.08 4.87 -0.41
N PHE A 20 -3.04 4.18 -1.54
CA PHE A 20 -3.19 4.84 -2.84
C PHE A 20 -4.42 4.29 -3.58
N GLY A 21 -5.55 4.25 -2.88
CA GLY A 21 -6.76 3.74 -3.49
C GLY A 21 -6.51 2.61 -4.47
N ALA A 22 -6.94 2.80 -5.71
CA ALA A 22 -6.75 1.78 -6.74
C ALA A 22 -5.87 2.31 -7.87
N ILE A 23 -4.61 1.90 -7.86
CA ILE A 23 -3.66 2.32 -8.89
C ILE A 23 -2.96 1.13 -9.52
N LYS A 24 -2.11 1.41 -10.51
CA LYS A 24 -1.37 0.36 -11.20
C LYS A 24 0.07 0.29 -10.71
N ARG A 25 0.68 -0.88 -10.84
CA ARG A 25 2.06 -1.08 -10.41
C ARG A 25 2.96 0.04 -10.94
N ALA A 26 2.65 0.52 -12.14
CA ALA A 26 3.42 1.58 -12.76
C ALA A 26 3.32 2.87 -11.96
N ASP A 27 2.10 3.22 -11.56
CA ASP A 27 1.87 4.43 -10.78
C ASP A 27 2.48 4.32 -9.39
N ALA A 28 2.44 3.12 -8.83
CA ALA A 28 3.00 2.87 -7.50
C ALA A 28 4.52 2.85 -7.54
N GLU A 29 5.08 2.23 -8.59
CA GLU A 29 6.52 2.14 -8.74
C GLU A 29 7.15 3.53 -8.80
N LYS A 30 6.84 4.28 -9.84
CA LYS A 30 7.37 5.63 -10.02
C LYS A 30 7.39 6.37 -8.68
N GLN A 31 6.39 6.11 -7.85
CA GLN A 31 6.31 6.75 -6.54
C GLN A 31 7.36 6.21 -5.59
N LEU A 32 7.62 4.92 -5.68
CA LEU A 32 8.62 4.27 -4.82
C LEU A 32 10.03 4.60 -5.29
N LEU A 33 10.26 4.49 -6.59
CA LEU A 33 11.56 4.77 -7.18
C LEU A 33 11.96 6.23 -6.94
N TYR A 34 10.98 7.04 -6.54
CA TYR A 34 11.23 8.45 -6.29
C TYR A 34 12.56 8.66 -5.55
N SER A 35 13.12 9.85 -5.69
CA SER A 35 14.38 10.17 -5.04
C SER A 35 14.21 10.32 -3.53
N GLU A 36 13.40 11.30 -3.13
CA GLU A 36 13.14 11.54 -1.71
C GLU A 36 12.91 10.23 -0.96
N ASN A 37 12.31 9.26 -1.65
CA ASN A 37 12.04 7.96 -1.06
C ASN A 37 13.24 7.03 -1.19
N GLN A 38 13.46 6.21 -0.17
CA GLN A 38 14.58 5.28 -0.18
C GLN A 38 14.14 3.90 0.33
N THR A 39 15.07 2.96 0.36
CA THR A 39 14.79 1.61 0.82
C THR A 39 13.86 1.63 2.03
N GLY A 40 12.68 1.04 1.87
CA GLY A 40 11.71 1.01 2.96
C GLY A 40 10.36 1.55 2.55
N ALA A 41 10.37 2.56 1.69
CA ALA A 41 9.13 3.17 1.21
C ALA A 41 8.12 2.11 0.79
N PHE A 42 6.97 2.08 1.47
CA PHE A 42 5.92 1.12 1.15
C PHE A 42 4.63 1.83 0.79
N LEU A 43 3.74 1.11 0.12
CA LEU A 43 2.45 1.66 -0.30
C LEU A 43 1.50 0.57 -0.74
N ILE A 44 0.28 0.60 -0.22
CA ILE A 44 -0.73 -0.39 -0.57
C ILE A 44 -1.72 0.16 -1.58
N ARG A 45 -2.11 -0.68 -2.54
CA ARG A 45 -3.05 -0.27 -3.57
C ARG A 45 -4.01 -1.42 -3.91
N GLU A 46 -5.21 -1.05 -4.37
CA GLU A 46 -6.22 -2.05 -4.72
C GLU A 46 -5.85 -2.76 -6.02
N SER A 47 -6.10 -4.07 -6.07
CA SER A 47 -5.79 -4.86 -7.25
C SER A 47 -6.83 -4.64 -8.34
N GLU A 48 -6.62 -3.61 -9.15
CA GLU A 48 -7.53 -3.28 -10.24
C GLU A 48 -8.10 -4.56 -10.87
N SER A 49 -7.23 -5.53 -11.10
CA SER A 49 -7.63 -6.80 -11.70
C SER A 49 -8.78 -7.43 -10.91
N GLN A 50 -8.59 -7.54 -9.60
CA GLN A 50 -9.61 -8.13 -8.73
C GLN A 50 -10.05 -7.13 -7.66
N LYS A 51 -11.35 -6.86 -7.64
CA LYS A 51 -11.91 -5.92 -6.65
C LYS A 51 -11.90 -6.52 -5.26
N GLY A 52 -11.37 -5.78 -4.30
CA GLY A 52 -11.33 -6.26 -2.92
C GLY A 52 -9.92 -6.59 -2.48
N ASP A 53 -9.15 -7.21 -3.37
CA ASP A 53 -7.77 -7.58 -3.06
C ASP A 53 -6.91 -6.35 -2.84
N PHE A 54 -5.67 -6.56 -2.39
CA PHE A 54 -4.75 -5.46 -2.13
C PHE A 54 -3.31 -5.91 -2.32
N SER A 55 -2.47 -5.00 -2.80
CA SER A 55 -1.07 -5.29 -3.04
C SER A 55 -0.17 -4.32 -2.27
N LEU A 56 0.83 -4.87 -1.59
CA LEU A 56 1.76 -4.06 -0.81
C LEU A 56 3.06 -3.83 -1.58
N SER A 57 3.25 -2.61 -2.06
CA SER A 57 4.45 -2.26 -2.82
C SER A 57 5.50 -1.62 -1.91
N VAL A 58 6.67 -2.24 -1.84
CA VAL A 58 7.76 -1.73 -1.02
C VAL A 58 9.03 -1.54 -1.83
N LEU A 59 9.85 -0.59 -1.42
CA LEU A 59 11.11 -0.31 -2.12
C LEU A 59 12.29 -0.93 -1.37
N ASP A 60 13.16 -1.59 -2.12
CA ASP A 60 14.34 -2.22 -1.53
C ASP A 60 15.58 -1.93 -2.37
N GLU A 61 16.15 -0.74 -2.20
CA GLU A 61 17.34 -0.34 -2.94
C GLU A 61 16.99 -0.04 -4.39
N GLY A 62 15.83 0.55 -4.62
CA GLY A 62 15.40 0.87 -5.96
C GLY A 62 14.49 -0.19 -6.56
N VAL A 63 14.42 -1.34 -5.90
CA VAL A 63 13.58 -2.43 -6.37
C VAL A 63 12.19 -2.37 -5.73
N VAL A 64 11.17 -2.69 -6.52
CA VAL A 64 9.80 -2.69 -6.02
C VAL A 64 9.27 -4.10 -5.84
N LYS A 65 9.17 -4.52 -4.58
CA LYS A 65 8.67 -5.85 -4.25
C LYS A 65 7.16 -5.83 -4.01
N HIS A 66 6.41 -6.35 -4.98
CA HIS A 66 4.95 -6.40 -4.88
C HIS A 66 4.50 -7.62 -4.06
N TYR A 67 3.89 -7.36 -2.91
CA TYR A 67 3.41 -8.43 -2.05
C TYR A 67 1.89 -8.55 -2.12
N ARG A 68 1.41 -9.63 -2.73
CA ARG A 68 -0.02 -9.86 -2.86
C ARG A 68 -0.67 -10.07 -1.49
N ILE A 69 -1.57 -9.17 -1.13
CA ILE A 69 -2.26 -9.25 0.16
C ILE A 69 -3.57 -10.02 0.03
N ARG A 70 -3.72 -11.08 0.82
CA ARG A 70 -4.92 -11.89 0.79
C ARG A 70 -5.84 -11.54 1.95
N ARG A 71 -7.10 -11.98 1.87
CA ARG A 71 -8.08 -11.71 2.92
C ARG A 71 -8.74 -13.00 3.39
N LEU A 72 -9.14 -13.01 4.66
CA LEU A 72 -9.78 -14.19 5.24
C LEU A 72 -11.28 -14.14 5.04
N ASP A 73 -11.99 -15.10 5.62
CA ASP A 73 -13.44 -15.17 5.51
C ASP A 73 -14.10 -14.10 6.37
N GLU A 74 -13.52 -13.84 7.54
CA GLU A 74 -14.05 -12.84 8.45
C GLU A 74 -13.93 -11.44 7.86
N GLY A 75 -12.90 -11.24 7.04
CA GLY A 75 -12.70 -9.94 6.42
C GLY A 75 -11.40 -9.29 6.86
N GLY A 76 -10.41 -10.11 7.20
CA GLY A 76 -9.13 -9.60 7.64
C GLY A 76 -8.04 -9.76 6.59
N PHE A 77 -7.15 -8.79 6.51
CA PHE A 77 -6.06 -8.82 5.54
C PHE A 77 -4.82 -9.48 6.15
N PHE A 78 -4.09 -10.23 5.33
CA PHE A 78 -2.89 -10.92 5.77
C PHE A 78 -1.94 -11.17 4.61
N LEU A 79 -0.64 -10.99 4.86
CA LEU A 79 0.37 -11.19 3.83
C LEU A 79 0.96 -12.59 3.92
N THR A 80 0.81 -13.22 5.09
CA THR A 80 1.33 -14.56 5.30
C THR A 80 0.40 -15.38 6.19
N ARG A 81 0.23 -16.66 5.86
CA ARG A 81 -0.64 -17.53 6.62
C ARG A 81 -0.18 -17.63 8.08
N ARG A 82 1.00 -17.07 8.35
CA ARG A 82 1.56 -17.09 9.70
C ARG A 82 1.41 -15.72 10.37
N LYS A 83 0.50 -14.92 9.86
CA LYS A 83 0.25 -13.58 10.40
C LYS A 83 -0.90 -12.90 9.68
N VAL A 84 -2.01 -12.72 10.38
CA VAL A 84 -3.19 -12.07 9.81
C VAL A 84 -3.57 -10.84 10.61
N PHE A 85 -4.16 -9.86 9.92
CA PHE A 85 -4.58 -8.62 10.57
C PHE A 85 -6.06 -8.35 10.31
N SER A 86 -6.53 -7.19 10.78
CA SER A 86 -7.93 -6.82 10.60
C SER A 86 -8.09 -5.81 9.47
N THR A 87 -7.38 -4.69 9.58
CA THR A 87 -7.44 -3.64 8.57
C THR A 87 -6.04 -3.28 8.06
N LEU A 88 -5.99 -2.63 6.91
CA LEU A 88 -4.72 -2.22 6.31
C LEU A 88 -3.85 -1.48 7.33
N ASN A 89 -4.50 -0.89 8.33
CA ASN A 89 -3.79 -0.15 9.37
C ASN A 89 -2.89 -1.07 10.18
N GLU A 90 -3.52 -2.00 10.90
CA GLU A 90 -2.78 -2.95 11.73
C GLU A 90 -1.84 -3.80 10.87
N PHE A 91 -2.06 -3.78 9.57
CA PHE A 91 -1.25 -4.56 8.64
C PHE A 91 0.16 -3.96 8.54
N VAL A 92 0.24 -2.64 8.55
CA VAL A 92 1.52 -1.95 8.47
C VAL A 92 2.08 -1.65 9.86
N ASN A 93 1.19 -1.31 10.78
CA ASN A 93 1.59 -1.00 12.15
C ASN A 93 2.40 -2.14 12.75
N TYR A 94 2.16 -3.35 12.26
CA TYR A 94 2.87 -4.53 12.75
C TYR A 94 4.21 -4.71 12.03
N TYR A 95 4.14 -4.93 10.73
CA TYR A 95 5.34 -5.13 9.92
C TYR A 95 6.32 -3.95 10.12
N THR A 96 5.79 -2.82 10.58
CA THR A 96 6.60 -1.64 10.81
C THR A 96 7.62 -1.88 11.92
N THR A 97 7.46 -2.98 12.64
CA THR A 97 8.36 -3.33 13.74
C THR A 97 9.43 -4.30 13.28
N THR A 98 9.08 -5.15 12.31
CA THR A 98 10.02 -6.13 11.78
C THR A 98 9.56 -6.66 10.42
N SER A 99 10.49 -7.25 9.67
CA SER A 99 10.18 -7.78 8.36
C SER A 99 10.12 -9.31 8.39
N ASP A 100 9.45 -9.85 9.41
CA ASP A 100 9.32 -11.30 9.55
C ASP A 100 9.14 -11.96 8.19
N GLY A 101 10.25 -12.39 7.59
CA GLY A 101 10.20 -13.05 6.30
C GLY A 101 10.23 -12.06 5.15
N LEU A 102 9.61 -10.89 5.35
CA LEU A 102 9.57 -9.87 4.33
C LEU A 102 10.97 -9.42 3.95
N CYS A 103 11.25 -9.36 2.64
CA CYS A 103 12.56 -8.94 2.16
C CYS A 103 13.09 -7.76 2.97
N VAL A 104 12.22 -6.81 3.25
CA VAL A 104 12.60 -5.62 4.01
C VAL A 104 11.50 -5.21 4.97
N LYS A 105 11.86 -4.41 5.97
CA LYS A 105 10.88 -3.93 6.95
C LYS A 105 10.32 -2.58 6.54
N LEU A 106 9.01 -2.41 6.74
CA LEU A 106 8.35 -1.15 6.39
C LEU A 106 8.81 -0.01 7.30
N GLU A 107 9.47 0.98 6.71
CA GLU A 107 9.96 2.12 7.47
C GLU A 107 8.95 3.26 7.45
N LYS A 108 8.83 3.92 6.30
CA LYS A 108 7.90 5.03 6.14
C LYS A 108 7.08 4.87 4.86
N PRO A 109 5.86 5.44 4.87
CA PRO A 109 4.96 5.39 3.73
C PRO A 109 5.44 6.23 2.54
N CYS A 110 5.23 5.73 1.33
CA CYS A 110 5.64 6.44 0.13
C CYS A 110 5.10 7.86 0.12
N LEU A 111 5.98 8.83 -0.11
CA LEU A 111 5.59 10.23 -0.15
C LEU A 111 4.59 10.48 -1.27
N LYS A 112 3.84 11.58 -1.15
CA LYS A 112 2.84 11.94 -2.15
C LYS A 112 3.29 13.16 -2.94
N ILE A 113 3.60 12.97 -4.22
CA ILE A 113 4.03 14.06 -5.08
C ILE A 113 2.89 15.05 -5.32
N GLN A 114 3.25 16.33 -5.40
CA GLN A 114 2.26 17.38 -5.62
C GLN A 114 1.37 17.05 -6.82
N VAL A 115 0.20 16.49 -6.54
CA VAL A 115 -0.74 16.12 -7.60
C VAL A 115 -1.99 16.99 -7.55
N SER A 116 -2.39 17.37 -6.33
CA SER A 116 -3.58 18.21 -6.15
C SER A 116 -3.63 18.78 -4.74
N GLY A 117 -4.07 20.03 -4.63
CA GLY A 117 -4.15 20.67 -3.32
C GLY A 117 -5.43 20.30 -2.58
N PRO A 118 -5.36 20.29 -1.25
CA PRO A 118 -6.49 19.96 -0.40
C PRO A 118 -7.57 21.04 -0.42
N SER A 119 -8.60 20.83 -1.23
CA SER A 119 -9.70 21.79 -1.35
C SER A 119 -10.67 21.64 -0.20
N SER A 120 -10.67 22.63 0.70
CA SER A 120 -11.55 22.61 1.86
C SER A 120 -11.77 24.01 2.40
N GLY A 121 -12.86 24.20 3.15
CA GLY A 121 -13.16 25.49 3.71
C GLY A 121 -14.55 25.98 3.32
N GLY A 1 -16.96 12.89 -15.22
CA GLY A 1 -17.75 11.76 -14.76
C GLY A 1 -17.53 11.44 -13.29
N SER A 2 -17.61 10.16 -12.95
CA SER A 2 -17.42 9.73 -11.57
C SER A 2 -16.76 8.35 -11.52
N SER A 3 -15.67 8.25 -10.76
CA SER A 3 -14.94 7.00 -10.62
C SER A 3 -15.87 5.89 -10.17
N GLY A 4 -16.71 6.19 -9.19
CA GLY A 4 -17.64 5.19 -8.68
C GLY A 4 -17.38 4.85 -7.22
N SER A 5 -18.44 4.47 -6.51
CA SER A 5 -18.32 4.11 -5.10
C SER A 5 -18.87 2.72 -4.84
N SER A 6 -20.16 2.54 -5.11
CA SER A 6 -20.80 1.25 -4.90
C SER A 6 -20.82 0.88 -3.43
N GLY A 7 -21.11 1.85 -2.57
CA GLY A 7 -21.14 1.61 -1.14
C GLY A 7 -19.82 1.09 -0.61
N ALA A 8 -19.09 1.94 0.09
CA ALA A 8 -17.80 1.56 0.66
C ALA A 8 -17.83 1.62 2.19
N GLU A 9 -16.98 0.83 2.82
CA GLU A 9 -16.91 0.78 4.27
C GLU A 9 -15.86 1.76 4.80
N ASP A 10 -14.61 1.56 4.37
CA ASP A 10 -13.51 2.42 4.79
C ASP A 10 -13.61 3.79 4.12
N ARG A 11 -13.58 4.85 4.94
CA ARG A 11 -13.66 6.21 4.42
C ARG A 11 -12.45 7.02 4.86
N SER A 12 -12.14 6.99 6.16
CA SER A 12 -11.01 7.73 6.69
C SER A 12 -9.69 7.15 6.20
N LEU A 13 -9.72 5.87 5.84
CA LEU A 13 -8.52 5.20 5.34
C LEU A 13 -7.84 6.02 4.25
N GLN A 14 -8.62 6.86 3.59
CA GLN A 14 -8.09 7.71 2.52
C GLN A 14 -6.98 8.61 3.04
N ALA A 15 -7.11 9.05 4.28
CA ALA A 15 -6.11 9.91 4.89
C ALA A 15 -4.75 9.22 4.96
N GLU A 16 -4.77 7.90 5.05
CA GLU A 16 -3.54 7.11 5.12
C GLU A 16 -2.61 7.46 3.97
N PRO A 17 -1.33 7.73 4.30
CA PRO A 17 -0.32 8.08 3.30
C PRO A 17 0.06 6.91 2.42
N TRP A 18 0.31 5.76 3.04
CA TRP A 18 0.68 4.56 2.31
C TRP A 18 -0.47 4.07 1.43
N PHE A 19 -1.64 4.66 1.64
CA PHE A 19 -2.82 4.30 0.86
C PHE A 19 -2.96 5.19 -0.38
N PHE A 20 -3.03 4.55 -1.54
CA PHE A 20 -3.16 5.28 -2.80
C PHE A 20 -4.42 4.84 -3.55
N GLY A 21 -5.40 4.35 -2.81
CA GLY A 21 -6.64 3.91 -3.42
C GLY A 21 -6.43 2.77 -4.40
N ALA A 22 -6.81 2.99 -5.65
CA ALA A 22 -6.65 1.98 -6.69
C ALA A 22 -5.73 2.46 -7.80
N ILE A 23 -4.51 1.94 -7.81
CA ILE A 23 -3.53 2.32 -8.82
C ILE A 23 -2.85 1.08 -9.42
N LYS A 24 -2.05 1.30 -10.45
CA LYS A 24 -1.34 0.21 -11.12
C LYS A 24 0.11 0.14 -10.67
N ARG A 25 0.72 -1.03 -10.78
CA ARG A 25 2.10 -1.22 -10.38
C ARG A 25 2.99 -0.13 -10.97
N ALA A 26 2.63 0.34 -12.16
CA ALA A 26 3.39 1.38 -12.83
C ALA A 26 3.32 2.70 -12.06
N ASP A 27 2.13 3.04 -11.58
CA ASP A 27 1.93 4.26 -10.82
C ASP A 27 2.57 4.17 -9.44
N ALA A 28 2.44 3.00 -8.82
CA ALA A 28 3.02 2.77 -7.50
C ALA A 28 4.54 2.79 -7.54
N GLU A 29 5.11 2.21 -8.59
CA GLU A 29 6.56 2.16 -8.76
C GLU A 29 7.14 3.57 -8.83
N LYS A 30 6.80 4.29 -9.89
CA LYS A 30 7.28 5.65 -10.08
C LYS A 30 7.26 6.42 -8.77
N GLN A 31 6.35 6.04 -7.88
CA GLN A 31 6.21 6.71 -6.59
C GLN A 31 7.24 6.17 -5.60
N LEU A 32 7.52 4.88 -5.69
CA LEU A 32 8.48 4.24 -4.80
C LEU A 32 9.91 4.56 -5.22
N LEU A 33 10.18 4.42 -6.52
CA LEU A 33 11.52 4.70 -7.05
C LEU A 33 11.92 6.15 -6.79
N TYR A 34 10.92 6.99 -6.52
CA TYR A 34 11.17 8.41 -6.26
C TYR A 34 12.48 8.59 -5.50
N SER A 35 13.17 9.69 -5.79
CA SER A 35 14.44 9.98 -5.14
C SER A 35 14.26 10.11 -3.63
N GLU A 36 13.56 11.15 -3.20
CA GLU A 36 13.31 11.39 -1.78
C GLU A 36 13.11 10.07 -1.04
N ASN A 37 12.34 9.17 -1.66
CA ASN A 37 12.07 7.87 -1.06
C ASN A 37 13.33 7.00 -1.02
N GLN A 38 13.38 6.09 -0.05
CA GLN A 38 14.53 5.21 0.10
C GLN A 38 14.10 3.81 0.52
N THR A 39 15.06 2.91 0.63
CA THR A 39 14.77 1.53 1.01
C THR A 39 13.81 1.47 2.19
N GLY A 40 12.58 1.06 1.94
CA GLY A 40 11.59 0.97 2.99
C GLY A 40 10.24 1.53 2.57
N ALA A 41 10.27 2.50 1.67
CA ALA A 41 9.04 3.12 1.19
C ALA A 41 8.00 2.08 0.79
N PHE A 42 6.88 2.07 1.49
CA PHE A 42 5.81 1.12 1.22
C PHE A 42 4.52 1.83 0.86
N LEU A 43 3.64 1.15 0.13
CA LEU A 43 2.36 1.72 -0.28
C LEU A 43 1.40 0.63 -0.75
N ILE A 44 0.20 0.62 -0.18
CA ILE A 44 -0.80 -0.37 -0.55
C ILE A 44 -1.82 0.21 -1.52
N ARG A 45 -2.27 -0.60 -2.46
CA ARG A 45 -3.25 -0.17 -3.45
C ARG A 45 -4.30 -1.24 -3.69
N GLU A 46 -5.39 -0.86 -4.35
CA GLU A 46 -6.48 -1.79 -4.64
C GLU A 46 -6.20 -2.58 -5.90
N SER A 47 -6.46 -3.88 -5.85
CA SER A 47 -6.23 -4.76 -7.00
C SER A 47 -7.17 -4.41 -8.15
N GLU A 48 -6.76 -3.46 -8.98
CA GLU A 48 -7.57 -3.03 -10.11
C GLU A 48 -8.21 -4.23 -10.81
N SER A 49 -7.37 -5.18 -11.23
CA SER A 49 -7.84 -6.37 -11.91
C SER A 49 -9.02 -7.00 -11.16
N GLN A 50 -8.86 -7.11 -9.84
CA GLN A 50 -9.90 -7.70 -9.01
C GLN A 50 -10.18 -6.83 -7.79
N LYS A 51 -11.34 -6.18 -7.78
CA LYS A 51 -11.72 -5.32 -6.66
C LYS A 51 -11.80 -6.11 -5.36
N GLY A 52 -11.57 -5.42 -4.25
CA GLY A 52 -11.62 -6.07 -2.95
C GLY A 52 -10.25 -6.41 -2.42
N ASP A 53 -9.39 -6.96 -3.28
CA ASP A 53 -8.04 -7.33 -2.89
C ASP A 53 -7.14 -6.11 -2.82
N PHE A 54 -5.91 -6.31 -2.35
CA PHE A 54 -4.94 -5.23 -2.24
C PHE A 54 -3.53 -5.72 -2.53
N SER A 55 -2.62 -4.78 -2.78
CA SER A 55 -1.24 -5.11 -3.07
C SER A 55 -0.28 -4.18 -2.34
N LEU A 56 0.70 -4.76 -1.66
CA LEU A 56 1.68 -3.99 -0.91
C LEU A 56 2.97 -3.83 -1.71
N SER A 57 3.31 -2.58 -2.03
CA SER A 57 4.52 -2.29 -2.79
C SER A 57 5.56 -1.59 -1.92
N VAL A 58 6.70 -2.26 -1.73
CA VAL A 58 7.78 -1.72 -0.92
C VAL A 58 9.05 -1.52 -1.74
N LEU A 59 9.86 -0.56 -1.35
CA LEU A 59 11.11 -0.26 -2.04
C LEU A 59 12.29 -0.96 -1.37
N ASP A 60 13.10 -1.65 -2.17
CA ASP A 60 14.27 -2.36 -1.65
C ASP A 60 15.50 -2.06 -2.49
N GLU A 61 16.14 -0.92 -2.22
CA GLU A 61 17.34 -0.53 -2.95
C GLU A 61 16.98 -0.14 -4.39
N GLY A 62 15.96 0.70 -4.54
CA GLY A 62 15.54 1.14 -5.85
C GLY A 62 14.61 0.15 -6.52
N VAL A 63 14.48 -1.03 -5.94
CA VAL A 63 13.61 -2.07 -6.48
C VAL A 63 12.20 -1.97 -5.89
N VAL A 64 11.27 -2.67 -6.52
CA VAL A 64 9.88 -2.66 -6.07
C VAL A 64 9.37 -4.07 -5.80
N LYS A 65 9.29 -4.43 -4.53
CA LYS A 65 8.81 -5.75 -4.14
C LYS A 65 7.29 -5.78 -4.01
N HIS A 66 6.63 -6.39 -4.99
CA HIS A 66 5.17 -6.49 -4.98
C HIS A 66 4.71 -7.67 -4.15
N TYR A 67 4.04 -7.39 -3.03
CA TYR A 67 3.55 -8.43 -2.15
C TYR A 67 2.03 -8.57 -2.27
N ARG A 68 1.58 -9.78 -2.61
CA ARG A 68 0.16 -10.05 -2.76
C ARG A 68 -0.53 -10.09 -1.39
N ILE A 69 -1.63 -9.34 -1.26
CA ILE A 69 -2.37 -9.30 -0.02
C ILE A 69 -3.71 -10.02 -0.15
N ARG A 70 -3.81 -11.20 0.44
CA ARG A 70 -5.03 -11.99 0.39
C ARG A 70 -5.90 -11.71 1.60
N ARG A 71 -7.20 -11.95 1.46
CA ARG A 71 -8.15 -11.73 2.55
C ARG A 71 -8.81 -13.03 2.97
N LEU A 72 -9.20 -13.12 4.24
CA LEU A 72 -9.84 -14.31 4.77
C LEU A 72 -11.36 -14.15 4.78
N ASP A 73 -12.05 -15.14 5.34
CA ASP A 73 -13.50 -15.11 5.42
C ASP A 73 -13.96 -14.80 6.84
N GLU A 74 -13.02 -14.79 7.78
CA GLU A 74 -13.32 -14.52 9.17
C GLU A 74 -12.55 -13.30 9.67
N GLY A 75 -11.28 -13.21 9.29
CA GLY A 75 -10.45 -12.10 9.70
C GLY A 75 -10.58 -10.91 8.78
N GLY A 76 -9.48 -10.57 8.10
CA GLY A 76 -9.49 -9.44 7.18
C GLY A 76 -8.44 -9.56 6.10
N PHE A 77 -7.28 -8.94 6.32
CA PHE A 77 -6.20 -8.98 5.35
C PHE A 77 -4.97 -9.68 5.94
N PHE A 78 -4.23 -10.37 5.08
CA PHE A 78 -3.04 -11.09 5.51
C PHE A 78 -2.07 -11.27 4.35
N LEU A 79 -0.79 -10.99 4.60
CA LEU A 79 0.24 -11.13 3.57
C LEU A 79 0.93 -12.49 3.68
N THR A 80 0.81 -13.13 4.83
CA THR A 80 1.43 -14.44 5.06
C THR A 80 0.54 -15.31 5.93
N ARG A 81 0.39 -16.57 5.52
CA ARG A 81 -0.43 -17.52 6.28
C ARG A 81 -0.01 -17.57 7.74
N ARG A 82 1.24 -17.20 8.00
CA ARG A 82 1.77 -17.21 9.35
C ARG A 82 1.46 -15.91 10.07
N LYS A 83 0.55 -15.13 9.50
CA LYS A 83 0.16 -13.84 10.08
C LYS A 83 -1.18 -13.37 9.51
N VAL A 84 -1.86 -12.51 10.26
CA VAL A 84 -3.15 -11.98 9.82
C VAL A 84 -3.51 -10.71 10.58
N PHE A 85 -4.16 -9.78 9.89
CA PHE A 85 -4.57 -8.52 10.50
C PHE A 85 -6.06 -8.26 10.30
N SER A 86 -6.54 -7.17 10.87
CA SER A 86 -7.96 -6.81 10.75
C SER A 86 -8.15 -5.76 9.66
N THR A 87 -7.32 -4.73 9.67
CA THR A 87 -7.40 -3.66 8.69
C THR A 87 -6.02 -3.22 8.23
N LEU A 88 -5.94 -2.69 7.02
CA LEU A 88 -4.67 -2.23 6.47
C LEU A 88 -3.84 -1.51 7.54
N ASN A 89 -4.52 -0.97 8.53
CA ASN A 89 -3.85 -0.26 9.62
C ASN A 89 -2.90 -1.18 10.37
N GLU A 90 -3.46 -2.13 11.10
CA GLU A 90 -2.66 -3.08 11.86
C GLU A 90 -1.70 -3.84 10.95
N PHE A 91 -2.04 -3.90 9.67
CA PHE A 91 -1.21 -4.60 8.69
C PHE A 91 0.17 -3.94 8.58
N VAL A 92 0.18 -2.61 8.59
CA VAL A 92 1.42 -1.86 8.48
C VAL A 92 1.99 -1.54 9.85
N ASN A 93 1.11 -1.30 10.82
CA ASN A 93 1.53 -0.99 12.18
C ASN A 93 2.26 -2.16 12.81
N TYR A 94 2.15 -3.33 12.19
CA TYR A 94 2.81 -4.53 12.68
C TYR A 94 4.20 -4.68 12.08
N TYR A 95 4.26 -4.97 10.80
CA TYR A 95 5.53 -5.14 10.10
C TYR A 95 6.49 -4.00 10.45
N THR A 96 5.95 -2.79 10.51
CA THR A 96 6.76 -1.61 10.82
C THR A 96 7.78 -1.92 11.92
N THR A 97 7.45 -2.89 12.76
CA THR A 97 8.34 -3.28 13.86
C THR A 97 9.41 -4.26 13.37
N THR A 98 9.00 -5.19 12.51
CA THR A 98 9.92 -6.19 11.98
C THR A 98 9.44 -6.70 10.62
N SER A 99 10.37 -7.26 9.85
CA SER A 99 10.05 -7.79 8.53
C SER A 99 9.90 -9.32 8.58
N ASP A 100 9.38 -9.82 9.69
CA ASP A 100 9.20 -11.26 9.86
C ASP A 100 8.82 -11.92 8.53
N GLY A 101 9.84 -12.42 7.82
CA GLY A 101 9.59 -13.06 6.54
C GLY A 101 9.79 -12.12 5.37
N LEU A 102 9.25 -10.92 5.48
CA LEU A 102 9.37 -9.92 4.43
C LEU A 102 10.83 -9.60 4.14
N CYS A 103 11.14 -9.35 2.87
CA CYS A 103 12.51 -9.02 2.47
C CYS A 103 13.04 -7.82 3.25
N VAL A 104 12.16 -6.85 3.50
CA VAL A 104 12.54 -5.65 4.23
C VAL A 104 11.40 -5.18 5.14
N LYS A 105 11.76 -4.41 6.16
CA LYS A 105 10.78 -3.90 7.11
C LYS A 105 10.24 -2.55 6.66
N LEU A 106 8.95 -2.33 6.88
CA LEU A 106 8.31 -1.08 6.50
C LEU A 106 8.79 0.08 7.39
N GLU A 107 9.56 0.99 6.81
CA GLU A 107 10.08 2.13 7.54
C GLU A 107 9.11 3.30 7.48
N LYS A 108 8.91 3.83 6.27
CA LYS A 108 8.01 4.96 6.07
C LYS A 108 7.16 4.75 4.82
N PRO A 109 5.96 5.35 4.81
CA PRO A 109 5.03 5.25 3.69
C PRO A 109 5.53 6.01 2.45
N CYS A 110 5.11 5.55 1.27
CA CYS A 110 5.51 6.19 0.02
C CYS A 110 5.02 7.63 -0.04
N LEU A 111 5.94 8.55 -0.31
CA LEU A 111 5.59 9.96 -0.39
C LEU A 111 4.59 10.22 -1.52
N LYS A 112 3.99 11.41 -1.52
CA LYS A 112 3.02 11.77 -2.55
C LYS A 112 3.44 13.03 -3.28
N ILE A 113 3.22 13.06 -4.59
CA ILE A 113 3.58 14.21 -5.40
C ILE A 113 2.49 15.28 -5.35
N GLN A 114 2.92 16.54 -5.27
CA GLN A 114 1.98 17.66 -5.21
C GLN A 114 1.60 18.11 -6.62
N VAL A 115 0.38 17.80 -7.02
CA VAL A 115 -0.12 18.17 -8.34
C VAL A 115 -1.33 19.10 -8.23
N SER A 116 -2.28 18.73 -7.38
CA SER A 116 -3.48 19.53 -7.19
C SER A 116 -3.31 20.50 -6.02
N GLY A 117 -2.79 19.99 -4.92
CA GLY A 117 -2.57 20.82 -3.74
C GLY A 117 -2.19 20.02 -2.52
N PRO A 118 -2.58 20.53 -1.34
CA PRO A 118 -2.28 19.86 -0.06
C PRO A 118 -3.06 18.56 0.12
N SER A 119 -2.34 17.48 0.44
CA SER A 119 -2.97 16.19 0.62
C SER A 119 -3.54 16.06 2.04
N SER A 120 -2.74 16.45 3.02
CA SER A 120 -3.15 16.38 4.42
C SER A 120 -3.85 17.67 4.85
N GLY A 121 -3.17 18.79 4.65
CA GLY A 121 -3.73 20.08 5.01
C GLY A 121 -3.49 20.43 6.47
N GLY A 1 -22.31 16.22 1.16
CA GLY A 1 -21.92 17.25 2.11
C GLY A 1 -20.50 17.73 1.88
N SER A 2 -20.32 19.04 1.86
CA SER A 2 -19.00 19.63 1.64
C SER A 2 -18.58 20.48 2.84
N SER A 3 -18.85 19.97 4.03
CA SER A 3 -18.49 20.68 5.27
C SER A 3 -18.48 19.73 6.45
N GLY A 4 -17.35 19.68 7.16
CA GLY A 4 -17.21 18.82 8.31
C GLY A 4 -16.89 17.39 7.93
N SER A 5 -16.08 16.73 8.75
CA SER A 5 -15.69 15.35 8.49
C SER A 5 -15.90 14.47 9.71
N SER A 6 -15.94 13.16 9.51
CA SER A 6 -16.15 12.22 10.59
C SER A 6 -15.83 10.80 10.15
N GLY A 7 -14.82 10.19 10.79
CA GLY A 7 -14.43 8.85 10.44
C GLY A 7 -15.61 7.92 10.28
N ALA A 8 -15.98 7.63 9.03
CA ALA A 8 -17.09 6.75 8.75
C ALA A 8 -17.07 6.26 7.30
N GLU A 9 -17.98 5.37 6.96
CA GLU A 9 -18.06 4.82 5.61
C GLU A 9 -16.68 4.36 5.13
N ASP A 10 -15.95 3.68 6.01
CA ASP A 10 -14.62 3.18 5.68
C ASP A 10 -13.91 4.12 4.72
N ARG A 11 -14.10 5.43 4.92
CA ARG A 11 -13.48 6.43 4.08
C ARG A 11 -12.34 7.15 4.83
N SER A 12 -11.74 6.44 5.78
CA SER A 12 -10.65 7.00 6.56
C SER A 12 -9.30 6.65 5.95
N LEU A 13 -9.26 5.54 5.23
CA LEU A 13 -8.03 5.09 4.58
C LEU A 13 -7.55 6.10 3.55
N GLN A 14 -8.50 6.78 2.91
CA GLN A 14 -8.18 7.78 1.90
C GLN A 14 -7.17 8.79 2.44
N ALA A 15 -7.06 8.86 3.76
CA ALA A 15 -6.13 9.78 4.40
C ALA A 15 -4.74 9.17 4.53
N GLU A 16 -4.70 7.84 4.68
CA GLU A 16 -3.43 7.14 4.82
C GLU A 16 -2.51 7.44 3.65
N PRO A 17 -1.24 7.75 3.96
CA PRO A 17 -0.23 8.07 2.95
C PRO A 17 0.17 6.84 2.12
N TRP A 18 0.33 5.70 2.80
CA TRP A 18 0.70 4.47 2.14
C TRP A 18 -0.43 3.95 1.25
N PHE A 19 -1.64 4.44 1.52
CA PHE A 19 -2.81 4.02 0.74
C PHE A 19 -2.97 4.89 -0.50
N PHE A 20 -2.92 4.25 -1.67
CA PHE A 20 -3.06 4.96 -2.93
C PHE A 20 -4.24 4.43 -3.73
N GLY A 21 -5.32 4.09 -3.03
CA GLY A 21 -6.50 3.56 -3.69
C GLY A 21 -6.16 2.52 -4.74
N ALA A 22 -6.82 2.63 -5.89
CA ALA A 22 -6.58 1.69 -6.99
C ALA A 22 -5.66 2.29 -8.03
N ILE A 23 -4.41 1.84 -8.04
CA ILE A 23 -3.42 2.34 -8.99
C ILE A 23 -2.69 1.19 -9.67
N LYS A 24 -1.98 1.50 -10.76
CA LYS A 24 -1.23 0.49 -11.50
C LYS A 24 0.22 0.42 -10.99
N ARG A 25 0.89 -0.68 -11.31
CA ARG A 25 2.28 -0.87 -10.90
C ARG A 25 3.14 0.31 -11.33
N ALA A 26 2.75 0.94 -12.43
CA ALA A 26 3.50 2.09 -12.95
C ALA A 26 3.42 3.27 -11.99
N ASP A 27 2.22 3.55 -11.49
CA ASP A 27 2.01 4.65 -10.56
C ASP A 27 2.64 4.35 -9.21
N ALA A 28 2.55 3.10 -8.79
CA ALA A 28 3.11 2.68 -7.50
C ALA A 28 4.64 2.63 -7.57
N GLU A 29 5.17 2.05 -8.64
CA GLU A 29 6.61 1.94 -8.82
C GLU A 29 7.26 3.33 -8.87
N LYS A 30 6.79 4.15 -9.80
CA LYS A 30 7.33 5.50 -9.95
C LYS A 30 7.31 6.25 -8.62
N GLN A 31 6.26 6.03 -7.83
CA GLN A 31 6.13 6.68 -6.54
C GLN A 31 7.17 6.16 -5.56
N LEU A 32 7.49 4.88 -5.67
CA LEU A 32 8.49 4.26 -4.80
C LEU A 32 9.90 4.65 -5.19
N LEU A 33 10.23 4.42 -6.47
CA LEU A 33 11.56 4.75 -6.98
C LEU A 33 11.89 6.22 -6.72
N TYR A 34 10.87 7.01 -6.46
CA TYR A 34 11.05 8.43 -6.19
C TYR A 34 12.33 8.68 -5.40
N SER A 35 12.97 9.81 -5.65
CA SER A 35 14.22 10.17 -4.97
C SER A 35 13.98 10.29 -3.47
N GLU A 36 13.20 11.29 -3.08
CA GLU A 36 12.91 11.52 -1.67
C GLU A 36 12.69 10.21 -0.93
N ASN A 37 12.23 9.19 -1.66
CA ASN A 37 11.98 7.88 -1.09
C ASN A 37 13.23 7.01 -1.14
N GLN A 38 13.30 6.03 -0.24
CA GLN A 38 14.45 5.13 -0.20
C GLN A 38 14.05 3.76 0.36
N THR A 39 15.00 2.83 0.38
CA THR A 39 14.74 1.49 0.89
C THR A 39 13.78 1.52 2.08
N GLY A 40 12.61 0.92 1.89
CA GLY A 40 11.62 0.89 2.96
C GLY A 40 10.29 1.45 2.53
N ALA A 41 10.32 2.44 1.64
CA ALA A 41 9.10 3.06 1.14
C ALA A 41 8.07 2.01 0.73
N PHE A 42 6.98 1.94 1.48
CA PHE A 42 5.92 0.97 1.18
C PHE A 42 4.61 1.68 0.84
N LEU A 43 3.71 0.95 0.20
CA LEU A 43 2.42 1.50 -0.19
C LEU A 43 1.48 0.42 -0.70
N ILE A 44 0.26 0.38 -0.15
CA ILE A 44 -0.72 -0.62 -0.54
C ILE A 44 -1.72 -0.04 -1.53
N ARG A 45 -2.08 -0.83 -2.54
CA ARG A 45 -3.03 -0.39 -3.55
C ARG A 45 -4.01 -1.51 -3.89
N GLU A 46 -5.16 -1.12 -4.45
CA GLU A 46 -6.18 -2.09 -4.82
C GLU A 46 -5.77 -2.88 -6.06
N SER A 47 -5.93 -4.19 -6.00
CA SER A 47 -5.57 -5.06 -7.12
C SER A 47 -6.38 -4.71 -8.36
N GLU A 48 -5.71 -4.03 -9.30
CA GLU A 48 -6.37 -3.63 -10.54
C GLU A 48 -7.30 -4.72 -11.05
N SER A 49 -8.28 -4.33 -11.86
CA SER A 49 -9.24 -5.27 -12.42
C SER A 49 -9.75 -6.21 -11.33
N GLN A 50 -9.93 -5.69 -10.12
CA GLN A 50 -10.41 -6.49 -9.00
C GLN A 50 -10.73 -5.60 -7.80
N LYS A 51 -11.90 -5.80 -7.22
CA LYS A 51 -12.33 -5.01 -6.06
C LYS A 51 -12.33 -5.87 -4.80
N GLY A 52 -11.61 -5.41 -3.79
CA GLY A 52 -11.56 -6.14 -2.53
C GLY A 52 -10.13 -6.52 -2.15
N ASP A 53 -9.36 -6.99 -3.13
CA ASP A 53 -7.98 -7.38 -2.89
C ASP A 53 -7.07 -6.16 -2.84
N PHE A 54 -5.82 -6.38 -2.45
CA PHE A 54 -4.85 -5.29 -2.35
C PHE A 54 -3.45 -5.78 -2.71
N SER A 55 -2.51 -4.84 -2.81
CA SER A 55 -1.13 -5.17 -3.15
C SER A 55 -0.15 -4.26 -2.41
N LEU A 56 0.79 -4.87 -1.69
CA LEU A 56 1.77 -4.12 -0.94
C LEU A 56 3.05 -3.92 -1.76
N SER A 57 3.37 -2.66 -2.06
CA SER A 57 4.56 -2.35 -2.84
C SER A 57 5.62 -1.67 -1.97
N VAL A 58 6.74 -2.37 -1.79
CA VAL A 58 7.83 -1.85 -0.98
C VAL A 58 9.09 -1.63 -1.81
N LEU A 59 9.94 -0.71 -1.37
CA LEU A 59 11.17 -0.40 -2.08
C LEU A 59 12.36 -1.10 -1.43
N ASP A 60 13.18 -1.75 -2.25
CA ASP A 60 14.36 -2.45 -1.75
C ASP A 60 15.58 -2.14 -2.61
N GLU A 61 16.25 -1.04 -2.31
CA GLU A 61 17.43 -0.63 -3.06
C GLU A 61 17.06 -0.24 -4.49
N GLY A 62 15.96 0.49 -4.63
CA GLY A 62 15.51 0.92 -5.94
C GLY A 62 14.55 -0.06 -6.57
N VAL A 63 14.49 -1.27 -6.02
CA VAL A 63 13.61 -2.30 -6.55
C VAL A 63 12.23 -2.23 -5.91
N VAL A 64 11.23 -2.81 -6.57
CA VAL A 64 9.86 -2.81 -6.06
C VAL A 64 9.35 -4.24 -5.88
N LYS A 65 9.23 -4.66 -4.63
CA LYS A 65 8.74 -6.00 -4.31
C LYS A 65 7.23 -6.00 -4.15
N HIS A 66 6.53 -6.57 -5.13
CA HIS A 66 5.07 -6.64 -5.10
C HIS A 66 4.61 -7.83 -4.26
N TYR A 67 3.96 -7.55 -3.13
CA TYR A 67 3.47 -8.60 -2.26
C TYR A 67 1.94 -8.65 -2.27
N ARG A 68 1.40 -9.75 -2.78
CA ARG A 68 -0.05 -9.93 -2.84
C ARG A 68 -0.66 -9.99 -1.45
N ILE A 69 -1.73 -9.22 -1.25
CA ILE A 69 -2.41 -9.19 0.04
C ILE A 69 -3.72 -9.97 0.00
N ARG A 70 -3.67 -11.22 0.44
CA ARG A 70 -4.86 -12.07 0.44
C ARG A 70 -5.74 -11.75 1.64
N ARG A 71 -7.04 -12.05 1.51
CA ARG A 71 -7.99 -11.79 2.58
C ARG A 71 -8.68 -13.08 3.01
N LEU A 72 -8.92 -13.20 4.31
CA LEU A 72 -9.58 -14.38 4.86
C LEU A 72 -11.09 -14.20 4.92
N ASP A 73 -11.78 -15.18 5.48
CA ASP A 73 -13.24 -15.12 5.59
C ASP A 73 -13.65 -14.89 7.05
N GLU A 74 -12.71 -15.08 7.97
CA GLU A 74 -12.98 -14.90 9.39
C GLU A 74 -12.27 -13.67 9.92
N GLY A 75 -11.08 -13.39 9.38
CA GLY A 75 -10.32 -12.24 9.82
C GLY A 75 -10.44 -11.06 8.87
N GLY A 76 -9.31 -10.66 8.29
CA GLY A 76 -9.31 -9.55 7.36
C GLY A 76 -8.28 -9.71 6.26
N PHE A 77 -7.13 -9.06 6.43
CA PHE A 77 -6.07 -9.14 5.43
C PHE A 77 -4.83 -9.83 6.02
N PHE A 78 -4.05 -10.45 5.15
CA PHE A 78 -2.85 -11.16 5.57
C PHE A 78 -1.88 -11.33 4.40
N LEU A 79 -0.62 -11.01 4.64
CA LEU A 79 0.41 -11.13 3.61
C LEU A 79 1.06 -12.51 3.64
N THR A 80 1.08 -13.13 4.82
CA THR A 80 1.66 -14.45 4.99
C THR A 80 0.89 -15.27 6.01
N ARG A 81 0.95 -16.59 5.86
CA ARG A 81 0.24 -17.49 6.77
C ARG A 81 0.81 -17.38 8.18
N ARG A 82 1.92 -16.65 8.32
CA ARG A 82 2.56 -16.48 9.62
C ARG A 82 2.16 -15.15 10.24
N LYS A 83 1.27 -14.42 9.57
CA LYS A 83 0.81 -13.12 10.05
C LYS A 83 -0.57 -12.79 9.48
N VAL A 84 -1.42 -12.20 10.31
CA VAL A 84 -2.76 -11.83 9.89
C VAL A 84 -3.25 -10.59 10.64
N PHE A 85 -3.98 -9.74 9.95
CA PHE A 85 -4.51 -8.52 10.54
C PHE A 85 -5.98 -8.32 10.17
N SER A 86 -6.62 -7.35 10.82
CA SER A 86 -8.02 -7.06 10.56
C SER A 86 -8.17 -5.88 9.60
N THR A 87 -7.35 -4.86 9.80
CA THR A 87 -7.39 -3.67 8.97
C THR A 87 -6.01 -3.32 8.43
N LEU A 88 -5.96 -2.57 7.34
CA LEU A 88 -4.70 -2.18 6.73
C LEU A 88 -3.80 -1.47 7.75
N ASN A 89 -4.42 -0.75 8.68
CA ASN A 89 -3.69 -0.02 9.71
C ASN A 89 -2.85 -0.98 10.55
N GLU A 90 -3.51 -2.00 11.12
CA GLU A 90 -2.83 -2.98 11.94
C GLU A 90 -1.89 -3.84 11.11
N PHE A 91 -2.04 -3.78 9.79
CA PHE A 91 -1.21 -4.54 8.88
C PHE A 91 0.17 -3.91 8.73
N VAL A 92 0.20 -2.58 8.71
CA VAL A 92 1.45 -1.85 8.57
C VAL A 92 2.04 -1.50 9.94
N ASN A 93 1.16 -1.21 10.89
CA ASN A 93 1.58 -0.85 12.24
C ASN A 93 2.40 -1.98 12.86
N TYR A 94 2.21 -3.18 12.35
CA TYR A 94 2.92 -4.35 12.86
C TYR A 94 4.26 -4.53 12.14
N TYR A 95 4.19 -4.76 10.83
CA TYR A 95 5.38 -4.96 10.03
C TYR A 95 6.35 -3.79 10.19
N THR A 96 5.84 -2.68 10.74
CA THR A 96 6.66 -1.50 10.95
C THR A 96 7.69 -1.73 12.05
N THR A 97 7.53 -2.81 12.79
CA THR A 97 8.44 -3.15 13.87
C THR A 97 9.48 -4.17 13.43
N THR A 98 9.08 -5.04 12.50
CA THR A 98 9.98 -6.07 11.99
C THR A 98 9.50 -6.58 10.63
N SER A 99 10.44 -7.05 9.82
CA SER A 99 10.11 -7.57 8.50
C SER A 99 9.87 -9.08 8.56
N ASP A 100 9.12 -9.50 9.56
CA ASP A 100 8.81 -10.92 9.73
C ASP A 100 8.64 -11.60 8.37
N GLY A 101 9.72 -12.22 7.89
CA GLY A 101 9.68 -12.90 6.61
C GLY A 101 9.91 -11.96 5.44
N LEU A 102 9.14 -10.87 5.39
CA LEU A 102 9.27 -9.89 4.32
C LEU A 102 10.73 -9.63 3.99
N CYS A 103 11.00 -9.30 2.74
CA CYS A 103 12.36 -9.02 2.29
C CYS A 103 12.95 -7.84 3.06
N VAL A 104 12.09 -6.92 3.46
CA VAL A 104 12.51 -5.73 4.20
C VAL A 104 11.40 -5.21 5.11
N LYS A 105 11.78 -4.46 6.13
CA LYS A 105 10.82 -3.90 7.07
C LYS A 105 10.27 -2.58 6.56
N LEU A 106 8.99 -2.33 6.80
CA LEU A 106 8.34 -1.09 6.37
C LEU A 106 8.79 0.09 7.23
N GLU A 107 9.63 0.94 6.67
CA GLU A 107 10.13 2.11 7.39
C GLU A 107 9.10 3.24 7.37
N LYS A 108 8.94 3.85 6.21
CA LYS A 108 7.99 4.95 6.05
C LYS A 108 7.16 4.77 4.79
N PRO A 109 5.92 5.31 4.81
CA PRO A 109 5.01 5.22 3.67
C PRO A 109 5.46 6.09 2.50
N CYS A 110 5.25 5.57 1.29
CA CYS A 110 5.64 6.30 0.08
C CYS A 110 5.13 7.73 0.11
N LEU A 111 5.67 8.57 -0.77
CA LEU A 111 5.26 9.97 -0.84
C LEU A 111 4.31 10.20 -2.01
N LYS A 112 3.87 11.44 -2.17
CA LYS A 112 2.96 11.79 -3.25
C LYS A 112 3.51 12.95 -4.08
N ILE A 113 3.36 12.86 -5.40
CA ILE A 113 3.84 13.90 -6.30
C ILE A 113 2.93 15.13 -6.27
N GLN A 114 3.54 16.31 -6.23
CA GLN A 114 2.77 17.55 -6.20
C GLN A 114 1.85 17.65 -7.42
N VAL A 115 0.61 18.05 -7.17
CA VAL A 115 -0.37 18.18 -8.24
C VAL A 115 -0.32 19.58 -8.86
N SER A 116 0.88 20.05 -9.14
CA SER A 116 1.06 21.37 -9.73
C SER A 116 0.20 22.42 -9.02
N GLY A 117 0.15 22.32 -7.69
CA GLY A 117 -0.64 23.26 -6.92
C GLY A 117 -0.01 23.59 -5.59
N PRO A 118 -0.20 24.83 -5.13
CA PRO A 118 0.36 25.32 -3.86
C PRO A 118 -0.32 24.67 -2.66
N SER A 119 -1.39 23.92 -2.92
CA SER A 119 -2.12 23.25 -1.85
C SER A 119 -1.18 22.55 -0.89
N SER A 120 -1.03 23.11 0.31
CA SER A 120 -0.15 22.54 1.32
C SER A 120 -0.82 22.53 2.69
N GLY A 121 -0.72 21.40 3.38
CA GLY A 121 -1.33 21.28 4.70
C GLY A 121 -2.84 21.43 4.66
#